data_1KQG
#
_entry.id   1KQG
#
_cell.length_a   203.000
_cell.length_b   203.000
_cell.length_c   203.000
_cell.angle_alpha   90.00
_cell.angle_beta   90.00
_cell.angle_gamma   90.00
#
_symmetry.space_group_name_H-M   'P 21 3'
#
loop_
_entity.id
_entity.type
_entity.pdbx_description
1 polymer 'FORMATE DEHYDROGENASE, NITRATE-INDUCIBLE, MAJOR SUBUNIT'
2 polymer 'FORMATE DEHYDROGENASE, NITRATE-INDUCIBLE, IRON-SULFUR SUBUNIT'
3 polymer 'FORMATE DEHYDROGENASE, NITRATE-INDUCIBLE, CYTOCHROME B556(FDN) SUBUNIT'
4 non-polymer 'IRON/SULFUR CLUSTER'
5 non-polymer '2-AMINO-5,6-DIMERCAPTO-7-METHYL-3,7,8A,9-TETRAHYDRO-8-OXA-1,3,9,10-TETRAAZA-ANTHRACEN-4-ONE GUANOSINE DINUCLEOTIDE'
6 non-polymer 'MOLYBDENUM(VI) ION'
7 non-polymer CARDIOLIPIN
8 non-polymer 'PROTOPORPHYRIN IX CONTAINING FE'
9 non-polymer '2-HEPTYL-4-HYDROXY QUINOLINE N-OXIDE'
10 water water
#
loop_
_entity_poly.entity_id
_entity_poly.type
_entity_poly.pdbx_seq_one_letter_code
_entity_poly.pdbx_strand_id
1 'polypeptide(L)'
;MDVSRRQFFKICAGGMAGTTVAALGFAPKQALAQARNYKLLRAKEIRNTCTYCSVGCGLLMYSLGDGAKNAREAIYHIEG
DPDHPVSRGALCPKGAGLLDYVNSENRLRYPEYRAPGSDKWQRISWEEAFSRIAKLMKADRDANFIEKNEQGVTVNRWLS
TGMLCASGASNETGMLTQKFARSLGMLAVDNQARVUHGPTVASLAPTFGRGAMTNHWVDIKNANVVMVMGGNAAEAHPVG
FRWAMEAKNNNDATLIVVDPRFTRTASVADIYAPIRSGTDITFLSGVLRYLIENNKINAEYVKHYTNASLLVRDDFAFED
GLFSGYDAEKRQYDKSSWNYQLDENGYAKRDETLTHPRCVWNLLKEHVSRYTPDVVENICGTPKADFLKVCEVLASTSAP
DRTTTFLYALGWTQHTVGAQNIRTMAMIQLLLGNMGMAGGGVNALRGHSNIQGLTDLGLLSTSLPGYLTLPSEKQVDLQS
YLEANTPKATLADQVNYWSNYPKFFVSLMKSFYGDAAQKENNWGYDWLPKWDQTYDVIKYFNMMDEGKVTGYFCQGFNPV
ASFPDKNKVVSCLSKLKYMVVIDPLVTETSTFWQNHGESNDVDPASIQTEVFRLPSTCFAEEDGSIANSGRWLQWHWKGQ
DAPGEARNDGEILAGIYHHLRELYQSEGGKGVEPLMKMSWNYKQPHEPQSDEVAKENNGYALEDLYDANGVLIAKKGQLL
SSFAHLRDDGTTASSCWIYTGSWTEQGNQMANRDNSDPSGLGNTLGWAWAWPLNRRVLYNRASADINGKPWDPKRMLIQW
NGSKWTGNDIPDFGNAAPGTPTGPFIMQPEGMGRLFAINKMAEGPFPEHYEPIETPLGTNPLHPNVVSNPVVRLYEQDAL
RMGKKEQFPYVGTTYRLTEHFHTWTKHALLNAIAQPEQFVEISETLAAAKGINNGDRVTVSSKRGFIRAVAVVTRRLKPL
NVNGQQVETVGIPIHWGFEGVARKGYIANTLTPNVGDANSQTPEYKAFLVNIEKA
;
A
2 'polypeptide(L)'
;MAMETQDIIKRSATNSITPPSQVRDYKAEVAKLIDVSTCIGCKACQVACSEWNDIRDEVGHCVGVYDNPADLSAKSWTVM
RFSETEQNGKLEWLIRKDGCMHCEDPGCLKACPSAGAIIQYANGIVDFQSENCIGCGYCIAGCPFNIPRLNKEDNRVYKC
TLCVDRVSVGQEPACVKTCPTGAIHFGTKKEMLELAEQRVAKLKARGYEHAGVYNPEGVGGTHVMYVLHHADQPELYHGL
PKDPKIDTSVSLWKGALKPLAAAGFIATFAGLIFHYIGIGPNKEVDDDEEDHHE
;
B
3 'polypeptide(L)'
;MSKSKMIVRTKFIDRACHWTVVICFFLVALSGISFFFPTLQWLTQTFGTPQMGRILHPFFGIAIFVALMFMFVRFVHHNI
PDKKDIPWLLNIVEVLKGNEHKVADVGKYNAGQKMMFWSIMSMIFVLLVTGVIIWRPYFAQYFPMQVVRYSLLIHAAAGI
ILIHAILIHMYMAFWVKGSIKGMIEGKVSRRWAKKHHPRWYREIEKAEAKKESEEGI
;
C
#
# COMPACT_ATOMS: atom_id res chain seq x y z
N GLN A 34 16.54 -21.87 20.90
CA GLN A 34 15.62 -20.69 20.96
C GLN A 34 15.63 -19.80 19.71
N ALA A 35 14.69 -18.85 19.64
CA ALA A 35 14.56 -17.87 18.58
C ALA A 35 15.82 -17.11 18.20
N ARG A 36 15.86 -16.61 16.95
CA ARG A 36 17.03 -15.81 16.61
C ARG A 36 17.03 -14.56 17.53
N ASN A 37 18.23 -14.04 17.81
CA ASN A 37 18.30 -12.85 18.64
C ASN A 37 17.60 -11.66 17.96
N TYR A 38 17.17 -10.68 18.79
CA TYR A 38 16.55 -9.46 18.26
C TYR A 38 17.59 -8.67 17.46
N LYS A 39 17.37 -8.48 16.16
CA LYS A 39 18.34 -7.90 15.27
C LYS A 39 18.67 -6.42 15.35
N LEU A 40 17.98 -5.63 16.13
CA LEU A 40 18.24 -4.21 16.29
C LEU A 40 18.85 -3.90 17.65
N LEU A 41 19.29 -4.82 18.50
CA LEU A 41 19.60 -4.50 19.88
C LEU A 41 20.66 -3.43 20.02
N ARG A 42 21.60 -3.38 19.10
CA ARG A 42 22.72 -2.44 19.26
C ARG A 42 22.81 -1.60 18.00
N ALA A 43 21.70 -1.39 17.29
CA ALA A 43 21.69 -0.49 16.13
C ALA A 43 21.48 0.96 16.52
N LYS A 44 21.82 1.88 15.67
CA LYS A 44 21.56 3.31 15.90
C LYS A 44 20.13 3.60 15.50
N GLU A 45 19.36 4.19 16.38
CA GLU A 45 17.94 4.46 16.15
C GLU A 45 17.76 5.94 15.82
N ILE A 46 17.16 6.26 14.67
CA ILE A 46 16.96 7.63 14.23
C ILE A 46 15.51 7.97 13.92
N ARG A 47 15.05 9.12 14.35
CA ARG A 47 13.67 9.51 14.14
C ARG A 47 13.50 10.15 12.77
N ASN A 48 12.46 9.79 12.00
CA ASN A 48 12.26 10.46 10.71
C ASN A 48 10.79 10.38 10.37
N THR A 49 10.39 10.84 9.19
CA THR A 49 8.99 10.87 8.79
C THR A 49 8.78 10.21 7.44
N CYS A 50 7.74 9.42 7.26
CA CYS A 50 7.53 8.81 5.95
C CYS A 50 7.65 9.84 4.83
N THR A 51 8.23 9.44 3.74
CA THR A 51 8.46 10.27 2.57
C THR A 51 7.39 10.24 1.50
N TYR A 52 6.35 9.44 1.56
CA TYR A 52 5.34 9.35 0.54
C TYR A 52 4.17 10.26 0.71
N CYS A 53 3.06 9.99 1.33
CA CYS A 53 1.88 10.86 1.41
C CYS A 53 1.93 11.85 2.56
N SER A 54 0.88 12.69 2.64
CA SER A 54 0.81 13.75 3.62
C SER A 54 0.26 13.40 5.00
N VAL A 55 0.04 12.13 5.31
CA VAL A 55 -0.36 11.80 6.69
C VAL A 55 0.80 12.28 7.58
N GLY A 56 2.06 12.03 7.23
CA GLY A 56 3.20 12.39 8.06
C GLY A 56 3.50 11.39 9.17
N CYS A 57 3.34 10.10 8.96
CA CYS A 57 3.63 9.10 9.95
C CYS A 57 5.05 9.13 10.45
N GLY A 58 5.26 8.97 11.74
CA GLY A 58 6.57 8.91 12.32
C GLY A 58 7.22 7.53 12.09
N LEU A 59 8.53 7.64 11.87
CA LEU A 59 9.39 6.50 11.68
C LEU A 59 10.53 6.37 12.70
N LEU A 60 11.02 5.19 12.89
CA LEU A 60 12.14 4.86 13.72
C LEU A 60 13.00 4.00 12.78
N MET A 61 14.12 4.54 12.35
CA MET A 61 14.97 3.91 11.37
C MET A 61 16.20 3.33 12.05
N TYR A 62 16.67 2.14 11.74
CA TYR A 62 17.76 1.45 12.37
C TYR A 62 18.97 1.27 11.45
N SER A 63 20.13 1.79 11.87
CA SER A 63 21.35 1.70 11.11
C SER A 63 22.46 0.88 11.73
N LEU A 64 23.19 0.14 10.87
CA LEU A 64 24.28 -0.73 11.27
C LEU A 64 25.42 0.26 11.52
N GLY A 65 25.88 0.33 12.75
CA GLY A 65 26.98 1.24 13.09
C GLY A 65 26.51 2.10 14.25
N ASP A 66 27.34 2.39 15.24
CA ASP A 66 26.89 3.21 16.37
C ASP A 66 27.18 4.69 16.15
N GLY A 67 27.44 5.18 14.95
CA GLY A 67 27.81 6.58 14.80
C GLY A 67 29.32 6.85 14.84
N ALA A 68 30.16 5.92 15.22
CA ALA A 68 31.59 6.14 15.25
C ALA A 68 32.04 6.57 13.85
N LYS A 69 33.12 7.33 13.73
CA LYS A 69 33.57 7.83 12.45
C LYS A 69 34.04 6.73 11.54
N ASN A 70 34.52 5.61 12.01
CA ASN A 70 35.01 4.55 11.12
C ASN A 70 33.91 3.66 10.60
N ALA A 71 32.70 3.71 11.10
CA ALA A 71 31.64 2.81 10.60
C ALA A 71 30.76 3.67 9.72
N ARG A 72 30.57 3.28 8.47
CA ARG A 72 29.66 4.03 7.58
C ARG A 72 28.23 3.52 7.76
N GLU A 73 27.38 4.26 8.43
CA GLU A 73 26.04 3.84 8.74
C GLU A 73 25.30 3.31 7.52
N ALA A 74 24.45 2.28 7.75
CA ALA A 74 23.65 1.76 6.63
C ALA A 74 22.31 1.40 7.22
N ILE A 75 21.23 2.00 6.77
CA ILE A 75 19.87 1.65 7.28
C ILE A 75 19.49 0.24 6.87
N TYR A 76 19.12 -0.62 7.79
CA TYR A 76 18.75 -1.98 7.46
C TYR A 76 17.36 -2.40 7.95
N HIS A 77 16.66 -1.55 8.65
CA HIS A 77 15.26 -1.78 9.04
C HIS A 77 14.57 -0.47 9.40
N ILE A 78 13.29 -0.32 9.14
CA ILE A 78 12.51 0.87 9.42
C ILE A 78 11.14 0.35 9.89
N GLU A 79 10.66 0.89 11.01
CA GLU A 79 9.32 0.58 11.49
C GLU A 79 8.70 1.86 12.01
N GLY A 80 7.50 1.84 12.56
CA GLY A 80 6.86 3.06 13.01
C GLY A 80 7.28 3.54 14.36
N ASP A 81 7.02 4.80 14.68
CA ASP A 81 7.27 5.39 16.02
C ASP A 81 5.98 5.36 16.81
N PRO A 82 5.90 4.54 17.83
CA PRO A 82 4.67 4.36 18.59
C PRO A 82 4.14 5.60 19.27
N ASP A 83 4.99 6.58 19.58
CA ASP A 83 4.65 7.82 20.23
C ASP A 83 4.11 8.89 19.32
N HIS A 84 4.19 8.73 18.01
CA HIS A 84 3.62 9.72 17.09
C HIS A 84 2.11 9.72 17.27
N PRO A 85 1.49 10.87 17.44
CA PRO A 85 0.06 10.94 17.68
C PRO A 85 -0.80 10.56 16.51
N VAL A 86 -0.36 10.87 15.30
CA VAL A 86 -1.19 10.52 14.14
C VAL A 86 -1.06 9.03 13.78
N SER A 87 0.17 8.50 13.71
CA SER A 87 0.32 7.11 13.27
C SER A 87 0.39 6.09 14.40
N ARG A 88 0.85 6.46 15.60
CA ARG A 88 0.91 5.59 16.76
C ARG A 88 1.59 4.29 16.42
N GLY A 89 2.71 4.31 15.68
CA GLY A 89 3.38 3.09 15.32
C GLY A 89 3.03 2.41 14.02
N ALA A 90 1.90 2.73 13.43
CA ALA A 90 1.38 2.13 12.22
C ALA A 90 2.07 2.70 10.97
N LEU A 91 2.14 1.90 9.93
CA LEU A 91 2.75 2.26 8.67
C LEU A 91 1.98 1.43 7.62
N CYS A 92 1.51 2.07 6.56
CA CYS A 92 0.87 1.34 5.44
C CYS A 92 1.92 0.62 4.59
N PRO A 93 1.61 -0.09 3.50
CA PRO A 93 2.59 -0.88 2.80
C PRO A 93 3.69 -0.03 2.18
N LYS A 94 3.41 1.24 1.94
CA LYS A 94 4.41 2.16 1.40
C LYS A 94 5.39 2.53 2.48
N GLY A 95 4.93 3.01 3.65
CA GLY A 95 5.90 3.40 4.69
C GLY A 95 6.56 2.12 5.20
N ALA A 96 5.84 0.97 5.28
CA ALA A 96 6.46 -0.20 5.88
C ALA A 96 7.54 -0.71 4.96
N GLY A 97 7.49 -0.37 3.68
CA GLY A 97 8.48 -0.87 2.74
C GLY A 97 9.60 0.09 2.41
N LEU A 98 9.75 1.19 3.15
CA LEU A 98 10.73 2.22 2.86
C LEU A 98 12.11 1.67 2.67
N LEU A 99 12.54 0.66 3.42
CA LEU A 99 13.88 0.11 3.34
C LEU A 99 14.25 -0.21 1.92
N ASP A 100 13.35 -0.81 1.15
CA ASP A 100 13.53 -1.17 -0.25
C ASP A 100 13.57 0.01 -1.21
N TYR A 101 13.13 1.19 -0.80
CA TYR A 101 13.27 2.40 -1.58
C TYR A 101 14.62 2.99 -1.23
N VAL A 102 14.97 3.16 0.02
CA VAL A 102 16.28 3.70 0.45
C VAL A 102 17.40 2.92 -0.19
N ASN A 103 17.36 1.62 -0.25
CA ASN A 103 18.31 0.67 -0.75
C ASN A 103 17.91 0.09 -2.09
N SER A 104 17.01 0.71 -2.82
CA SER A 104 16.64 0.25 -4.17
C SER A 104 17.92 0.07 -5.02
N GLU A 105 17.83 -0.94 -5.90
CA GLU A 105 18.87 -1.15 -6.90
C GLU A 105 18.91 0.01 -7.87
N ASN A 106 17.83 0.78 -8.00
CA ASN A 106 17.81 1.91 -8.91
C ASN A 106 18.18 3.23 -8.26
N ARG A 107 18.82 3.23 -7.10
CA ARG A 107 19.23 4.51 -6.52
C ARG A 107 20.28 5.11 -7.46
N LEU A 108 20.31 6.42 -7.66
CA LEU A 108 21.31 7.07 -8.49
C LEU A 108 22.57 7.25 -7.64
N ARG A 109 23.72 6.99 -8.27
CA ARG A 109 25.01 7.05 -7.62
C ARG A 109 25.90 8.15 -8.11
N TYR A 110 26.03 8.35 -9.42
CA TYR A 110 26.94 9.38 -9.99
C TYR A 110 26.32 10.31 -11.00
N PRO A 111 26.84 11.53 -11.12
CA PRO A 111 26.33 12.46 -12.13
C PRO A 111 26.55 11.80 -13.50
N GLU A 112 25.53 11.75 -14.34
CA GLU A 112 25.56 11.14 -15.67
C GLU A 112 25.04 12.15 -16.69
N TYR A 113 25.61 11.97 -17.89
CA TYR A 113 25.29 12.86 -19.00
C TYR A 113 24.94 12.11 -20.27
N ARG A 114 23.90 12.57 -20.95
CA ARG A 114 23.47 11.90 -22.20
C ARG A 114 23.69 12.94 -23.29
N ALA A 115 24.58 12.67 -24.22
CA ALA A 115 24.89 13.58 -25.32
C ALA A 115 23.87 13.55 -26.46
N PRO A 116 23.79 14.64 -27.23
CA PRO A 116 22.78 14.80 -28.26
C PRO A 116 22.84 13.61 -29.21
N GLY A 117 21.69 13.01 -29.48
CA GLY A 117 21.57 11.84 -30.34
C GLY A 117 22.21 10.57 -29.83
N SER A 118 22.67 10.50 -28.60
CA SER A 118 23.23 9.30 -28.00
C SER A 118 22.21 8.31 -27.44
N ASP A 119 22.61 7.05 -27.30
CA ASP A 119 21.72 6.05 -26.70
C ASP A 119 22.33 5.52 -25.39
N LYS A 120 23.26 6.30 -24.80
CA LYS A 120 23.79 5.85 -23.51
C LYS A 120 24.26 6.96 -22.60
N TRP A 121 24.34 6.67 -21.31
CA TRP A 121 24.73 7.66 -20.30
C TRP A 121 26.26 7.59 -20.25
N GLN A 122 26.90 8.70 -19.92
CA GLN A 122 28.31 8.77 -19.65
C GLN A 122 28.54 9.37 -18.28
N ARG A 123 29.31 8.69 -17.44
CA ARG A 123 29.57 9.18 -16.08
C ARG A 123 30.44 10.42 -16.06
N ILE A 124 30.08 11.52 -15.39
CA ILE A 124 30.94 12.71 -15.34
C ILE A 124 31.15 13.11 -13.88
N SER A 125 32.06 14.02 -13.62
CA SER A 125 32.28 14.47 -12.26
C SER A 125 31.32 15.56 -11.86
N TRP A 126 31.20 15.85 -10.58
CA TRP A 126 30.31 16.89 -10.11
C TRP A 126 30.78 18.21 -10.73
N GLU A 127 32.10 18.45 -10.72
CA GLU A 127 32.58 19.74 -11.26
C GLU A 127 32.32 19.89 -12.76
N GLU A 128 32.37 18.78 -13.53
CA GLU A 128 31.99 18.89 -14.94
C GLU A 128 30.48 19.15 -15.07
N ALA A 129 29.61 18.46 -14.33
CA ALA A 129 28.18 18.70 -14.41
C ALA A 129 27.94 20.17 -14.09
N PHE A 130 28.48 20.70 -12.99
CA PHE A 130 28.20 22.08 -12.59
C PHE A 130 28.62 23.08 -13.66
N SER A 131 29.83 22.92 -14.16
CA SER A 131 30.35 23.84 -15.19
C SER A 131 29.61 23.71 -16.52
N ARG A 132 29.25 22.50 -17.00
CA ARG A 132 28.48 22.42 -18.23
C ARG A 132 27.07 23.01 -18.06
N ILE A 133 26.42 22.74 -16.91
CA ILE A 133 25.06 23.25 -16.77
C ILE A 133 25.11 24.77 -16.70
N ALA A 134 26.08 25.33 -15.94
CA ALA A 134 26.15 26.77 -15.76
C ALA A 134 26.39 27.47 -17.09
N LYS A 135 27.32 26.90 -17.88
CA LYS A 135 27.53 27.47 -19.24
C LYS A 135 26.25 27.45 -20.09
N LEU A 136 25.48 26.36 -20.15
CA LEU A 136 24.26 26.28 -20.92
C LEU A 136 23.26 27.29 -20.42
N MET A 137 23.12 27.43 -19.13
CA MET A 137 22.15 28.34 -18.52
C MET A 137 22.49 29.80 -18.85
N LYS A 138 23.79 30.12 -18.71
CA LYS A 138 24.21 31.49 -18.93
C LYS A 138 24.01 31.91 -20.39
N ALA A 139 24.42 31.04 -21.30
CA ALA A 139 24.19 31.32 -22.72
C ALA A 139 22.69 31.55 -22.96
N ASP A 140 21.82 30.67 -22.46
CA ASP A 140 20.38 30.89 -22.69
C ASP A 140 19.84 32.13 -22.01
N ARG A 141 20.36 32.45 -20.82
CA ARG A 141 19.79 33.57 -20.07
C ARG A 141 20.24 34.84 -20.77
N ASP A 142 21.49 34.80 -21.26
CA ASP A 142 22.01 36.02 -21.91
C ASP A 142 21.34 36.26 -23.24
N ALA A 143 20.96 35.22 -23.95
CA ALA A 143 20.19 35.37 -25.17
C ALA A 143 18.74 35.82 -24.95
N ASN A 144 18.00 35.19 -24.01
CA ASN A 144 16.59 35.49 -23.83
C ASN A 144 16.07 36.23 -22.63
N PHE A 145 16.92 36.64 -21.71
CA PHE A 145 16.40 37.41 -20.56
C PHE A 145 15.66 38.65 -21.02
N ILE A 146 14.50 38.93 -20.43
CA ILE A 146 13.72 40.13 -20.73
C ILE A 146 13.84 41.13 -19.58
N GLU A 147 14.66 42.19 -19.75
CA GLU A 147 14.75 43.26 -18.76
C GLU A 147 13.53 44.17 -18.75
N LYS A 148 13.08 44.69 -19.89
CA LYS A 148 11.87 45.55 -19.93
C LYS A 148 10.75 45.09 -20.83
N ASN A 149 9.49 45.31 -20.51
CA ASN A 149 8.41 44.87 -21.37
C ASN A 149 8.13 45.94 -22.40
N GLU A 150 7.17 45.71 -23.31
CA GLU A 150 6.87 46.62 -24.42
C GLU A 150 6.30 47.93 -23.89
N GLN A 151 5.82 48.03 -22.67
CA GLN A 151 5.28 49.28 -22.14
C GLN A 151 6.36 50.04 -21.38
N GLY A 152 7.61 49.64 -21.44
CA GLY A 152 8.68 50.29 -20.74
C GLY A 152 8.99 49.97 -19.29
N VAL A 153 8.24 49.00 -18.71
CA VAL A 153 8.43 48.61 -17.33
C VAL A 153 9.54 47.61 -17.13
N THR A 154 10.26 47.74 -16.03
CA THR A 154 11.32 46.76 -15.74
C THR A 154 10.67 45.47 -15.21
N VAL A 155 10.86 44.37 -15.92
CA VAL A 155 10.20 43.12 -15.52
C VAL A 155 11.19 42.00 -15.20
N ASN A 156 12.47 42.08 -15.59
CA ASN A 156 13.52 41.15 -15.25
C ASN A 156 13.03 39.70 -15.20
N ARG A 157 12.54 39.20 -16.35
CA ARG A 157 12.02 37.83 -16.37
C ARG A 157 12.70 36.95 -17.40
N TRP A 158 12.86 35.66 -17.09
CA TRP A 158 13.54 34.70 -17.94
C TRP A 158 12.49 33.62 -18.18
N LEU A 159 12.08 33.41 -19.41
CA LEU A 159 11.04 32.46 -19.77
C LEU A 159 11.53 31.26 -20.59
N SER A 160 12.78 31.24 -21.06
CA SER A 160 13.15 30.11 -21.94
C SER A 160 13.71 28.91 -21.21
N THR A 161 13.82 29.03 -19.89
CA THR A 161 14.28 27.89 -19.05
C THR A 161 13.27 27.88 -17.88
N GLY A 162 12.76 26.68 -17.56
CA GLY A 162 11.76 26.57 -16.47
C GLY A 162 12.18 25.44 -15.53
N MET A 163 11.41 25.31 -14.44
CA MET A 163 11.70 24.34 -13.39
C MET A 163 10.50 23.65 -12.75
N LEU A 164 10.63 22.37 -12.50
CA LEU A 164 9.64 21.61 -11.75
C LEU A 164 10.36 21.32 -10.39
N CYS A 165 9.72 21.60 -9.26
CA CYS A 165 10.27 21.43 -7.94
C CYS A 165 9.70 20.26 -7.15
N ALA A 166 10.58 19.76 -6.28
CA ALA A 166 10.26 18.55 -5.51
C ALA A 166 9.40 18.62 -4.26
N SER A 167 8.10 18.28 -4.37
CA SER A 167 7.21 18.20 -3.22
C SER A 167 7.54 17.03 -2.30
N GLY A 168 8.46 16.13 -2.62
CA GLY A 168 8.87 15.09 -1.69
C GLY A 168 10.17 15.55 -0.97
N ALA A 169 10.67 16.77 -1.20
CA ALA A 169 11.92 17.22 -0.56
C ALA A 169 11.53 18.23 0.52
N SER A 170 12.50 18.56 1.37
CA SER A 170 12.22 19.39 2.54
C SER A 170 11.89 20.85 2.25
N ASN A 171 11.35 21.53 3.26
CA ASN A 171 11.04 22.92 3.21
C ASN A 171 12.32 23.76 3.03
N GLU A 172 13.46 23.30 3.57
CA GLU A 172 14.71 24.06 3.45
C GLU A 172 15.18 23.90 2.01
N THR A 173 15.02 22.75 1.37
CA THR A 173 15.30 22.61 -0.06
C THR A 173 14.38 23.51 -0.87
N GLY A 174 13.10 23.53 -0.54
CA GLY A 174 12.12 24.37 -1.20
C GLY A 174 12.53 25.83 -1.17
N MET A 175 12.95 26.41 -0.07
CA MET A 175 13.30 27.85 0.00
C MET A 175 14.54 28.08 -0.79
N LEU A 176 15.52 27.19 -0.78
CA LEU A 176 16.72 27.35 -1.61
C LEU A 176 16.30 27.32 -3.07
N THR A 177 15.40 26.42 -3.46
CA THR A 177 14.91 26.41 -4.83
C THR A 177 14.17 27.67 -5.21
N GLN A 178 13.38 28.24 -4.34
CA GLN A 178 12.70 29.50 -4.59
C GLN A 178 13.71 30.61 -4.81
N LYS A 179 14.70 30.69 -3.95
CA LYS A 179 15.72 31.75 -4.14
C LYS A 179 16.46 31.55 -5.46
N PHE A 180 16.87 30.33 -5.79
CA PHE A 180 17.63 30.03 -7.01
C PHE A 180 16.77 30.49 -8.17
N ALA A 181 15.55 29.95 -8.30
CA ALA A 181 14.70 30.25 -9.43
C ALA A 181 14.43 31.74 -9.59
N ARG A 182 13.93 32.41 -8.58
CA ARG A 182 13.50 33.79 -8.70
C ARG A 182 14.68 34.72 -8.93
N SER A 183 15.86 34.44 -8.35
CA SER A 183 16.98 35.39 -8.50
C SER A 183 17.43 35.36 -9.95
N LEU A 184 17.16 34.29 -10.71
CA LEU A 184 17.52 34.11 -12.12
C LEU A 184 16.37 34.69 -12.97
N GLY A 185 15.24 35.08 -12.35
CA GLY A 185 14.12 35.65 -13.08
C GLY A 185 13.10 34.64 -13.58
N MET A 186 13.13 33.39 -13.11
CA MET A 186 12.20 32.39 -13.66
C MET A 186 10.76 32.59 -13.22
N LEU A 187 9.83 32.38 -14.16
CA LEU A 187 8.39 32.44 -13.91
C LEU A 187 7.77 31.07 -14.18
N ALA A 188 8.42 30.23 -14.99
CA ALA A 188 7.86 28.89 -15.25
C ALA A 188 8.45 27.98 -14.16
N VAL A 189 7.87 28.08 -12.96
CA VAL A 189 8.36 27.40 -11.78
C VAL A 189 7.12 26.77 -11.15
N ASP A 190 6.95 25.47 -11.17
CA ASP A 190 5.79 24.90 -10.51
C ASP A 190 6.17 23.67 -9.69
N ASN A 191 5.30 23.31 -8.75
CA ASN A 191 5.58 22.04 -8.05
C ASN A 191 4.36 21.19 -8.38
N GLN A 192 4.25 20.00 -7.82
CA GLN A 192 3.06 19.19 -8.07
C GLN A 192 1.69 19.85 -7.78
N ALA A 193 1.58 20.94 -7.01
CA ALA A 193 0.31 21.55 -6.67
C ALA A 193 -0.44 21.87 -7.95
N ARG A 194 0.32 22.23 -9.02
CA ARG A 194 -0.33 22.54 -10.28
C ARG A 194 -1.22 21.42 -10.83
N VAL A 195 -0.77 20.16 -10.66
CA VAL A 195 -1.63 19.05 -11.14
C VAL A 195 -2.42 18.36 -10.04
N SEC A 196 -2.61 19.00 -8.88
CA SEC A 196 -3.11 18.31 -7.67
C SEC A 196 -4.16 19.13 -6.95
N HIS A 197 -3.71 19.93 -5.95
CA HIS A 197 -4.66 20.64 -5.06
C HIS A 197 -4.73 22.13 -5.39
N GLY A 198 -4.27 22.45 -6.63
CA GLY A 198 -4.46 23.85 -7.08
C GLY A 198 -5.94 24.26 -6.93
N PRO A 199 -6.91 23.45 -7.41
CA PRO A 199 -8.34 23.79 -7.31
C PRO A 199 -8.81 24.02 -5.88
N THR A 200 -8.23 23.30 -4.90
CA THR A 200 -8.68 23.44 -3.50
C THR A 200 -8.36 24.89 -3.05
N VAL A 201 -7.09 25.27 -3.31
CA VAL A 201 -6.63 26.61 -2.91
C VAL A 201 -7.49 27.63 -3.61
N ALA A 202 -7.80 27.49 -4.89
CA ALA A 202 -8.64 28.34 -5.70
C ALA A 202 -10.09 28.37 -5.21
N SER A 203 -10.58 27.35 -4.47
CA SER A 203 -11.97 27.44 -3.98
C SER A 203 -12.09 27.62 -2.46
N LEU A 204 -11.15 27.03 -1.69
CA LEU A 204 -11.25 27.16 -0.24
C LEU A 204 -10.78 28.52 0.21
N ALA A 205 -9.79 29.10 -0.47
CA ALA A 205 -9.37 30.45 -0.04
C ALA A 205 -10.52 31.44 -0.20
N PRO A 206 -11.17 31.54 -1.39
CA PRO A 206 -12.31 32.42 -1.57
C PRO A 206 -13.43 32.10 -0.59
N THR A 207 -13.74 30.84 -0.28
CA THR A 207 -14.85 30.52 0.60
C THR A 207 -14.56 30.78 2.08
N PHE A 208 -13.42 30.36 2.62
CA PHE A 208 -13.12 30.47 4.04
C PHE A 208 -11.97 31.43 4.35
N GLY A 209 -11.12 31.73 3.37
CA GLY A 209 -10.04 32.68 3.60
C GLY A 209 -8.69 32.02 3.43
N ARG A 210 -8.59 30.70 3.59
CA ARG A 210 -7.31 30.00 3.43
C ARG A 210 -7.53 28.69 2.64
N GLY A 211 -6.46 28.26 1.93
CA GLY A 211 -6.63 27.10 1.07
C GLY A 211 -6.30 25.77 1.67
N ALA A 212 -5.81 25.76 2.90
CA ALA A 212 -5.45 24.48 3.52
C ALA A 212 -6.49 23.66 4.27
N MET A 213 -6.13 22.40 4.44
CA MET A 213 -7.02 21.45 5.15
C MET A 213 -7.32 22.15 6.47
N THR A 214 -8.61 22.16 6.84
CA THR A 214 -9.01 22.92 8.01
C THR A 214 -8.85 22.31 9.38
N ASN A 215 -8.85 20.99 9.47
CA ASN A 215 -8.71 20.28 10.74
C ASN A 215 -7.42 19.47 10.73
N HIS A 216 -7.44 18.28 11.36
CA HIS A 216 -6.18 17.51 11.34
C HIS A 216 -6.56 16.05 11.48
N TRP A 217 -5.59 15.16 11.20
CA TRP A 217 -5.91 13.74 11.17
C TRP A 217 -6.66 13.18 12.37
N VAL A 218 -6.09 13.34 13.55
CA VAL A 218 -6.64 12.71 14.76
C VAL A 218 -8.01 13.27 15.11
N ASP A 219 -8.25 14.53 14.77
CA ASP A 219 -9.56 15.13 14.96
C ASP A 219 -10.72 14.48 14.21
N ILE A 220 -10.51 13.72 13.11
CA ILE A 220 -11.57 13.05 12.37
C ILE A 220 -12.30 12.12 13.32
N LYS A 221 -11.64 11.65 14.40
CA LYS A 221 -12.26 10.70 15.31
C LYS A 221 -13.47 11.29 16.01
N ASN A 222 -13.61 12.62 16.04
CA ASN A 222 -14.72 13.25 16.72
C ASN A 222 -15.95 13.29 15.83
N ALA A 223 -15.89 12.92 14.57
CA ALA A 223 -17.01 13.17 13.67
C ALA A 223 -18.19 12.32 14.07
N ASN A 224 -19.35 12.76 13.60
CA ASN A 224 -20.55 11.93 13.70
C ASN A 224 -20.87 11.32 12.34
N VAL A 225 -20.41 11.92 11.25
CA VAL A 225 -20.58 11.41 9.90
C VAL A 225 -19.24 11.63 9.15
N VAL A 226 -18.69 10.59 8.55
CA VAL A 226 -17.49 10.78 7.78
C VAL A 226 -17.95 10.60 6.34
N MET A 227 -17.72 11.60 5.50
CA MET A 227 -17.98 11.47 4.06
C MET A 227 -16.73 11.36 3.20
N VAL A 228 -16.55 10.24 2.53
CA VAL A 228 -15.39 10.01 1.65
C VAL A 228 -15.96 10.08 0.24
N MET A 229 -15.87 11.28 -0.32
CA MET A 229 -16.37 11.55 -1.66
C MET A 229 -15.35 12.40 -2.40
N GLY A 230 -14.90 12.00 -3.57
CA GLY A 230 -13.87 12.83 -4.25
C GLY A 230 -12.53 12.35 -3.73
N GLY A 231 -12.46 11.19 -3.09
CA GLY A 231 -11.21 10.74 -2.49
C GLY A 231 -11.36 9.25 -2.16
N ASN A 232 -10.28 8.55 -1.85
CA ASN A 232 -10.36 7.11 -1.50
C ASN A 232 -9.39 6.89 -0.33
N ALA A 233 -9.67 7.55 0.83
CA ALA A 233 -8.78 7.62 1.94
C ALA A 233 -8.28 6.30 2.47
N ALA A 234 -8.99 5.20 2.40
CA ALA A 234 -8.50 3.91 2.86
C ALA A 234 -7.35 3.44 1.98
N GLU A 235 -7.17 3.96 0.76
CA GLU A 235 -6.10 3.57 -0.12
C GLU A 235 -5.09 4.69 -0.28
N ALA A 236 -5.55 5.93 -0.22
CA ALA A 236 -4.65 7.05 -0.43
C ALA A 236 -4.08 7.64 0.82
N HIS A 237 -4.69 7.51 1.99
CA HIS A 237 -4.19 8.02 3.25
C HIS A 237 -4.47 7.02 4.35
N PRO A 238 -4.02 5.79 4.25
CA PRO A 238 -4.45 4.70 5.14
C PRO A 238 -4.22 4.88 6.61
N VAL A 239 -3.04 5.34 7.03
CA VAL A 239 -2.83 5.51 8.49
C VAL A 239 -3.61 6.70 9.00
N GLY A 240 -3.82 7.75 8.23
CA GLY A 240 -4.68 8.83 8.67
C GLY A 240 -6.14 8.36 8.76
N PHE A 241 -6.55 7.42 7.92
CA PHE A 241 -7.91 6.91 7.87
C PHE A 241 -8.24 6.14 9.15
N ARG A 242 -7.19 5.73 9.91
CA ARG A 242 -7.49 5.04 11.16
C ARG A 242 -8.46 5.90 11.97
N TRP A 243 -8.37 7.21 12.00
CA TRP A 243 -9.21 8.09 12.77
C TRP A 243 -10.63 8.07 12.26
N ALA A 244 -10.87 7.81 10.98
CA ALA A 244 -12.24 7.71 10.46
C ALA A 244 -12.82 6.38 10.99
N MET A 245 -11.98 5.34 11.07
CA MET A 245 -12.43 4.04 11.59
C MET A 245 -12.68 4.18 13.08
N GLU A 246 -11.96 5.07 13.79
CA GLU A 246 -12.17 5.31 15.21
C GLU A 246 -13.51 6.01 15.34
N ALA A 247 -13.84 7.06 14.58
CA ALA A 247 -15.13 7.70 14.61
C ALA A 247 -16.19 6.65 14.30
N LYS A 248 -16.12 5.80 13.27
CA LYS A 248 -17.14 4.83 12.94
C LYS A 248 -17.32 3.83 14.07
N ASN A 249 -16.26 3.17 14.46
CA ASN A 249 -16.30 2.08 15.41
C ASN A 249 -16.54 2.49 16.85
N ASN A 250 -15.94 3.58 17.28
CA ASN A 250 -16.01 4.00 18.68
C ASN A 250 -16.74 5.29 18.91
N ASN A 251 -17.22 6.03 17.95
CA ASN A 251 -17.96 7.26 18.18
C ASN A 251 -19.34 7.03 17.59
N ASP A 252 -19.60 5.81 17.09
CA ASP A 252 -20.83 5.48 16.39
C ASP A 252 -21.11 6.30 15.11
N ALA A 253 -20.10 6.68 14.35
CA ALA A 253 -20.28 7.55 13.19
C ALA A 253 -20.75 6.70 12.02
N THR A 254 -21.35 7.36 11.04
CA THR A 254 -21.72 6.68 9.81
C THR A 254 -20.67 7.03 8.74
N LEU A 255 -20.03 6.03 8.14
CA LEU A 255 -19.05 6.27 7.10
C LEU A 255 -19.77 6.13 5.75
N ILE A 256 -19.72 7.14 4.90
CA ILE A 256 -20.30 7.09 3.58
C ILE A 256 -19.23 7.21 2.48
N VAL A 257 -19.27 6.35 1.48
CA VAL A 257 -18.39 6.49 0.32
C VAL A 257 -19.24 6.76 -0.93
N VAL A 258 -18.95 7.85 -1.67
CA VAL A 258 -19.59 8.12 -2.96
C VAL A 258 -18.55 8.15 -4.10
N ASP A 259 -18.53 7.15 -5.00
CA ASP A 259 -17.41 7.06 -5.96
C ASP A 259 -17.92 6.25 -7.12
N PRO A 260 -17.42 6.46 -8.34
CA PRO A 260 -17.73 5.54 -9.44
C PRO A 260 -17.38 4.10 -9.12
N ARG A 261 -16.41 3.77 -8.27
CA ARG A 261 -15.98 2.40 -8.06
C ARG A 261 -16.35 2.03 -6.63
N PHE A 262 -16.53 0.75 -6.34
CA PHE A 262 -16.64 0.24 -4.98
C PHE A 262 -15.17 -0.07 -4.57
N THR A 263 -14.63 0.85 -3.74
CA THR A 263 -13.20 0.76 -3.43
C THR A 263 -12.89 0.06 -2.14
N ARG A 264 -11.64 0.05 -1.69
CA ARG A 264 -11.33 -0.55 -0.38
C ARG A 264 -11.96 0.35 0.71
N THR A 265 -12.18 1.65 0.49
CA THR A 265 -12.81 2.47 1.46
C THR A 265 -14.30 2.10 1.52
N ALA A 266 -14.94 1.87 0.39
CA ALA A 266 -16.31 1.33 0.39
C ALA A 266 -16.39 0.02 1.15
N SER A 267 -15.42 -0.89 1.06
CA SER A 267 -15.41 -2.14 1.81
C SER A 267 -15.90 -1.98 3.25
N VAL A 268 -15.43 -0.95 3.97
CA VAL A 268 -15.74 -0.69 5.35
C VAL A 268 -16.82 0.37 5.55
N ALA A 269 -17.46 0.88 4.51
CA ALA A 269 -18.42 1.96 4.62
C ALA A 269 -19.82 1.46 5.04
N ASP A 270 -20.55 2.36 5.74
CA ASP A 270 -21.93 1.99 6.10
C ASP A 270 -22.84 2.12 4.91
N ILE A 271 -22.62 3.13 4.10
CA ILE A 271 -23.32 3.44 2.87
C ILE A 271 -22.37 3.63 1.68
N TYR A 272 -22.71 2.99 0.56
CA TYR A 272 -21.95 3.20 -0.66
C TYR A 272 -22.91 3.74 -1.73
N ALA A 273 -22.55 4.79 -2.45
CA ALA A 273 -23.43 5.22 -3.55
C ALA A 273 -22.51 5.50 -4.74
N PRO A 274 -22.88 5.00 -5.92
CA PRO A 274 -22.12 5.23 -7.14
C PRO A 274 -22.41 6.61 -7.72
N ILE A 275 -21.52 7.13 -8.54
CA ILE A 275 -21.57 8.43 -9.16
C ILE A 275 -20.69 8.38 -10.42
N ARG A 276 -21.18 9.06 -11.47
CA ARG A 276 -20.43 9.04 -12.73
C ARG A 276 -19.31 10.06 -12.59
N SER A 277 -18.11 9.73 -13.05
CA SER A 277 -17.01 10.71 -13.03
C SER A 277 -17.38 12.04 -13.69
N GLY A 278 -17.09 13.21 -13.11
CA GLY A 278 -17.36 14.49 -13.69
C GLY A 278 -18.73 15.04 -13.34
N THR A 279 -19.50 14.43 -12.42
CA THR A 279 -20.84 14.94 -12.10
C THR A 279 -21.05 15.36 -10.66
N ASP A 280 -19.97 15.49 -9.88
CA ASP A 280 -20.12 15.83 -8.47
C ASP A 280 -20.93 17.09 -8.23
N ILE A 281 -20.75 18.14 -9.05
CA ILE A 281 -21.47 19.38 -8.79
C ILE A 281 -22.99 19.17 -8.79
N THR A 282 -23.54 18.28 -9.61
CA THR A 282 -24.95 18.00 -9.67
C THR A 282 -25.29 17.34 -8.34
N PHE A 283 -24.60 16.23 -7.99
CA PHE A 283 -24.93 15.55 -6.70
C PHE A 283 -24.89 16.51 -5.51
N LEU A 284 -23.81 17.28 -5.36
CA LEU A 284 -23.65 18.21 -4.24
C LEU A 284 -24.65 19.37 -4.26
N SER A 285 -24.93 19.92 -5.47
CA SER A 285 -25.97 20.95 -5.59
C SER A 285 -27.36 20.39 -5.20
N GLY A 286 -27.61 19.08 -5.48
CA GLY A 286 -28.82 18.40 -5.08
C GLY A 286 -28.87 18.36 -3.56
N VAL A 287 -27.70 18.14 -2.92
CA VAL A 287 -27.69 18.08 -1.44
C VAL A 287 -28.03 19.48 -0.90
N LEU A 288 -27.47 20.55 -1.49
CA LEU A 288 -27.80 21.89 -1.04
C LEU A 288 -29.31 22.09 -1.17
N ARG A 289 -29.91 21.72 -2.32
CA ARG A 289 -31.35 21.95 -2.53
C ARG A 289 -32.15 21.18 -1.49
N TYR A 290 -31.77 19.96 -1.16
CA TYR A 290 -32.43 19.14 -0.13
C TYR A 290 -32.32 19.77 1.25
N LEU A 291 -31.15 20.32 1.61
CA LEU A 291 -30.99 20.94 2.91
C LEU A 291 -31.85 22.19 3.07
N ILE A 292 -31.84 23.00 2.02
CA ILE A 292 -32.62 24.25 2.05
C ILE A 292 -34.11 23.92 2.12
N GLU A 293 -34.59 23.05 1.23
CA GLU A 293 -35.98 22.68 1.16
C GLU A 293 -36.47 22.07 2.45
N ASN A 294 -35.70 21.22 3.13
CA ASN A 294 -36.19 20.65 4.40
C ASN A 294 -35.80 21.47 5.64
N ASN A 295 -35.14 22.63 5.43
CA ASN A 295 -34.68 23.46 6.54
C ASN A 295 -33.75 22.69 7.47
N LYS A 296 -32.86 21.90 6.86
CA LYS A 296 -31.88 21.12 7.59
C LYS A 296 -30.60 21.92 7.52
N ILE A 297 -30.61 23.02 8.28
CA ILE A 297 -29.51 23.96 8.32
C ILE A 297 -29.31 24.47 9.76
N ASN A 298 -28.14 25.03 10.05
CA ASN A 298 -27.86 25.54 11.40
C ASN A 298 -28.08 27.03 11.19
N ALA A 299 -29.34 27.39 11.35
CA ALA A 299 -29.80 28.74 11.01
C ALA A 299 -29.05 29.89 11.65
N GLU A 300 -28.76 29.85 12.93
CA GLU A 300 -27.97 30.93 13.53
C GLU A 300 -26.55 31.00 12.99
N TYR A 301 -25.93 29.84 12.72
CA TYR A 301 -24.58 29.82 12.13
C TYR A 301 -24.67 30.50 10.77
N VAL A 302 -25.60 30.11 9.93
CA VAL A 302 -25.76 30.62 8.59
C VAL A 302 -26.02 32.12 8.57
N LYS A 303 -26.96 32.60 9.40
CA LYS A 303 -27.23 34.02 9.50
C LYS A 303 -26.07 34.93 9.94
N HIS A 304 -25.24 34.50 10.90
CA HIS A 304 -24.11 35.32 11.32
C HIS A 304 -22.75 35.03 10.71
N TYR A 305 -22.41 33.75 10.47
CA TYR A 305 -21.07 33.40 10.00
C TYR A 305 -20.86 33.29 8.51
N THR A 306 -21.90 33.36 7.70
CA THR A 306 -21.76 33.30 6.25
C THR A 306 -22.20 34.64 5.65
N ASN A 307 -22.06 34.79 4.33
CA ASN A 307 -22.54 36.01 3.69
C ASN A 307 -24.02 35.93 3.25
N ALA A 308 -24.85 35.02 3.79
CA ALA A 308 -26.23 34.83 3.46
C ALA A 308 -27.06 36.12 3.40
N SER A 309 -26.81 37.04 4.35
CA SER A 309 -27.59 38.26 4.48
C SER A 309 -27.08 39.41 3.63
N LEU A 310 -25.90 39.30 3.04
CA LEU A 310 -25.41 40.39 2.16
C LEU A 310 -26.24 40.47 0.87
N LEU A 311 -26.37 41.70 0.34
CA LEU A 311 -27.15 41.92 -0.88
C LEU A 311 -26.27 42.00 -2.12
N VAL A 312 -26.69 41.25 -3.13
CA VAL A 312 -25.96 41.19 -4.40
C VAL A 312 -26.49 42.18 -5.45
N ARG A 313 -25.58 42.82 -6.22
CA ARG A 313 -25.97 43.76 -7.27
C ARG A 313 -27.15 43.24 -8.11
N ASP A 314 -27.98 44.20 -8.57
CA ASP A 314 -29.19 43.84 -9.28
C ASP A 314 -28.84 43.29 -10.66
N ASP A 315 -27.68 43.69 -11.18
CA ASP A 315 -27.31 43.18 -12.50
C ASP A 315 -26.72 41.79 -12.45
N PHE A 316 -26.57 41.12 -11.31
CA PHE A 316 -26.08 39.75 -11.30
C PHE A 316 -27.20 38.85 -11.83
N ALA A 317 -26.91 37.91 -12.73
CA ALA A 317 -27.96 37.01 -13.20
C ALA A 317 -27.35 35.70 -13.69
N PHE A 318 -28.21 34.69 -13.88
CA PHE A 318 -27.79 33.39 -14.39
C PHE A 318 -28.93 32.83 -15.26
N GLU A 319 -28.64 32.36 -16.46
CA GLU A 319 -29.64 31.81 -17.35
C GLU A 319 -29.03 30.85 -18.36
N ASP A 320 -29.65 29.68 -18.44
CA ASP A 320 -29.27 28.64 -19.40
C ASP A 320 -27.78 28.33 -19.41
N GLY A 321 -27.13 28.00 -18.29
CA GLY A 321 -25.71 27.73 -18.24
C GLY A 321 -24.77 28.91 -18.19
N LEU A 322 -25.21 30.17 -18.31
CA LEU A 322 -24.25 31.29 -18.29
C LEU A 322 -24.60 32.37 -17.30
N PHE A 323 -23.58 32.88 -16.61
CA PHE A 323 -23.80 33.91 -15.59
C PHE A 323 -23.75 35.22 -16.40
N SER A 324 -24.15 36.31 -15.76
CA SER A 324 -24.04 37.60 -16.41
C SER A 324 -22.60 37.96 -16.68
N GLY A 325 -22.30 38.72 -17.69
CA GLY A 325 -20.99 39.25 -18.04
C GLY A 325 -20.23 38.36 -19.04
N TYR A 326 -20.86 37.33 -19.65
CA TYR A 326 -20.08 36.44 -20.51
C TYR A 326 -19.62 37.03 -21.83
N ASP A 327 -18.36 36.97 -22.17
CA ASP A 327 -17.81 37.49 -23.42
C ASP A 327 -17.40 36.26 -24.22
N ALA A 328 -18.34 35.89 -25.09
CA ALA A 328 -18.24 34.68 -25.90
C ALA A 328 -17.01 34.58 -26.80
N GLU A 329 -16.37 35.68 -27.11
CA GLU A 329 -15.19 35.64 -27.97
C GLU A 329 -13.92 35.41 -27.20
N LYS A 330 -13.85 35.97 -26.00
CA LYS A 330 -12.65 35.78 -25.18
C LYS A 330 -12.85 34.52 -24.33
N ARG A 331 -14.10 34.02 -24.23
CA ARG A 331 -14.47 32.91 -23.37
C ARG A 331 -14.04 33.15 -21.92
N GLN A 332 -14.41 34.32 -21.40
CA GLN A 332 -14.13 34.81 -20.08
C GLN A 332 -15.31 35.70 -19.63
N TYR A 333 -15.48 35.89 -18.32
CA TYR A 333 -16.57 36.69 -17.85
C TYR A 333 -15.99 38.03 -17.35
N ASP A 334 -16.85 39.01 -17.47
CA ASP A 334 -16.66 40.35 -16.90
C ASP A 334 -17.43 40.13 -15.58
N LYS A 335 -16.71 40.20 -14.49
CA LYS A 335 -17.28 39.88 -13.18
C LYS A 335 -17.84 41.04 -12.39
N SER A 336 -18.09 42.19 -13.00
CA SER A 336 -18.51 43.43 -12.35
C SER A 336 -19.81 43.20 -11.62
N SER A 337 -20.71 42.42 -12.23
CA SER A 337 -21.97 42.22 -11.53
C SER A 337 -21.90 41.20 -10.41
N TRP A 338 -20.86 40.37 -10.30
CA TRP A 338 -20.76 39.33 -9.28
C TRP A 338 -20.27 39.98 -8.00
N ASN A 339 -21.00 40.91 -7.40
CA ASN A 339 -20.46 41.62 -6.23
C ASN A 339 -21.62 42.10 -5.37
N TYR A 340 -21.25 42.54 -4.17
CA TYR A 340 -22.27 43.04 -3.25
C TYR A 340 -22.73 44.47 -3.62
N GLN A 341 -23.94 44.81 -3.14
CA GLN A 341 -24.38 46.21 -3.30
C GLN A 341 -23.68 46.99 -2.20
N LEU A 342 -23.23 48.22 -2.40
CA LEU A 342 -22.53 48.96 -1.37
C LEU A 342 -23.38 50.00 -0.64
N ASP A 343 -23.18 50.13 0.66
CA ASP A 343 -23.92 51.14 1.43
C ASP A 343 -23.16 52.46 1.28
N GLU A 344 -23.58 53.43 2.08
CA GLU A 344 -23.14 54.81 2.16
C GLU A 344 -21.72 54.90 2.71
N ASN A 345 -21.29 53.92 3.50
CA ASN A 345 -19.94 53.96 4.04
C ASN A 345 -18.96 53.14 3.22
N GLY A 346 -19.46 52.53 2.13
CA GLY A 346 -18.61 51.72 1.27
C GLY A 346 -18.58 50.25 1.67
N TYR A 347 -19.45 49.79 2.56
CA TYR A 347 -19.43 48.41 3.01
C TYR A 347 -20.57 47.63 2.37
N ALA A 348 -20.51 46.30 2.38
CA ALA A 348 -21.61 45.54 1.74
C ALA A 348 -22.89 45.85 2.50
N LYS A 349 -23.99 45.97 1.76
CA LYS A 349 -25.32 46.16 2.34
C LYS A 349 -25.86 44.80 2.83
N ARG A 350 -26.61 44.84 3.93
CA ARG A 350 -27.12 43.61 4.52
C ARG A 350 -28.61 43.57 4.81
N ASP A 351 -29.23 42.42 4.88
CA ASP A 351 -30.61 42.31 5.29
C ASP A 351 -30.65 41.10 6.21
N GLU A 352 -30.56 41.36 7.52
CA GLU A 352 -30.48 40.34 8.56
C GLU A 352 -31.74 39.50 8.58
N THR A 353 -32.85 39.95 8.01
CA THR A 353 -34.07 39.13 8.03
C THR A 353 -34.02 38.06 6.94
N LEU A 354 -33.11 38.27 5.97
CA LEU A 354 -33.00 37.31 4.87
C LEU A 354 -34.26 37.26 3.99
N THR A 355 -34.98 38.39 3.87
CA THR A 355 -36.19 38.36 3.03
C THR A 355 -35.98 39.11 1.72
N HIS A 356 -34.98 40.02 1.70
CA HIS A 356 -34.73 40.71 0.43
C HIS A 356 -34.41 39.75 -0.72
N PRO A 357 -35.04 39.92 -1.87
CA PRO A 357 -34.81 39.09 -3.06
C PRO A 357 -33.35 39.04 -3.49
N ARG A 358 -32.54 40.08 -3.24
CA ARG A 358 -31.15 40.05 -3.65
C ARG A 358 -30.17 39.56 -2.57
N CYS A 359 -30.69 39.07 -1.43
CA CYS A 359 -29.67 38.56 -0.53
C CYS A 359 -29.13 37.24 -1.10
N VAL A 360 -27.86 36.98 -0.73
CA VAL A 360 -27.19 35.76 -1.13
C VAL A 360 -28.09 34.55 -0.84
N TRP A 361 -28.65 34.50 0.36
CA TRP A 361 -29.49 33.34 0.71
C TRP A 361 -30.60 33.08 -0.28
N ASN A 362 -31.35 34.09 -0.69
CA ASN A 362 -32.43 33.87 -1.65
C ASN A 362 -31.96 33.58 -3.08
N LEU A 363 -30.82 34.19 -3.50
CA LEU A 363 -30.26 33.82 -4.81
C LEU A 363 -29.70 32.39 -4.79
N LEU A 364 -29.11 31.93 -3.68
CA LEU A 364 -28.63 30.55 -3.59
C LEU A 364 -29.79 29.56 -3.74
N LYS A 365 -30.88 29.82 -3.03
CA LYS A 365 -32.07 29.01 -3.08
C LYS A 365 -32.59 28.85 -4.52
N GLU A 366 -32.63 30.00 -5.21
CA GLU A 366 -33.05 29.94 -6.61
C GLU A 366 -32.10 29.14 -7.52
N HIS A 367 -30.78 29.39 -7.33
CA HIS A 367 -29.78 28.70 -8.13
C HIS A 367 -29.85 27.18 -8.01
N VAL A 368 -29.97 26.66 -6.80
CA VAL A 368 -29.97 25.21 -6.64
C VAL A 368 -31.32 24.57 -6.82
N SER A 369 -32.39 25.36 -6.98
CA SER A 369 -33.72 24.76 -7.18
C SER A 369 -33.81 23.84 -8.39
N ARG A 370 -33.01 23.91 -9.44
CA ARG A 370 -33.02 22.99 -10.55
C ARG A 370 -32.49 21.60 -10.19
N TYR A 371 -31.68 21.42 -9.14
CA TYR A 371 -31.07 20.13 -8.84
C TYR A 371 -31.94 19.22 -7.99
N THR A 372 -33.06 18.76 -8.54
CA THR A 372 -33.93 17.80 -7.85
C THR A 372 -33.33 16.40 -7.91
N PRO A 373 -33.85 15.48 -7.08
CA PRO A 373 -33.42 14.09 -7.04
C PRO A 373 -33.52 13.37 -8.37
N ASP A 374 -34.50 13.72 -9.22
CA ASP A 374 -34.54 13.16 -10.58
C ASP A 374 -33.40 13.66 -11.48
N VAL A 375 -33.09 14.96 -11.39
CA VAL A 375 -31.94 15.51 -12.13
C VAL A 375 -30.63 14.88 -11.65
N VAL A 376 -30.45 14.64 -10.34
CA VAL A 376 -29.25 13.98 -9.85
C VAL A 376 -29.18 12.58 -10.45
N GLU A 377 -30.30 11.83 -10.37
CA GLU A 377 -30.30 10.49 -10.95
C GLU A 377 -30.02 10.49 -12.46
N ASN A 378 -30.64 11.43 -13.17
CA ASN A 378 -30.43 11.50 -14.61
C ASN A 378 -29.01 11.85 -15.05
N ILE A 379 -28.31 12.77 -14.38
CA ILE A 379 -26.95 13.13 -14.74
C ILE A 379 -25.84 12.33 -14.07
N CYS A 380 -25.97 12.06 -12.78
CA CYS A 380 -24.93 11.36 -12.03
C CYS A 380 -25.04 9.84 -12.17
N GLY A 381 -26.29 9.40 -12.41
CA GLY A 381 -26.53 7.95 -12.46
C GLY A 381 -26.80 7.35 -11.07
N THR A 382 -26.81 8.21 -10.04
CA THR A 382 -26.97 7.72 -8.66
C THR A 382 -28.43 7.44 -8.42
N PRO A 383 -28.81 6.22 -8.12
CA PRO A 383 -30.18 5.89 -7.81
C PRO A 383 -30.76 6.82 -6.79
N LYS A 384 -31.99 7.26 -6.95
CA LYS A 384 -32.67 8.15 -6.00
C LYS A 384 -32.66 7.57 -4.59
N ALA A 385 -32.82 6.28 -4.41
CA ALA A 385 -32.84 5.72 -3.06
C ALA A 385 -31.49 5.92 -2.39
N ASP A 386 -30.39 5.70 -3.10
CA ASP A 386 -29.07 5.92 -2.52
C ASP A 386 -28.85 7.42 -2.22
N PHE A 387 -29.26 8.30 -3.17
CA PHE A 387 -29.08 9.72 -3.01
C PHE A 387 -29.83 10.22 -1.79
N LEU A 388 -31.00 9.63 -1.57
CA LEU A 388 -31.81 9.98 -0.39
C LEU A 388 -31.13 9.59 0.92
N LYS A 389 -30.58 8.37 0.96
CA LYS A 389 -29.86 7.94 2.17
C LYS A 389 -28.76 8.95 2.49
N VAL A 390 -27.92 9.32 1.51
CA VAL A 390 -26.84 10.30 1.78
C VAL A 390 -27.42 11.63 2.28
N CYS A 391 -28.47 12.17 1.62
CA CYS A 391 -29.05 13.44 2.00
C CYS A 391 -29.53 13.40 3.44
N GLU A 392 -30.24 12.34 3.83
CA GLU A 392 -30.77 12.19 5.20
C GLU A 392 -29.66 12.16 6.23
N VAL A 393 -28.64 11.32 6.05
CA VAL A 393 -27.49 11.32 6.98
C VAL A 393 -26.81 12.66 7.04
N LEU A 394 -26.48 13.34 5.95
CA LEU A 394 -25.83 14.64 6.02
C LEU A 394 -26.74 15.58 6.78
N ALA A 395 -28.03 15.50 6.51
CA ALA A 395 -28.99 16.41 7.11
C ALA A 395 -29.09 16.30 8.62
N SER A 396 -28.82 15.08 9.12
CA SER A 396 -28.81 14.87 10.57
C SER A 396 -27.70 15.67 11.25
N THR A 397 -26.65 16.13 10.56
CA THR A 397 -25.60 16.93 11.15
C THR A 397 -25.85 18.42 11.07
N SER A 398 -27.12 18.85 10.85
CA SER A 398 -27.42 20.31 10.84
C SER A 398 -27.65 20.72 12.32
N ALA A 399 -27.91 19.70 13.14
CA ALA A 399 -27.96 19.97 14.58
C ALA A 399 -26.61 20.55 15.04
N PRO A 400 -26.64 21.46 16.03
CA PRO A 400 -25.44 22.11 16.51
C PRO A 400 -24.46 21.10 17.12
N ASP A 401 -24.98 20.06 17.77
CA ASP A 401 -24.05 19.09 18.36
C ASP A 401 -23.79 17.81 17.57
N ARG A 402 -23.89 17.82 16.24
CA ARG A 402 -23.56 16.69 15.39
C ARG A 402 -22.78 17.29 14.22
N THR A 403 -21.72 16.61 13.75
CA THR A 403 -20.95 17.14 12.63
C THR A 403 -20.65 16.09 11.57
N THR A 404 -20.44 16.62 10.37
CA THR A 404 -19.98 15.79 9.26
C THR A 404 -18.54 16.34 9.05
N THR A 405 -17.65 15.46 8.62
CA THR A 405 -16.36 15.92 8.15
C THR A 405 -16.25 15.33 6.72
N PHE A 406 -15.74 16.17 5.80
CA PHE A 406 -15.51 15.67 4.44
C PHE A 406 -14.05 15.32 4.17
N LEU A 407 -13.80 14.11 3.63
CA LEU A 407 -12.40 13.75 3.34
C LEU A 407 -12.30 13.64 1.80
N TYR A 408 -11.54 14.53 1.16
CA TYR A 408 -11.49 14.43 -0.29
C TYR A 408 -10.09 14.75 -0.85
N ALA A 409 -9.85 14.45 -2.14
CA ALA A 409 -8.66 14.96 -2.83
C ALA A 409 -8.88 15.10 -4.34
N LEU A 410 -8.26 14.25 -5.19
CA LEU A 410 -8.33 14.31 -6.63
C LEU A 410 -9.62 13.90 -7.31
N GLY A 411 -10.42 13.01 -6.71
CA GLY A 411 -11.72 12.69 -7.34
C GLY A 411 -12.52 14.01 -7.56
N TRP A 412 -12.33 15.08 -6.71
CA TRP A 412 -12.90 16.37 -6.93
C TRP A 412 -11.92 17.34 -7.62
N THR A 413 -10.61 17.37 -7.36
CA THR A 413 -9.86 18.47 -7.99
C THR A 413 -9.54 18.30 -9.46
N GLN A 414 -9.30 17.08 -9.94
CA GLN A 414 -8.79 16.87 -11.30
C GLN A 414 -9.84 16.85 -12.37
N HIS A 415 -10.52 18.00 -12.49
CA HIS A 415 -11.55 18.24 -13.48
C HIS A 415 -11.50 19.67 -14.03
N THR A 416 -12.23 19.89 -15.13
CA THR A 416 -12.27 21.23 -15.69
C THR A 416 -13.17 22.08 -14.78
N VAL A 417 -13.94 21.44 -13.90
CA VAL A 417 -14.71 22.19 -12.90
C VAL A 417 -14.24 21.85 -11.49
N GLY A 418 -13.00 21.36 -11.36
CA GLY A 418 -12.42 20.99 -10.08
C GLY A 418 -12.69 21.98 -8.94
N ALA A 419 -12.32 23.24 -9.06
CA ALA A 419 -12.53 24.26 -8.05
C ALA A 419 -14.01 24.38 -7.65
N GLN A 420 -14.90 24.22 -8.62
CA GLN A 420 -16.34 24.38 -8.35
C GLN A 420 -16.88 23.17 -7.62
N ASN A 421 -16.29 21.98 -7.86
CA ASN A 421 -16.68 20.78 -7.09
C ASN A 421 -16.53 21.10 -5.59
N ILE A 422 -15.34 21.67 -5.27
CA ILE A 422 -14.98 21.97 -3.90
C ILE A 422 -15.85 23.06 -3.31
N ARG A 423 -16.16 24.07 -4.09
CA ARG A 423 -17.01 25.17 -3.63
C ARG A 423 -18.35 24.59 -3.15
N THR A 424 -18.89 23.62 -3.92
CA THR A 424 -20.20 23.10 -3.52
C THR A 424 -20.16 22.40 -2.17
N MET A 425 -19.10 21.63 -1.93
CA MET A 425 -19.04 20.89 -0.67
C MET A 425 -18.86 21.87 0.47
N ALA A 426 -18.02 22.90 0.29
CA ALA A 426 -17.71 23.91 1.30
C ALA A 426 -19.00 24.60 1.70
N MET A 427 -19.84 24.87 0.67
CA MET A 427 -21.12 25.53 0.94
C MET A 427 -21.97 24.64 1.83
N ILE A 428 -21.98 23.33 1.52
CA ILE A 428 -22.72 22.39 2.39
C ILE A 428 -22.27 22.47 3.85
N GLN A 429 -20.94 22.48 4.08
CA GLN A 429 -20.42 22.55 5.47
C GLN A 429 -20.81 23.86 6.13
N LEU A 430 -20.95 24.98 5.40
CA LEU A 430 -21.38 26.23 6.01
C LEU A 430 -22.88 26.17 6.33
N LEU A 431 -23.73 25.58 5.49
CA LEU A 431 -25.14 25.42 5.86
C LEU A 431 -25.36 24.54 7.06
N LEU A 432 -24.65 23.44 7.18
CA LEU A 432 -24.74 22.56 8.35
C LEU A 432 -24.09 23.14 9.60
N GLY A 433 -23.34 24.22 9.64
CA GLY A 433 -22.59 24.77 10.75
C GLY A 433 -21.44 23.86 11.22
N ASN A 434 -20.70 23.20 10.36
CA ASN A 434 -19.65 22.28 10.74
C ASN A 434 -18.26 22.90 10.60
N MET A 435 -18.08 24.13 10.09
CA MET A 435 -16.70 24.64 9.97
C MET A 435 -16.27 25.14 11.33
N GLY A 436 -15.03 24.96 11.72
CA GLY A 436 -14.52 25.42 13.02
C GLY A 436 -14.80 24.42 14.13
N MET A 437 -15.51 23.32 13.88
CA MET A 437 -15.74 22.31 14.88
C MET A 437 -14.80 21.11 14.88
N ALA A 438 -14.66 20.59 16.10
CA ALA A 438 -13.85 19.39 16.27
C ALA A 438 -14.69 18.27 15.64
N GLY A 439 -14.12 17.50 14.71
CA GLY A 439 -14.94 16.43 14.10
C GLY A 439 -15.73 16.94 12.90
N GLY A 440 -15.54 18.19 12.50
CA GLY A 440 -16.19 18.78 11.35
C GLY A 440 -15.11 19.24 10.34
N GLY A 441 -15.29 20.42 9.75
CA GLY A 441 -14.40 21.00 8.76
C GLY A 441 -14.35 20.36 7.37
N VAL A 442 -13.38 20.83 6.58
CA VAL A 442 -13.02 20.29 5.27
C VAL A 442 -11.61 19.69 5.27
N ASN A 443 -11.53 18.35 5.35
CA ASN A 443 -10.22 17.73 5.32
C ASN A 443 -9.85 17.41 3.86
N ALA A 444 -9.33 18.43 3.17
CA ALA A 444 -8.76 18.34 1.84
C ALA A 444 -7.41 17.63 2.01
N LEU A 445 -7.36 16.31 1.80
CA LEU A 445 -6.17 15.54 2.10
C LEU A 445 -5.08 15.78 1.08
N ARG A 446 -3.99 16.43 1.41
CA ARG A 446 -2.87 16.65 0.53
C ARG A 446 -2.21 15.33 0.10
N GLY A 447 -1.40 15.45 -0.96
CA GLY A 447 -0.76 14.28 -1.55
C GLY A 447 0.64 14.02 -1.06
N HIS A 448 1.64 14.53 -1.80
CA HIS A 448 3.05 14.34 -1.43
C HIS A 448 3.26 14.79 0.02
N SER A 449 4.27 14.19 0.62
CA SER A 449 4.73 14.42 1.98
C SER A 449 4.90 15.90 2.18
N ASN A 450 5.44 16.66 1.24
CA ASN A 450 5.68 18.09 1.45
C ASN A 450 5.07 18.96 0.36
N ILE A 451 3.96 18.52 -0.25
CA ILE A 451 3.32 19.44 -1.18
C ILE A 451 2.77 20.64 -0.39
N GLN A 452 2.33 20.45 0.87
CA GLN A 452 1.84 21.56 1.66
C GLN A 452 2.97 22.54 1.94
N GLY A 453 4.18 22.14 2.27
CA GLY A 453 5.26 23.09 2.45
C GLY A 453 5.67 23.79 1.14
N LEU A 454 5.71 23.08 0.00
CA LEU A 454 6.09 23.81 -1.21
C LEU A 454 5.00 24.79 -1.64
N THR A 455 3.74 24.50 -1.37
CA THR A 455 2.70 25.47 -1.66
C THR A 455 2.87 26.63 -0.70
N ASP A 456 3.12 26.36 0.58
CA ASP A 456 3.35 27.42 1.56
C ASP A 456 4.56 28.32 1.19
N LEU A 457 5.65 27.75 0.67
CA LEU A 457 6.83 28.50 0.24
C LEU A 457 6.67 29.12 -1.13
N GLY A 458 5.52 28.99 -1.78
CA GLY A 458 5.23 29.57 -3.06
C GLY A 458 5.94 29.06 -4.29
N LEU A 459 6.21 27.76 -4.43
CA LEU A 459 6.88 27.26 -5.63
C LEU A 459 5.86 26.97 -6.71
N LEU A 460 5.14 27.99 -7.13
CA LEU A 460 4.10 28.07 -8.13
C LEU A 460 4.36 29.32 -8.98
N SER A 461 4.11 29.26 -10.27
CA SER A 461 4.44 30.30 -11.22
C SER A 461 4.49 31.72 -10.67
N THR A 462 3.34 32.26 -10.26
CA THR A 462 3.33 33.65 -9.80
C THR A 462 3.38 33.88 -8.32
N SER A 463 3.67 32.89 -7.52
CA SER A 463 3.79 32.95 -6.10
C SER A 463 5.11 33.30 -5.46
N LEU A 464 5.01 33.78 -4.21
CA LEU A 464 6.14 34.05 -3.31
C LEU A 464 5.77 33.29 -2.02
N PRO A 465 6.72 33.11 -1.11
CA PRO A 465 6.43 32.47 0.15
C PRO A 465 5.37 33.14 0.99
N GLY A 466 4.63 32.39 1.80
CA GLY A 466 3.57 32.90 2.63
C GLY A 466 2.32 33.36 1.92
N TYR A 467 1.95 32.75 0.79
CA TYR A 467 0.78 33.18 0.03
C TYR A 467 0.89 34.61 -0.51
N LEU A 468 2.08 35.17 -0.63
CA LEU A 468 2.31 36.46 -1.23
C LEU A 468 2.39 36.18 -2.77
N THR A 469 2.29 37.29 -3.52
CA THR A 469 2.29 37.18 -4.98
C THR A 469 3.36 38.00 -5.67
N LEU A 470 4.00 37.44 -6.71
CA LEU A 470 5.00 38.24 -7.45
C LEU A 470 4.27 39.45 -8.03
N PRO A 471 4.97 40.56 -8.28
CA PRO A 471 4.31 41.72 -8.89
C PRO A 471 3.90 41.37 -10.30
N SER A 472 2.71 41.85 -10.71
CA SER A 472 2.35 41.73 -12.14
C SER A 472 3.05 42.87 -12.91
N GLU A 473 3.14 42.75 -14.25
CA GLU A 473 3.91 43.77 -14.97
C GLU A 473 3.12 45.05 -15.12
N LYS A 474 1.84 45.08 -14.76
CA LYS A 474 1.18 46.39 -14.70
C LYS A 474 1.50 47.20 -13.43
N GLN A 475 1.99 46.62 -12.36
CA GLN A 475 2.24 47.24 -11.06
C GLN A 475 3.63 47.84 -11.20
N VAL A 476 3.70 49.10 -11.65
CA VAL A 476 5.03 49.66 -11.94
C VAL A 476 5.83 50.11 -10.72
N ASP A 477 5.17 50.25 -9.55
CA ASP A 477 6.00 50.60 -8.38
C ASP A 477 5.45 49.96 -7.09
N LEU A 478 6.28 50.04 -6.03
CA LEU A 478 5.93 49.39 -4.80
C LEU A 478 4.52 49.73 -4.35
N GLN A 479 4.19 51.02 -4.44
CA GLN A 479 2.89 51.47 -3.94
C GLN A 479 1.69 50.84 -4.64
N SER A 480 1.83 50.72 -5.96
CA SER A 480 0.79 50.06 -6.75
C SER A 480 0.65 48.58 -6.33
N TYR A 481 1.83 47.94 -6.19
CA TYR A 481 1.91 46.50 -5.86
C TYR A 481 1.25 46.22 -4.53
N LEU A 482 1.54 47.09 -3.55
CA LEU A 482 0.99 46.84 -2.21
C LEU A 482 -0.51 47.07 -2.19
N GLU A 483 -0.93 48.12 -2.90
CA GLU A 483 -2.36 48.46 -2.94
C GLU A 483 -3.13 47.33 -3.59
N ALA A 484 -2.64 46.74 -4.68
CA ALA A 484 -3.34 45.61 -5.31
C ALA A 484 -3.44 44.39 -4.41
N ASN A 485 -2.45 44.15 -3.53
CA ASN A 485 -2.43 42.94 -2.71
C ASN A 485 -2.93 43.14 -1.29
N THR A 486 -3.29 44.36 -0.91
CA THR A 486 -3.76 44.64 0.47
C THR A 486 -5.24 44.95 0.46
N PRO A 487 -6.12 44.01 0.79
CA PRO A 487 -7.55 44.20 0.64
C PRO A 487 -8.21 45.14 1.64
N LYS A 488 -9.17 45.90 1.12
CA LYS A 488 -9.84 46.80 2.05
C LYS A 488 -11.02 46.00 2.64
N ALA A 489 -11.38 46.25 3.88
CA ALA A 489 -12.40 45.51 4.62
C ALA A 489 -13.73 45.77 3.92
N THR A 490 -14.62 44.80 3.82
CA THR A 490 -15.86 44.99 3.10
C THR A 490 -17.05 45.00 4.06
N LEU A 491 -16.80 44.94 5.33
CA LEU A 491 -17.78 45.08 6.39
C LEU A 491 -16.96 45.74 7.53
N ALA A 492 -17.61 46.50 8.38
CA ALA A 492 -16.92 47.15 9.50
C ALA A 492 -16.62 46.16 10.62
N ASP A 493 -15.63 46.48 11.44
CA ASP A 493 -15.25 45.69 12.60
C ASP A 493 -14.72 44.28 12.31
N GLN A 494 -13.94 44.15 11.22
CA GLN A 494 -13.44 42.81 10.89
C GLN A 494 -11.96 42.72 11.13
N VAL A 495 -11.42 41.54 11.36
CA VAL A 495 -9.97 41.42 11.56
C VAL A 495 -9.29 41.74 10.24
N ASN A 496 -9.78 41.17 9.11
CA ASN A 496 -9.18 41.42 7.79
C ASN A 496 -7.66 41.42 7.87
N TYR A 497 -7.07 40.30 8.29
CA TYR A 497 -5.65 40.22 8.57
C TYR A 497 -4.70 40.46 7.40
N TRP A 498 -5.13 40.28 6.16
CA TRP A 498 -4.32 40.60 4.98
C TRP A 498 -4.06 42.10 4.81
N SER A 499 -4.63 42.96 5.64
CA SER A 499 -4.29 44.37 5.73
C SER A 499 -2.85 44.49 6.16
N ASN A 500 -2.22 43.48 6.75
CA ASN A 500 -0.82 43.44 7.14
C ASN A 500 0.13 43.03 6.01
N TYR A 501 -0.37 42.88 4.76
CA TYR A 501 0.44 42.46 3.64
C TYR A 501 1.80 43.14 3.53
N PRO A 502 1.89 44.43 3.68
CA PRO A 502 3.17 45.13 3.56
C PRO A 502 4.24 44.76 4.58
N LYS A 503 3.84 44.34 5.78
CA LYS A 503 4.83 43.89 6.77
C LYS A 503 5.41 42.55 6.28
N PHE A 504 4.55 41.67 5.74
CA PHE A 504 5.07 40.40 5.26
C PHE A 504 5.98 40.62 4.05
N PHE A 505 5.60 41.50 3.17
CA PHE A 505 6.34 41.70 1.93
C PHE A 505 7.71 42.30 2.20
N VAL A 506 7.73 43.38 2.98
CA VAL A 506 9.01 44.03 3.27
C VAL A 506 9.91 43.09 4.05
N SER A 507 9.35 42.29 4.97
CA SER A 507 10.16 41.31 5.69
C SER A 507 10.74 40.28 4.73
N LEU A 508 9.99 39.84 3.73
CA LEU A 508 10.48 38.88 2.76
C LEU A 508 11.65 39.47 2.02
N MET A 509 11.55 40.70 1.59
CA MET A 509 12.62 41.40 0.89
C MET A 509 13.87 41.57 1.73
N LYS A 510 13.72 41.81 3.03
CA LYS A 510 14.86 41.87 3.96
C LYS A 510 15.52 40.50 4.10
N SER A 511 14.71 39.40 4.08
CA SER A 511 15.29 38.07 4.10
C SER A 511 16.09 37.82 2.82
N PHE A 512 15.49 38.16 1.66
CA PHE A 512 16.15 37.89 0.39
C PHE A 512 17.41 38.73 0.14
N TYR A 513 17.30 40.03 0.37
CA TYR A 513 18.35 40.95 0.00
C TYR A 513 19.10 41.57 1.15
N GLY A 514 18.66 41.44 2.40
CA GLY A 514 19.40 41.98 3.52
C GLY A 514 19.69 43.47 3.39
N ASP A 515 20.96 43.93 3.54
CA ASP A 515 21.29 45.34 3.54
C ASP A 515 21.04 45.95 2.19
N ALA A 516 20.97 45.18 1.11
CA ALA A 516 20.75 45.74 -0.21
C ALA A 516 19.30 46.23 -0.37
N ALA A 517 18.36 45.78 0.47
CA ALA A 517 16.97 46.18 0.38
C ALA A 517 16.80 47.28 1.44
N GLN A 518 16.52 48.49 1.00
CA GLN A 518 16.31 49.65 1.84
C GLN A 518 15.18 50.51 1.32
N LYS A 519 14.68 51.43 2.13
CA LYS A 519 13.54 52.26 1.80
C LYS A 519 13.74 53.02 0.49
N GLU A 520 14.95 53.51 0.31
CA GLU A 520 15.42 54.25 -0.86
C GLU A 520 15.30 53.49 -2.17
N ASN A 521 15.52 52.20 -2.27
CA ASN A 521 15.36 51.45 -3.50
C ASN A 521 14.08 50.60 -3.47
N ASN A 522 13.12 50.98 -2.61
CA ASN A 522 11.85 50.28 -2.47
C ASN A 522 12.03 48.81 -2.14
N TRP A 523 12.92 48.52 -1.21
CA TRP A 523 13.22 47.19 -0.71
C TRP A 523 13.59 46.21 -1.81
N GLY A 524 14.20 46.71 -2.88
CA GLY A 524 14.64 45.84 -3.98
C GLY A 524 13.50 45.42 -4.91
N TYR A 525 12.32 46.01 -4.77
CA TYR A 525 11.12 45.73 -5.55
C TYR A 525 11.39 45.34 -7.00
N ASP A 526 12.18 46.12 -7.75
CA ASP A 526 12.43 45.80 -9.15
C ASP A 526 13.30 44.61 -9.46
N TRP A 527 13.97 43.97 -8.51
CA TRP A 527 14.75 42.77 -8.76
C TRP A 527 13.83 41.56 -8.93
N LEU A 528 12.58 41.54 -8.47
CA LEU A 528 11.75 40.35 -8.64
C LEU A 528 11.19 40.28 -10.05
N PRO A 529 11.05 39.10 -10.61
CA PRO A 529 10.50 38.99 -11.95
C PRO A 529 9.05 39.45 -11.88
N LYS A 530 8.54 40.24 -12.84
CA LYS A 530 7.11 40.58 -12.89
C LYS A 530 6.43 39.78 -14.04
N TRP A 531 5.23 39.26 -13.77
CA TRP A 531 4.55 38.39 -14.73
C TRP A 531 3.57 39.16 -15.60
N ASP A 532 3.50 38.70 -16.86
CA ASP A 532 2.52 39.18 -17.83
C ASP A 532 1.36 38.17 -17.86
N GLN A 533 1.65 36.91 -17.43
CA GLN A 533 0.58 35.90 -17.30
C GLN A 533 1.11 34.78 -16.40
N THR A 534 0.26 33.79 -16.11
CA THR A 534 0.70 32.66 -15.31
C THR A 534 1.33 31.62 -16.24
N TYR A 535 2.53 31.11 -15.94
CA TYR A 535 3.14 30.07 -16.76
C TYR A 535 2.89 28.70 -16.16
N ASP A 536 1.66 28.20 -16.24
CA ASP A 536 1.29 26.87 -15.74
C ASP A 536 1.90 25.80 -16.64
N VAL A 537 1.92 24.53 -16.19
CA VAL A 537 2.62 23.48 -16.95
C VAL A 537 2.00 23.23 -18.33
N ILE A 538 0.64 23.17 -18.42
CA ILE A 538 0.13 22.95 -19.78
C ILE A 538 0.58 24.05 -20.74
N LYS A 539 0.40 25.30 -20.35
CA LYS A 539 0.86 26.42 -21.18
C LYS A 539 2.33 26.28 -21.52
N TYR A 540 3.22 26.04 -20.56
CA TYR A 540 4.65 26.01 -20.79
C TYR A 540 5.00 24.84 -21.71
N PHE A 541 4.33 23.67 -21.65
CA PHE A 541 4.57 22.61 -22.62
C PHE A 541 4.05 23.00 -24.00
N ASN A 542 3.01 23.83 -24.09
CA ASN A 542 2.52 24.36 -25.37
C ASN A 542 3.59 25.28 -26.01
N MET A 543 4.25 26.11 -25.19
CA MET A 543 5.39 26.91 -25.62
C MET A 543 6.58 26.02 -25.97
N MET A 544 6.88 24.97 -25.20
CA MET A 544 7.98 24.05 -25.53
C MET A 544 7.75 23.37 -26.89
N ASP A 545 6.50 22.97 -27.18
CA ASP A 545 6.13 22.39 -28.47
C ASP A 545 6.36 23.39 -29.62
N GLU A 546 6.18 24.69 -29.37
CA GLU A 546 6.47 25.70 -30.37
C GLU A 546 7.92 26.09 -30.46
N GLY A 547 8.87 25.48 -29.77
CA GLY A 547 10.29 25.84 -29.84
C GLY A 547 10.61 27.09 -29.03
N LYS A 548 9.77 27.51 -28.07
CA LYS A 548 10.14 28.62 -27.20
C LYS A 548 10.88 28.24 -25.91
N VAL A 549 11.09 26.95 -25.63
CA VAL A 549 11.75 26.62 -24.38
C VAL A 549 13.09 25.96 -24.73
N THR A 550 14.18 26.45 -24.19
CA THR A 550 15.48 25.88 -24.33
C THR A 550 15.87 24.81 -23.31
N GLY A 551 15.66 25.08 -22.02
CA GLY A 551 16.03 24.17 -20.96
C GLY A 551 14.93 23.93 -19.93
N TYR A 552 15.06 22.82 -19.18
CA TYR A 552 14.09 22.52 -18.14
C TYR A 552 14.80 21.77 -17.02
N PHE A 553 14.46 22.11 -15.76
CA PHE A 553 14.91 21.30 -14.61
C PHE A 553 13.77 20.49 -14.01
N CYS A 554 14.04 19.21 -13.69
CA CYS A 554 12.98 18.37 -13.10
C CYS A 554 13.64 17.99 -11.78
N GLN A 555 13.26 18.67 -10.69
CA GLN A 555 13.74 18.27 -9.35
C GLN A 555 12.67 17.48 -8.62
N GLY A 556 12.87 16.19 -8.45
CA GLY A 556 11.89 15.32 -7.79
C GLY A 556 10.51 15.48 -8.41
N PHE A 557 10.44 15.35 -9.71
CA PHE A 557 9.14 15.45 -10.43
C PHE A 557 9.33 14.64 -11.71
N ASN A 558 8.43 13.75 -12.05
CA ASN A 558 8.64 12.88 -13.22
C ASN A 558 7.49 13.11 -14.21
N PRO A 559 7.59 14.15 -15.03
CA PRO A 559 6.54 14.58 -15.93
C PRO A 559 6.22 13.59 -17.04
N VAL A 560 7.24 12.81 -17.44
CA VAL A 560 6.91 11.74 -18.42
C VAL A 560 5.83 10.82 -17.86
N ALA A 561 5.84 10.55 -16.58
CA ALA A 561 4.82 9.71 -15.98
C ALA A 561 3.60 10.53 -15.56
N SER A 562 3.76 11.76 -15.09
CA SER A 562 2.72 12.47 -14.39
C SER A 562 1.93 13.51 -15.11
N PHE A 563 2.47 13.95 -16.25
CA PHE A 563 1.75 14.96 -17.02
C PHE A 563 0.74 14.34 -17.95
N PRO A 564 -0.35 15.02 -18.30
CA PRO A 564 -1.33 14.44 -19.23
C PRO A 564 -0.77 14.30 -20.67
N ASP A 565 -1.28 13.27 -21.38
CA ASP A 565 -0.97 13.05 -22.78
C ASP A 565 0.52 12.85 -22.93
N LYS A 566 0.92 11.72 -22.35
CA LYS A 566 2.34 11.32 -22.39
C LYS A 566 2.99 11.37 -23.78
N ASN A 567 2.28 10.95 -24.85
CA ASN A 567 2.94 10.90 -26.15
C ASN A 567 3.27 12.35 -26.58
N LYS A 568 2.41 13.32 -26.18
CA LYS A 568 2.74 14.72 -26.50
C LYS A 568 3.86 15.25 -25.59
N VAL A 569 3.83 14.82 -24.32
CA VAL A 569 4.89 15.24 -23.39
C VAL A 569 6.28 14.87 -23.92
N VAL A 570 6.40 13.59 -24.37
CA VAL A 570 7.72 13.12 -24.87
C VAL A 570 8.17 13.83 -26.14
N SER A 571 7.19 14.13 -26.98
CA SER A 571 7.42 14.97 -28.12
C SER A 571 7.89 16.38 -27.72
N CYS A 572 7.26 17.00 -26.70
CA CYS A 572 7.67 18.35 -26.28
C CYS A 572 9.07 18.36 -25.64
N LEU A 573 9.34 17.38 -24.79
CA LEU A 573 10.67 17.32 -24.17
C LEU A 573 11.79 17.18 -25.20
N SER A 574 11.49 16.41 -26.28
CA SER A 574 12.49 16.15 -27.32
C SER A 574 12.90 17.44 -28.00
N LYS A 575 12.19 18.54 -27.88
CA LYS A 575 12.60 19.80 -28.49
C LYS A 575 13.49 20.58 -27.57
N LEU A 576 13.69 20.16 -26.35
CA LEU A 576 14.58 20.88 -25.42
C LEU A 576 16.05 20.81 -25.82
N LYS A 577 16.82 21.88 -25.65
CA LYS A 577 18.25 21.74 -25.88
C LYS A 577 18.93 21.07 -24.67
N TYR A 578 18.39 21.25 -23.46
CA TYR A 578 19.03 20.71 -22.27
C TYR A 578 18.03 20.46 -21.17
N MET A 579 18.24 19.41 -20.37
CA MET A 579 17.32 19.00 -19.31
C MET A 579 18.20 18.62 -18.13
N VAL A 580 17.86 19.05 -16.92
CA VAL A 580 18.59 18.65 -15.74
C VAL A 580 17.62 17.91 -14.81
N VAL A 581 17.87 16.65 -14.54
CA VAL A 581 17.05 15.90 -13.60
C VAL A 581 17.80 15.71 -12.29
N ILE A 582 17.15 15.99 -11.16
CA ILE A 582 17.78 15.82 -9.82
C ILE A 582 16.85 14.90 -9.05
N ASP A 583 17.35 13.77 -8.60
CA ASP A 583 16.49 12.75 -7.97
C ASP A 583 17.34 11.66 -7.34
N PRO A 584 16.81 10.94 -6.37
CA PRO A 584 17.52 9.80 -5.80
C PRO A 584 17.35 8.53 -6.63
N LEU A 585 16.51 8.44 -7.63
CA LEU A 585 16.12 7.25 -8.35
C LEU A 585 16.11 7.52 -9.87
N VAL A 586 16.27 6.45 -10.68
CA VAL A 586 16.10 6.48 -12.12
C VAL A 586 14.62 6.76 -12.43
N THR A 587 14.34 7.75 -13.27
CA THR A 587 12.93 8.04 -13.56
C THR A 587 12.76 7.90 -15.09
N GLU A 588 11.49 7.70 -15.49
CA GLU A 588 11.11 7.71 -16.86
C GLU A 588 11.52 9.00 -17.53
N THR A 589 11.41 10.13 -16.88
CA THR A 589 11.72 11.44 -17.43
C THR A 589 13.18 11.49 -17.79
N SER A 590 14.06 10.98 -16.93
CA SER A 590 15.50 11.03 -17.21
C SER A 590 15.82 10.17 -18.43
N THR A 591 15.05 9.10 -18.70
CA THR A 591 15.31 8.25 -19.87
C THR A 591 14.24 8.37 -20.97
N PHE A 592 13.60 9.55 -21.09
CA PHE A 592 12.60 9.81 -22.13
C PHE A 592 13.15 9.65 -23.56
N TRP A 593 14.47 9.86 -23.74
CA TRP A 593 15.11 9.70 -25.03
C TRP A 593 15.49 8.27 -25.38
N GLN A 594 15.28 7.30 -24.53
CA GLN A 594 15.66 5.90 -24.71
C GLN A 594 14.48 5.05 -25.16
N ASN A 595 14.79 4.13 -26.08
CA ASN A 595 13.74 3.28 -26.63
C ASN A 595 13.36 2.17 -25.66
N HIS A 596 12.09 2.04 -25.29
CA HIS A 596 11.65 0.98 -24.40
C HIS A 596 10.51 0.21 -25.08
N GLY A 597 10.57 0.05 -26.41
CA GLY A 597 9.49 -0.68 -27.08
C GLY A 597 8.18 0.11 -27.10
N GLU A 598 7.02 -0.55 -27.10
CA GLU A 598 5.76 0.18 -27.10
C GLU A 598 5.70 1.15 -25.93
N SER A 599 6.26 0.87 -24.76
CA SER A 599 6.23 1.75 -23.59
C SER A 599 6.87 3.09 -23.84
N ASN A 600 7.91 3.16 -24.69
CA ASN A 600 8.53 4.45 -25.05
C ASN A 600 9.23 4.28 -26.41
N ASP A 601 8.42 4.32 -27.46
CA ASP A 601 8.93 4.08 -28.79
C ASP A 601 9.51 5.32 -29.44
N VAL A 602 10.75 5.60 -29.10
CA VAL A 602 11.39 6.81 -29.57
C VAL A 602 12.68 6.39 -30.29
N ASP A 603 13.26 7.34 -31.00
CA ASP A 603 14.50 7.10 -31.70
C ASP A 603 15.55 8.04 -31.11
N PRO A 604 16.44 7.50 -30.31
CA PRO A 604 17.48 8.28 -29.65
C PRO A 604 18.29 9.15 -30.58
N ALA A 605 18.59 8.64 -31.77
CA ALA A 605 19.38 9.43 -32.73
C ALA A 605 18.64 10.69 -33.19
N SER A 606 17.30 10.75 -33.09
CA SER A 606 16.57 11.92 -33.52
C SER A 606 16.40 12.94 -32.41
N ILE A 607 16.72 12.60 -31.16
CA ILE A 607 16.56 13.55 -30.03
C ILE A 607 17.89 14.22 -29.67
N GLN A 608 18.01 15.52 -29.86
CA GLN A 608 19.26 16.22 -29.59
C GLN A 608 19.44 16.80 -28.20
N THR A 609 18.50 16.54 -27.28
CA THR A 609 18.65 17.11 -25.98
C THR A 609 19.90 16.66 -25.24
N GLU A 610 20.64 17.55 -24.58
CA GLU A 610 21.68 17.15 -23.62
C GLU A 610 21.00 16.94 -22.26
N VAL A 611 21.14 15.75 -21.67
CA VAL A 611 20.45 15.45 -20.41
C VAL A 611 21.49 15.24 -19.31
N PHE A 612 21.36 15.96 -18.18
CA PHE A 612 22.16 15.77 -16.99
C PHE A 612 21.32 15.10 -15.90
N ARG A 613 21.80 13.99 -15.35
CA ARG A 613 21.04 13.27 -14.32
C ARG A 613 21.90 13.38 -13.05
N LEU A 614 21.47 14.17 -12.04
CA LEU A 614 22.30 14.37 -10.85
C LEU A 614 21.72 13.66 -9.66
N PRO A 615 22.53 12.80 -9.01
CA PRO A 615 22.07 11.97 -7.91
C PRO A 615 21.91 12.67 -6.57
N SER A 616 20.65 12.71 -6.07
CA SER A 616 20.46 13.42 -4.82
C SER A 616 20.25 12.43 -3.66
N THR A 617 20.17 12.98 -2.45
CA THR A 617 19.78 12.26 -1.26
C THR A 617 18.27 11.99 -1.28
N CYS A 618 17.82 11.15 -0.36
CA CYS A 618 16.39 10.88 -0.15
C CYS A 618 16.09 11.38 1.27
N PHE A 619 14.88 11.27 1.75
CA PHE A 619 14.43 11.72 3.06
C PHE A 619 15.33 11.24 4.17
N ALA A 620 15.84 10.01 4.15
CA ALA A 620 16.58 9.40 5.20
C ALA A 620 18.00 9.89 5.31
N GLU A 621 18.46 10.67 4.35
CA GLU A 621 19.85 11.10 4.28
C GLU A 621 20.06 12.56 4.53
N GLU A 622 19.09 13.25 5.06
CA GLU A 622 19.27 14.64 5.48
C GLU A 622 18.37 15.00 6.67
N ASP A 623 18.68 16.10 7.36
CA ASP A 623 17.76 16.56 8.40
C ASP A 623 16.95 17.66 7.71
N GLY A 624 15.80 18.02 8.26
CA GLY A 624 15.00 19.10 7.74
C GLY A 624 13.56 18.98 8.15
N SER A 625 12.72 19.84 7.61
CA SER A 625 11.29 19.72 7.92
C SER A 625 10.41 19.51 6.73
N ILE A 626 9.22 18.95 6.96
CA ILE A 626 8.22 18.80 5.90
C ILE A 626 6.86 19.10 6.56
N ALA A 627 5.93 19.72 5.83
CA ALA A 627 4.59 20.04 6.37
C ALA A 627 3.49 19.06 5.94
N ASN A 628 2.86 18.40 6.96
CA ASN A 628 1.84 17.39 6.62
C ASN A 628 0.54 18.07 6.21
N SER A 629 -0.45 17.23 5.91
CA SER A 629 -1.76 17.74 5.51
C SER A 629 -2.48 18.64 6.54
N GLY A 630 -2.19 18.45 7.84
CA GLY A 630 -2.77 19.19 8.91
C GLY A 630 -1.96 20.43 9.19
N ARG A 631 -0.98 20.75 8.38
CA ARG A 631 -0.21 21.99 8.53
C ARG A 631 0.82 21.81 9.62
N TRP A 632 1.18 20.59 9.99
CA TRP A 632 2.21 20.38 10.96
C TRP A 632 3.58 20.37 10.30
N LEU A 633 4.43 21.29 10.70
CA LEU A 633 5.84 21.30 10.29
C LEU A 633 6.59 20.34 11.20
N GLN A 634 7.07 19.20 10.69
CA GLN A 634 7.72 18.19 11.49
C GLN A 634 9.19 18.08 11.12
N TRP A 635 10.11 18.08 12.06
CA TRP A 635 11.52 17.91 11.84
C TRP A 635 11.87 16.42 11.78
N HIS A 636 12.89 16.05 11.02
CA HIS A 636 13.38 14.71 10.85
C HIS A 636 14.92 14.78 10.79
N TRP A 637 15.57 13.69 11.19
CA TRP A 637 17.00 13.57 11.29
C TRP A 637 17.57 12.52 10.35
N LYS A 638 18.81 12.77 9.96
CA LYS A 638 19.58 11.93 9.02
C LYS A 638 20.03 10.60 9.59
N GLY A 639 19.76 9.49 8.90
CA GLY A 639 20.10 8.17 9.37
C GLY A 639 21.32 7.55 8.67
N GLN A 640 21.68 7.95 7.46
CA GLN A 640 22.85 7.46 6.77
C GLN A 640 23.29 8.48 5.73
N ASP A 641 24.49 8.36 5.21
CA ASP A 641 24.90 9.17 4.04
C ASP A 641 24.26 8.55 2.80
N ALA A 642 24.24 9.30 1.71
CA ALA A 642 23.60 8.79 0.46
C ALA A 642 24.58 7.86 -0.25
N PRO A 643 24.13 7.01 -1.14
CA PRO A 643 24.99 6.05 -1.78
C PRO A 643 25.87 6.71 -2.81
N GLY A 644 26.99 6.09 -3.16
CA GLY A 644 27.85 6.62 -4.22
C GLY A 644 28.29 8.03 -3.99
N GLU A 645 28.18 8.87 -5.00
CA GLU A 645 28.52 10.28 -4.94
C GLU A 645 27.27 11.16 -4.90
N ALA A 646 26.12 10.65 -4.49
CA ALA A 646 24.90 11.41 -4.34
C ALA A 646 25.14 12.55 -3.36
N ARG A 647 24.52 13.70 -3.61
CA ARG A 647 24.61 14.89 -2.77
C ARG A 647 23.27 15.45 -2.38
N ASN A 648 23.27 16.34 -1.39
CA ASN A 648 21.94 16.82 -0.93
C ASN A 648 21.42 17.88 -1.87
N ASP A 649 20.11 18.05 -1.94
CA ASP A 649 19.51 18.95 -2.93
C ASP A 649 20.07 20.35 -2.84
N GLY A 650 20.27 20.91 -1.66
CA GLY A 650 20.82 22.23 -1.49
C GLY A 650 22.27 22.28 -1.99
N GLU A 651 23.08 21.26 -1.83
CA GLU A 651 24.45 21.22 -2.36
C GLU A 651 24.46 21.17 -3.90
N ILE A 652 23.47 20.53 -4.53
CA ILE A 652 23.41 20.46 -5.98
C ILE A 652 23.00 21.84 -6.46
N LEU A 653 22.01 22.50 -5.84
CA LEU A 653 21.61 23.83 -6.30
C LEU A 653 22.78 24.79 -6.10
N ALA A 654 23.46 24.72 -4.94
CA ALA A 654 24.58 25.61 -4.66
C ALA A 654 25.74 25.41 -5.62
N GLY A 655 26.01 24.19 -6.08
CA GLY A 655 27.10 23.95 -7.04
C GLY A 655 26.77 24.73 -8.33
N ILE A 656 25.59 24.46 -8.88
CA ILE A 656 25.19 25.09 -10.12
C ILE A 656 25.16 26.61 -9.99
N TYR A 657 24.56 27.12 -8.90
CA TYR A 657 24.37 28.51 -8.62
C TYR A 657 25.70 29.23 -8.46
N HIS A 658 26.64 28.71 -7.72
CA HIS A 658 27.93 29.43 -7.54
C HIS A 658 28.72 29.39 -8.82
N HIS A 659 28.74 28.33 -9.60
CA HIS A 659 29.43 28.32 -10.88
C HIS A 659 28.78 29.42 -11.73
N LEU A 660 27.44 29.41 -11.86
CA LEU A 660 26.73 30.39 -12.65
C LEU A 660 27.02 31.81 -12.20
N ARG A 661 26.91 32.12 -10.93
CA ARG A 661 27.14 33.50 -10.47
C ARG A 661 28.58 33.93 -10.67
N GLU A 662 29.55 33.04 -10.64
CA GLU A 662 30.96 33.38 -10.88
C GLU A 662 31.11 33.71 -12.35
N LEU A 663 30.49 32.96 -13.27
CA LEU A 663 30.57 33.34 -14.68
C LEU A 663 30.08 34.78 -14.83
N TYR A 664 28.99 35.19 -14.17
CA TYR A 664 28.44 36.52 -14.29
C TYR A 664 29.45 37.48 -13.68
N GLN A 665 30.09 37.10 -12.62
CA GLN A 665 31.05 38.01 -11.98
C GLN A 665 32.18 38.35 -12.93
N SER A 666 32.69 37.39 -13.69
CA SER A 666 33.81 37.65 -14.61
C SER A 666 33.42 37.99 -16.05
N GLU A 667 32.25 37.69 -16.59
CA GLU A 667 31.96 37.99 -17.98
C GLU A 667 30.86 39.06 -18.04
N GLY A 668 30.17 39.37 -16.94
CA GLY A 668 28.97 40.21 -16.97
C GLY A 668 27.88 39.43 -17.76
N GLY A 669 26.80 40.07 -18.18
CA GLY A 669 25.76 39.39 -18.95
C GLY A 669 24.50 40.22 -18.78
N LYS A 670 23.33 39.68 -19.12
CA LYS A 670 22.08 40.38 -18.88
C LYS A 670 21.54 40.01 -17.49
N GLY A 671 20.65 40.84 -16.94
CA GLY A 671 20.04 40.64 -15.63
C GLY A 671 21.03 40.37 -14.49
N VAL A 672 22.20 41.00 -14.52
CA VAL A 672 23.24 40.75 -13.56
C VAL A 672 22.85 41.11 -12.14
N GLU A 673 22.28 42.30 -12.00
CA GLU A 673 21.99 42.81 -10.66
C GLU A 673 21.02 41.97 -9.86
N PRO A 674 19.81 41.68 -10.38
CA PRO A 674 18.86 40.87 -9.63
C PRO A 674 19.49 39.55 -9.21
N LEU A 675 20.27 38.90 -10.06
CA LEU A 675 20.88 37.63 -9.74
C LEU A 675 21.91 37.78 -8.60
N MET A 676 22.82 38.75 -8.70
CA MET A 676 23.89 38.93 -7.74
C MET A 676 23.45 39.54 -6.42
N LYS A 677 22.31 40.22 -6.33
CA LYS A 677 21.84 40.75 -5.05
C LYS A 677 21.13 39.70 -4.17
N MET A 678 20.70 38.55 -4.71
CA MET A 678 20.07 37.56 -3.84
C MET A 678 21.02 37.10 -2.75
N SER A 679 20.63 37.03 -1.48
CA SER A 679 21.53 36.55 -0.44
C SER A 679 21.68 35.02 -0.42
N TRP A 680 22.85 34.56 0.04
CA TRP A 680 23.16 33.14 0.16
C TRP A 680 24.10 33.11 1.37
N ASN A 681 23.57 33.70 2.44
CA ASN A 681 24.30 33.83 3.70
C ASN A 681 24.42 32.62 4.62
N TYR A 682 25.08 31.57 4.16
CA TYR A 682 25.20 30.31 4.89
C TYR A 682 26.62 30.21 5.36
N LYS A 683 26.91 29.58 6.49
CA LYS A 683 28.32 29.45 6.92
C LYS A 683 29.19 28.70 5.93
N GLN A 684 28.69 27.68 5.28
CA GLN A 684 29.38 27.04 4.16
C GLN A 684 28.48 27.25 2.95
N PRO A 685 28.75 28.22 2.09
CA PRO A 685 27.94 28.51 0.94
C PRO A 685 27.71 27.36 -0.01
N HIS A 686 28.60 26.40 -0.10
CA HIS A 686 28.36 25.25 -0.94
C HIS A 686 27.54 24.17 -0.22
N GLU A 687 27.23 24.31 1.05
CA GLU A 687 26.49 23.34 1.82
C GLU A 687 25.61 24.06 2.86
N PRO A 688 24.55 24.70 2.42
CA PRO A 688 23.64 25.39 3.33
C PRO A 688 23.00 24.33 4.24
N GLN A 689 22.94 24.62 5.53
CA GLN A 689 22.42 23.68 6.49
C GLN A 689 20.92 23.90 6.73
N SER A 690 20.16 22.83 7.01
CA SER A 690 18.73 22.89 7.23
C SER A 690 18.35 23.83 8.34
N ASP A 691 19.00 23.80 9.50
CA ASP A 691 18.70 24.78 10.55
C ASP A 691 18.92 26.22 10.11
N GLU A 692 19.88 26.60 9.29
CA GLU A 692 20.07 27.98 8.89
C GLU A 692 18.86 28.40 8.09
N VAL A 693 18.45 27.61 7.09
CA VAL A 693 17.29 27.95 6.26
C VAL A 693 16.01 27.96 7.08
N ALA A 694 15.80 26.99 7.98
CA ALA A 694 14.59 26.97 8.80
C ALA A 694 14.45 28.23 9.62
N LYS A 695 15.56 28.71 10.20
CA LYS A 695 15.63 29.97 10.97
C LYS A 695 15.35 31.19 10.12
N GLU A 696 15.82 31.23 8.86
CA GLU A 696 15.48 32.32 7.97
C GLU A 696 13.97 32.28 7.74
N ASN A 697 13.34 31.12 7.49
CA ASN A 697 11.89 31.04 7.27
C ASN A 697 11.19 31.56 8.51
N ASN A 698 11.62 31.18 9.71
CA ASN A 698 11.00 31.72 10.94
C ASN A 698 11.11 33.25 10.95
N GLY A 699 12.34 33.77 10.89
CA GLY A 699 12.52 35.19 10.81
C GLY A 699 13.19 35.77 12.03
N TYR A 700 13.80 36.95 11.82
CA TYR A 700 14.61 37.61 12.82
C TYR A 700 14.32 39.11 12.99
N ALA A 701 14.63 39.58 14.21
CA ALA A 701 14.54 41.01 14.51
C ALA A 701 15.89 41.62 14.09
N LEU A 702 15.89 42.62 13.22
CA LEU A 702 17.14 43.18 12.69
C LEU A 702 17.60 44.40 13.49
N GLU A 703 16.76 44.86 14.39
CA GLU A 703 16.99 45.94 15.31
C GLU A 703 16.22 45.59 16.59
N ASP A 704 16.51 46.19 17.75
CA ASP A 704 15.66 45.93 18.92
C ASP A 704 14.23 46.39 18.61
N LEU A 705 13.20 45.69 19.04
CA LEU A 705 11.82 46.03 18.68
C LEU A 705 11.05 46.23 19.97
N TYR A 706 10.23 47.25 19.98
CA TYR A 706 9.41 47.66 21.13
C TYR A 706 7.90 47.74 20.84
N ASP A 707 7.08 47.40 21.85
CA ASP A 707 5.62 47.40 21.63
C ASP A 707 5.24 48.88 21.74
N ALA A 708 3.92 49.13 21.64
CA ALA A 708 3.45 50.52 21.78
C ALA A 708 3.63 51.13 23.18
N ASN A 709 3.77 50.29 24.20
CA ASN A 709 3.92 50.75 25.58
C ASN A 709 5.41 50.97 25.91
N GLY A 710 6.33 50.74 24.96
CA GLY A 710 7.74 50.96 25.20
C GLY A 710 8.48 49.77 25.80
N VAL A 711 7.80 48.62 25.78
CA VAL A 711 8.34 47.36 26.29
C VAL A 711 9.10 46.56 25.21
N LEU A 712 10.33 46.13 25.50
CA LEU A 712 11.09 45.38 24.51
C LEU A 712 10.30 44.12 24.12
N ILE A 713 10.09 43.89 22.80
CA ILE A 713 9.50 42.64 22.38
C ILE A 713 10.54 41.68 21.81
N ALA A 714 11.61 42.23 21.26
CA ALA A 714 12.70 41.40 20.76
C ALA A 714 13.99 42.18 20.65
N LYS A 715 15.13 41.57 20.86
CA LYS A 715 16.42 42.19 20.69
C LYS A 715 16.96 41.94 19.27
N LYS A 716 17.77 42.87 18.82
CA LYS A 716 18.46 42.72 17.55
C LYS A 716 19.14 41.37 17.41
N GLY A 717 18.91 40.64 16.34
CA GLY A 717 19.63 39.37 16.21
C GLY A 717 18.85 38.15 16.67
N GLN A 718 17.80 38.32 17.42
CA GLN A 718 16.98 37.24 17.90
C GLN A 718 15.94 36.74 16.92
N LEU A 719 15.60 35.46 17.08
CA LEU A 719 14.58 34.84 16.25
C LEU A 719 13.24 35.42 16.74
N LEU A 720 12.32 35.74 15.82
CA LEU A 720 10.99 36.20 16.20
C LEU A 720 10.10 35.08 16.74
N SER A 721 9.16 35.42 17.62
CA SER A 721 8.24 34.41 18.13
C SER A 721 6.84 34.46 17.54
N SER A 722 6.50 35.48 16.76
CA SER A 722 5.22 35.51 16.07
C SER A 722 5.23 36.48 14.90
N PHE A 723 4.45 36.20 13.83
CA PHE A 723 4.34 37.06 12.67
C PHE A 723 3.70 38.36 13.12
N ALA A 724 3.04 38.47 14.27
CA ALA A 724 2.52 39.70 14.82
C ALA A 724 3.64 40.73 15.01
N HIS A 725 4.90 40.31 15.14
CA HIS A 725 6.01 41.23 15.37
C HIS A 725 6.68 41.65 14.09
N LEU A 726 6.26 41.11 12.92
CA LEU A 726 6.85 41.55 11.64
C LEU A 726 6.47 42.99 11.33
N ARG A 727 7.39 43.79 10.83
CA ARG A 727 7.15 45.17 10.49
C ARG A 727 7.39 45.51 9.03
N ASP A 728 6.79 46.64 8.58
CA ASP A 728 7.01 47.01 7.16
C ASP A 728 8.10 48.08 7.01
N ASP A 729 8.96 48.30 7.98
CA ASP A 729 9.99 49.31 7.90
C ASP A 729 11.41 48.80 7.77
N GLY A 730 11.60 47.52 7.42
CA GLY A 730 12.98 47.05 7.25
C GLY A 730 13.67 46.59 8.50
N THR A 731 13.04 46.59 9.65
CA THR A 731 13.59 46.09 10.90
C THR A 731 13.31 44.62 11.19
N THR A 732 12.55 43.93 10.32
CA THR A 732 12.33 42.51 10.52
C THR A 732 12.57 41.74 9.20
N ALA A 733 13.02 40.50 9.29
CA ALA A 733 13.12 39.64 8.13
C ALA A 733 12.41 38.30 8.37
N SER A 734 11.83 37.70 7.36
CA SER A 734 11.22 36.40 7.40
C SER A 734 11.07 35.87 5.99
N SER A 735 11.59 34.75 5.57
CA SER A 735 11.30 34.27 4.23
C SER A 735 10.00 33.49 4.16
N CYS A 736 9.10 33.43 5.14
CA CYS A 736 7.87 32.68 5.12
C CYS A 736 7.11 33.13 6.37
N TRP A 737 6.36 34.20 6.28
CA TRP A 737 5.66 34.75 7.45
C TRP A 737 4.73 33.81 8.19
N ILE A 738 4.08 32.83 7.56
CA ILE A 738 3.16 31.95 8.26
C ILE A 738 3.94 30.94 9.09
N TYR A 739 5.24 30.87 8.93
CA TYR A 739 6.14 29.97 9.62
C TYR A 739 6.77 30.64 10.83
N THR A 740 6.41 31.88 11.11
CA THR A 740 7.01 32.58 12.25
C THR A 740 6.46 31.94 13.52
N GLY A 741 7.34 31.39 14.35
CA GLY A 741 6.99 30.70 15.56
C GLY A 741 7.54 29.30 15.49
N SER A 742 7.94 28.81 14.32
CA SER A 742 8.37 27.44 14.15
C SER A 742 9.70 27.20 14.80
N TRP A 743 10.60 28.18 14.80
CA TRP A 743 11.92 28.02 15.38
C TRP A 743 12.28 29.36 16.01
N THR A 744 12.00 29.54 17.27
CA THR A 744 12.20 30.72 18.04
C THR A 744 13.38 30.71 18.99
N GLU A 745 13.41 31.67 19.93
CA GLU A 745 14.46 31.71 20.94
C GLU A 745 14.31 30.57 21.92
N GLN A 746 13.16 29.91 21.99
CA GLN A 746 12.85 28.74 22.77
C GLN A 746 13.25 27.48 22.04
N GLY A 747 13.66 27.53 20.78
CA GLY A 747 14.18 26.41 20.04
C GLY A 747 13.41 25.92 18.87
N ASN A 748 13.84 24.83 18.28
CA ASN A 748 13.12 24.22 17.17
C ASN A 748 11.81 23.61 17.63
N GLN A 749 10.69 24.31 17.40
CA GLN A 749 9.39 23.77 17.77
C GLN A 749 8.89 22.62 16.92
N MET A 750 9.50 22.40 15.77
CA MET A 750 9.21 21.35 14.82
C MET A 750 9.76 20.02 15.28
N ALA A 751 10.61 20.04 16.28
CA ALA A 751 11.14 18.88 16.96
C ALA A 751 10.41 18.58 18.28
N ASN A 752 9.38 19.31 18.67
CA ASN A 752 8.63 18.99 19.88
C ASN A 752 7.90 17.66 19.83
N ARG A 753 8.05 16.86 20.87
CA ARG A 753 7.56 15.50 20.98
C ARG A 753 6.72 15.27 22.22
N ASP A 754 5.86 16.19 22.65
CA ASP A 754 4.90 15.98 23.70
C ASP A 754 3.55 15.54 23.15
N ASN A 755 3.13 14.29 23.29
CA ASN A 755 1.86 13.89 22.71
C ASN A 755 0.66 14.04 23.63
N SER A 756 0.73 14.86 24.66
CA SER A 756 -0.35 15.09 25.58
C SER A 756 -1.60 15.62 24.92
N ASP A 757 -2.78 15.15 25.26
CA ASP A 757 -4.08 15.56 24.74
C ASP A 757 -5.04 15.77 25.91
N PRO A 758 -4.86 16.86 26.68
CA PRO A 758 -5.60 17.15 27.89
C PRO A 758 -7.12 17.13 27.75
N SER A 759 -7.70 17.60 26.68
CA SER A 759 -9.15 17.60 26.43
C SER A 759 -9.71 16.23 25.99
N GLY A 760 -8.91 15.28 25.50
CA GLY A 760 -9.52 14.04 24.98
C GLY A 760 -10.05 14.18 23.57
N LEU A 761 -9.94 15.35 22.97
CA LEU A 761 -10.34 15.58 21.61
C LEU A 761 -9.27 15.28 20.55
N GLY A 762 -8.11 14.79 21.02
CA GLY A 762 -7.02 14.42 20.12
C GLY A 762 -6.24 15.62 19.63
N ASN A 763 -6.35 16.74 20.29
CA ASN A 763 -5.50 17.90 19.94
C ASN A 763 -4.18 17.92 20.73
N THR A 764 -3.06 17.78 20.02
CA THR A 764 -1.76 17.66 20.70
C THR A 764 -0.92 18.85 20.32
N LEU A 765 -1.09 19.97 20.98
CA LEU A 765 -0.35 21.20 20.77
C LEU A 765 1.13 21.09 21.05
N GLY A 766 1.61 20.05 21.70
CA GLY A 766 3.02 19.89 22.00
C GLY A 766 3.74 19.00 21.04
N TRP A 767 3.11 18.44 20.01
CA TRP A 767 3.79 17.60 19.02
C TRP A 767 4.05 18.41 17.73
N ALA A 768 5.32 18.66 17.40
CA ALA A 768 5.67 19.43 16.23
C ALA A 768 5.04 20.82 16.37
N TRP A 769 4.96 21.54 15.25
CA TRP A 769 4.38 22.90 15.29
C TRP A 769 3.55 23.14 14.06
N ALA A 770 2.33 23.59 14.20
CA ALA A 770 1.48 23.80 13.04
C ALA A 770 1.40 25.28 12.67
N TRP A 771 1.18 25.60 11.40
CA TRP A 771 0.94 27.01 11.04
C TRP A 771 -0.56 27.17 10.87
N PRO A 772 -1.10 28.32 11.19
CA PRO A 772 -0.41 29.48 11.68
C PRO A 772 -0.44 29.57 13.21
N LEU A 773 0.67 29.97 13.86
CA LEU A 773 0.76 30.10 15.30
C LEU A 773 0.23 28.91 16.06
N ASN A 774 0.56 27.69 15.62
CA ASN A 774 0.15 26.48 16.31
C ASN A 774 -1.35 26.33 16.50
N ARG A 775 -2.22 26.91 15.69
CA ARG A 775 -3.66 26.69 15.64
C ARG A 775 -3.91 25.37 14.93
N ARG A 776 -4.42 24.33 15.58
CA ARG A 776 -4.59 23.04 14.90
C ARG A 776 -5.90 22.99 14.15
N VAL A 777 -6.95 23.69 14.57
CA VAL A 777 -8.28 23.63 13.93
C VAL A 777 -8.57 25.03 13.45
N LEU A 778 -8.48 25.31 12.16
CA LEU A 778 -8.73 26.64 11.60
C LEU A 778 -10.19 26.99 11.82
N TYR A 779 -10.47 28.29 11.94
CA TYR A 779 -11.81 28.87 11.98
C TYR A 779 -12.46 28.42 13.27
N ASN A 780 -11.71 28.15 14.32
CA ASN A 780 -12.25 27.67 15.56
C ASN A 780 -13.07 28.66 16.38
N ARG A 781 -13.12 29.94 16.06
CA ARG A 781 -14.11 30.81 16.70
C ARG A 781 -15.56 30.39 16.33
N ALA A 782 -15.80 29.77 15.17
CA ALA A 782 -17.10 29.27 14.77
C ALA A 782 -17.48 28.00 15.56
N SER A 783 -16.64 27.50 16.49
CA SER A 783 -16.99 26.29 17.22
C SER A 783 -17.91 26.68 18.39
N ALA A 784 -18.08 28.01 18.51
CA ALA A 784 -19.02 28.59 19.46
C ALA A 784 -19.99 29.58 18.78
N ASP A 785 -21.13 29.81 19.44
CA ASP A 785 -22.17 30.67 18.87
C ASP A 785 -21.83 32.14 19.08
N ILE A 786 -22.76 33.04 18.73
CA ILE A 786 -22.40 34.48 18.81
C ILE A 786 -22.13 34.95 20.24
N ASN A 787 -22.73 34.27 21.23
CA ASN A 787 -22.48 34.63 22.63
C ASN A 787 -21.27 33.87 23.17
N GLY A 788 -20.50 33.14 22.35
CA GLY A 788 -19.38 32.42 22.97
C GLY A 788 -19.72 31.05 23.53
N LYS A 789 -20.92 30.54 23.38
CA LYS A 789 -21.21 29.22 23.92
C LYS A 789 -21.00 28.13 22.88
N PRO A 790 -20.33 27.07 23.26
CA PRO A 790 -20.01 26.00 22.34
C PRO A 790 -21.25 25.51 21.62
N TRP A 791 -21.15 25.19 20.30
CA TRP A 791 -22.31 24.54 19.68
C TRP A 791 -22.55 23.20 20.38
N ASP A 792 -21.51 22.47 20.75
CA ASP A 792 -21.59 21.17 21.41
C ASP A 792 -20.69 21.28 22.64
N PRO A 793 -21.24 21.29 23.83
CA PRO A 793 -20.49 21.43 25.08
C PRO A 793 -19.52 20.30 25.40
N LYS A 794 -19.64 19.13 24.74
CA LYS A 794 -18.63 18.09 24.78
C LYS A 794 -17.48 18.31 23.80
N ARG A 795 -17.52 19.33 22.96
CA ARG A 795 -16.46 19.65 22.04
C ARG A 795 -16.17 21.15 22.12
N MET A 796 -15.72 21.64 23.26
CA MET A 796 -15.32 23.06 23.33
C MET A 796 -13.90 23.23 22.81
N LEU A 797 -13.68 24.15 21.87
CA LEU A 797 -12.32 24.36 21.36
C LEU A 797 -11.82 25.64 22.00
N ILE A 798 -12.64 26.68 22.01
CA ILE A 798 -12.25 27.99 22.54
C ILE A 798 -13.42 28.54 23.35
N GLN A 799 -13.18 29.40 24.32
CA GLN A 799 -14.16 30.03 25.18
C GLN A 799 -13.62 31.36 25.73
N TRP A 800 -14.55 32.24 26.06
CA TRP A 800 -14.25 33.62 26.48
C TRP A 800 -14.13 33.72 28.01
N ASN A 801 -13.01 34.26 28.50
CA ASN A 801 -12.82 34.26 29.96
C ASN A 801 -13.09 35.64 30.58
N GLY A 802 -13.60 36.53 29.75
CA GLY A 802 -13.93 37.86 30.21
C GLY A 802 -12.94 38.85 29.64
N SER A 803 -11.78 38.40 29.24
CA SER A 803 -10.86 39.35 28.54
C SER A 803 -10.08 38.74 27.36
N LYS A 804 -10.06 37.40 27.23
CA LYS A 804 -9.42 36.78 26.08
C LYS A 804 -10.10 35.45 25.77
N TRP A 805 -9.83 34.94 24.56
CA TRP A 805 -10.32 33.60 24.22
C TRP A 805 -9.25 32.57 24.61
N THR A 806 -9.61 31.43 25.20
CA THR A 806 -8.65 30.42 25.62
C THR A 806 -9.33 29.07 25.40
N GLY A 807 -8.70 27.93 25.61
CA GLY A 807 -9.40 26.68 25.40
C GLY A 807 -8.51 25.50 25.07
N ASN A 808 -9.09 24.56 24.32
CA ASN A 808 -8.35 23.35 23.96
C ASN A 808 -7.58 23.49 22.66
N ASP A 809 -7.68 24.63 22.01
CA ASP A 809 -6.88 24.87 20.79
C ASP A 809 -6.39 26.31 20.85
N ILE A 810 -5.43 26.74 20.04
CA ILE A 810 -5.08 28.19 20.08
C ILE A 810 -6.17 28.88 19.28
N PRO A 811 -6.81 29.93 19.78
CA PRO A 811 -7.86 30.61 19.02
C PRO A 811 -7.44 31.17 17.68
N ASP A 812 -8.20 30.84 16.62
CA ASP A 812 -7.86 31.38 15.27
C ASP A 812 -8.66 32.68 15.20
N PHE A 813 -8.28 33.66 16.01
CA PHE A 813 -9.10 34.85 16.20
C PHE A 813 -8.32 35.87 17.00
N GLY A 814 -8.84 37.07 17.06
CA GLY A 814 -8.23 38.15 17.84
C GLY A 814 -8.94 38.12 19.21
N ASN A 815 -9.11 39.29 19.81
CA ASN A 815 -9.74 39.35 21.14
C ASN A 815 -11.14 39.95 21.10
N ALA A 816 -11.83 39.97 19.97
CA ALA A 816 -13.19 40.52 19.95
C ALA A 816 -14.10 39.76 20.91
N ALA A 817 -14.80 40.48 21.80
CA ALA A 817 -15.70 39.83 22.74
C ALA A 817 -16.99 39.34 22.07
N PRO A 818 -17.59 38.33 22.67
CA PRO A 818 -18.81 37.72 22.18
C PRO A 818 -19.87 38.78 21.97
N GLY A 819 -20.74 38.67 20.98
CA GLY A 819 -21.69 39.75 20.73
C GLY A 819 -21.23 40.90 19.85
N THR A 820 -19.95 41.11 19.57
CA THR A 820 -19.46 42.12 18.62
C THR A 820 -19.64 41.56 17.21
N PRO A 821 -19.52 42.41 16.19
CA PRO A 821 -19.74 42.08 14.81
C PRO A 821 -18.61 41.40 14.07
N THR A 822 -17.50 41.16 14.72
CA THR A 822 -16.31 40.54 14.14
C THR A 822 -16.52 39.06 13.80
N GLY A 823 -16.40 38.73 12.49
CA GLY A 823 -16.64 37.41 11.95
C GLY A 823 -15.49 36.46 12.26
N PRO A 824 -15.77 35.15 12.31
CA PRO A 824 -14.77 34.16 12.66
C PRO A 824 -13.82 33.78 11.52
N PHE A 825 -14.09 34.23 10.27
CA PHE A 825 -13.15 33.90 9.18
C PHE A 825 -12.24 35.11 9.02
N ILE A 826 -11.14 35.12 9.80
CA ILE A 826 -10.31 36.33 9.88
C ILE A 826 -9.48 36.75 8.71
N MET A 827 -9.31 35.96 7.67
CA MET A 827 -8.56 36.32 6.47
C MET A 827 -9.53 36.88 5.42
N GLN A 828 -10.85 36.79 5.65
CA GLN A 828 -11.83 37.30 4.72
C GLN A 828 -12.06 38.78 5.07
N PRO A 829 -12.10 39.66 4.06
CA PRO A 829 -12.42 41.08 4.28
C PRO A 829 -13.80 41.33 4.87
N GLU A 830 -14.76 40.39 4.78
CA GLU A 830 -16.08 40.52 5.37
C GLU A 830 -16.20 39.63 6.61
N GLY A 831 -15.14 38.87 6.98
CA GLY A 831 -15.20 38.00 8.14
C GLY A 831 -16.18 36.84 8.09
N MET A 832 -16.72 36.42 6.96
CA MET A 832 -17.64 35.33 6.77
C MET A 832 -17.26 34.29 5.69
N GLY A 833 -17.92 33.11 5.87
CA GLY A 833 -17.80 32.03 4.89
C GLY A 833 -18.64 32.44 3.67
N ARG A 834 -18.13 32.37 2.45
CA ARG A 834 -18.89 32.75 1.29
C ARG A 834 -19.70 31.61 0.69
N LEU A 835 -21.03 31.77 0.71
CA LEU A 835 -21.94 30.94 -0.05
C LEU A 835 -21.88 31.44 -1.50
N PHE A 836 -21.76 32.76 -1.71
CA PHE A 836 -21.68 33.41 -3.03
C PHE A 836 -20.27 33.97 -3.15
N ALA A 837 -19.52 33.47 -4.12
CA ALA A 837 -18.09 33.78 -4.14
C ALA A 837 -17.66 35.04 -4.85
N ILE A 838 -18.54 36.04 -4.88
CA ILE A 838 -18.26 37.33 -5.50
C ILE A 838 -17.47 37.17 -6.80
N ASN A 839 -16.39 37.90 -7.01
CA ASN A 839 -15.66 37.82 -8.27
C ASN A 839 -14.40 37.00 -8.20
N LYS A 840 -14.33 36.00 -7.31
CA LYS A 840 -13.10 35.23 -7.13
C LYS A 840 -12.94 34.01 -8.03
N MET A 841 -14.03 33.37 -8.43
CA MET A 841 -13.91 32.21 -9.28
C MET A 841 -13.99 32.56 -10.77
N ALA A 842 -13.26 31.94 -11.68
CA ALA A 842 -13.31 32.18 -13.10
C ALA A 842 -14.66 31.87 -13.71
N GLU A 843 -15.39 30.85 -13.31
CA GLU A 843 -16.66 30.49 -13.94
C GLU A 843 -17.95 30.73 -13.18
N GLY A 844 -17.93 31.56 -12.15
CA GLY A 844 -19.19 31.86 -11.47
C GLY A 844 -19.12 31.88 -9.97
N PRO A 845 -19.94 32.72 -9.34
CA PRO A 845 -19.99 32.87 -7.89
C PRO A 845 -20.76 31.78 -7.19
N PHE A 846 -21.40 30.92 -7.94
CA PHE A 846 -22.10 29.72 -7.52
C PHE A 846 -21.69 28.60 -8.49
N PRO A 847 -21.57 27.37 -7.99
CA PRO A 847 -21.13 26.25 -8.82
C PRO A 847 -22.25 25.94 -9.82
N GLU A 848 -21.86 25.36 -10.95
CA GLU A 848 -22.85 24.92 -11.93
C GLU A 848 -22.38 23.68 -12.70
N HIS A 849 -23.27 22.70 -12.95
CA HIS A 849 -22.83 21.48 -13.62
C HIS A 849 -22.37 21.68 -15.03
N TYR A 850 -21.21 21.31 -15.41
CA TYR A 850 -20.70 21.31 -16.79
C TYR A 850 -20.05 19.91 -17.01
N GLU A 851 -20.24 19.30 -18.16
CA GLU A 851 -19.66 18.01 -18.44
C GLU A 851 -18.18 18.03 -18.79
N PRO A 852 -17.50 16.90 -18.59
CA PRO A 852 -16.08 16.85 -18.90
C PRO A 852 -15.92 17.19 -20.39
N ILE A 853 -14.73 17.63 -20.82
CA ILE A 853 -14.48 17.89 -22.22
C ILE A 853 -14.78 16.64 -23.07
N GLU A 854 -14.31 15.46 -22.68
CA GLU A 854 -14.67 14.22 -23.36
C GLU A 854 -15.79 13.62 -22.47
N THR A 855 -17.01 13.82 -22.93
CA THR A 855 -18.16 13.24 -22.17
C THR A 855 -18.87 12.11 -22.88
N PRO A 856 -19.25 11.04 -22.17
CA PRO A 856 -19.96 9.92 -22.79
C PRO A 856 -21.34 10.26 -23.33
N LEU A 857 -21.91 11.41 -23.00
CA LEU A 857 -23.25 11.78 -23.40
C LEU A 857 -23.15 12.67 -24.61
N GLY A 858 -22.06 13.42 -24.77
CA GLY A 858 -21.92 14.36 -25.90
C GLY A 858 -22.83 15.59 -25.74
N THR A 859 -23.43 15.76 -24.58
CA THR A 859 -24.32 16.87 -24.30
C THR A 859 -24.46 17.05 -22.78
N ASN A 860 -25.12 18.11 -22.33
CA ASN A 860 -25.30 18.37 -20.89
C ASN A 860 -26.78 18.47 -20.63
N PRO A 861 -27.41 17.47 -19.99
CA PRO A 861 -28.86 17.46 -19.81
C PRO A 861 -29.44 18.65 -19.08
N LEU A 862 -28.68 19.40 -18.28
CA LEU A 862 -29.20 20.59 -17.61
C LEU A 862 -29.32 21.78 -18.57
N HIS A 863 -28.40 21.87 -19.56
CA HIS A 863 -28.44 23.02 -20.50
C HIS A 863 -27.57 22.66 -21.71
N PRO A 864 -28.21 22.10 -22.76
CA PRO A 864 -27.48 21.56 -23.92
C PRO A 864 -26.79 22.61 -24.74
N ASN A 865 -27.12 23.89 -24.50
CA ASN A 865 -26.43 24.99 -25.15
C ASN A 865 -25.03 25.25 -24.59
N VAL A 866 -24.80 24.82 -23.34
CA VAL A 866 -23.51 25.04 -22.67
C VAL A 866 -23.11 23.65 -22.14
N VAL A 867 -22.38 22.90 -22.96
CA VAL A 867 -22.03 21.55 -22.46
C VAL A 867 -20.93 21.51 -21.41
N SER A 868 -19.77 22.05 -21.73
CA SER A 868 -18.62 22.08 -20.85
C SER A 868 -18.32 23.48 -20.35
N ASN A 869 -17.49 23.59 -19.33
CA ASN A 869 -17.20 24.87 -18.67
C ASN A 869 -16.94 25.93 -19.74
N PRO A 870 -17.68 27.03 -19.74
CA PRO A 870 -17.52 28.06 -20.77
C PRO A 870 -16.28 28.93 -20.68
N VAL A 871 -15.45 28.80 -19.67
CA VAL A 871 -14.23 29.58 -19.50
C VAL A 871 -13.04 28.67 -19.62
N VAL A 872 -13.26 27.37 -19.90
CA VAL A 872 -12.11 26.44 -20.02
C VAL A 872 -11.16 26.94 -21.12
N ARG A 873 -9.86 26.87 -20.89
CA ARG A 873 -8.84 27.19 -21.91
C ARG A 873 -8.48 25.84 -22.56
N LEU A 874 -8.59 25.80 -23.90
CA LEU A 874 -8.25 24.57 -24.64
C LEU A 874 -7.45 24.97 -25.90
N TYR A 875 -6.13 24.71 -25.89
CA TYR A 875 -5.33 25.10 -27.05
C TYR A 875 -5.79 24.31 -28.26
N GLU A 876 -5.78 24.93 -29.43
CA GLU A 876 -6.18 24.29 -30.69
C GLU A 876 -5.50 22.94 -30.97
N GLN A 877 -4.16 22.86 -30.82
CA GLN A 877 -3.50 21.53 -30.89
C GLN A 877 -4.06 20.45 -29.96
N ASP A 878 -4.52 20.82 -28.75
CA ASP A 878 -5.10 19.82 -27.85
C ASP A 878 -6.54 19.53 -28.27
N ALA A 879 -7.22 20.54 -28.84
CA ALA A 879 -8.62 20.29 -29.26
C ALA A 879 -8.69 19.22 -30.35
N LEU A 880 -7.72 19.19 -31.24
CA LEU A 880 -7.58 18.18 -32.27
C LEU A 880 -7.28 16.80 -31.70
N ARG A 881 -6.79 16.69 -30.46
CA ARG A 881 -6.47 15.41 -29.85
C ARG A 881 -7.59 14.99 -28.88
N MET A 882 -8.80 15.56 -28.97
CA MET A 882 -9.92 15.12 -28.15
C MET A 882 -10.79 14.12 -28.89
N GLY A 883 -11.27 13.12 -28.15
CA GLY A 883 -12.08 12.10 -28.85
C GLY A 883 -13.56 12.35 -28.62
N LYS A 884 -14.41 11.61 -29.34
CA LYS A 884 -15.85 11.65 -29.13
C LYS A 884 -16.38 10.25 -28.82
N LYS A 885 -17.57 10.17 -28.25
CA LYS A 885 -18.18 8.97 -27.77
C LYS A 885 -18.47 7.95 -28.84
N GLU A 886 -18.52 8.35 -30.12
CA GLU A 886 -18.76 7.35 -31.18
C GLU A 886 -17.55 6.42 -31.33
N GLN A 887 -16.35 6.97 -31.11
CA GLN A 887 -15.17 6.12 -31.14
C GLN A 887 -14.65 5.63 -29.81
N PHE A 888 -14.85 6.42 -28.74
CA PHE A 888 -14.38 6.11 -27.39
C PHE A 888 -15.58 6.24 -26.48
N PRO A 889 -16.38 5.19 -26.38
CA PRO A 889 -17.65 5.26 -25.64
C PRO A 889 -17.70 5.18 -24.12
N TYR A 890 -16.56 4.77 -23.53
CA TYR A 890 -16.52 4.54 -22.09
C TYR A 890 -15.80 5.63 -21.32
N VAL A 891 -16.27 5.78 -20.08
CA VAL A 891 -15.60 6.81 -19.26
C VAL A 891 -14.27 6.24 -18.75
N GLY A 892 -13.17 6.98 -18.96
CA GLY A 892 -11.86 6.59 -18.48
C GLY A 892 -11.63 7.44 -17.20
N THR A 893 -11.02 6.82 -16.17
CA THR A 893 -10.67 7.57 -14.97
C THR A 893 -9.39 6.93 -14.47
N THR A 894 -8.49 7.73 -13.89
CA THR A 894 -7.23 7.24 -13.35
C THR A 894 -7.18 7.52 -11.84
N TYR A 895 -6.53 6.59 -11.15
CA TYR A 895 -6.47 6.64 -9.68
C TYR A 895 -5.37 5.74 -9.12
N ARG A 896 -5.31 5.67 -7.76
CA ARG A 896 -4.24 4.96 -7.08
C ARG A 896 -4.67 3.66 -6.42
N LEU A 897 -3.68 2.83 -6.10
CA LEU A 897 -3.89 1.60 -5.34
C LEU A 897 -3.10 1.81 -4.04
N THR A 898 -3.53 1.24 -2.92
CA THR A 898 -2.81 1.43 -1.67
C THR A 898 -1.35 1.00 -1.65
N GLU A 899 -0.99 -0.02 -2.42
CA GLU A 899 0.34 -0.55 -2.36
C GLU A 899 1.43 0.24 -3.07
N HIS A 900 1.08 1.18 -3.94
CA HIS A 900 2.16 1.87 -4.67
C HIS A 900 1.97 3.37 -4.58
N PHE A 901 3.04 4.14 -4.71
CA PHE A 901 3.00 5.59 -4.73
C PHE A 901 3.50 6.01 -6.11
N HIS A 902 2.60 6.62 -6.90
CA HIS A 902 2.87 7.06 -8.25
C HIS A 902 3.70 6.02 -8.98
N THR A 903 4.76 6.41 -9.68
CA THR A 903 5.63 5.43 -10.37
C THR A 903 6.94 5.33 -9.60
N TRP A 904 6.89 5.72 -8.34
CA TRP A 904 8.06 5.69 -7.47
C TRP A 904 8.29 4.37 -6.76
N THR A 905 7.26 3.80 -6.12
CA THR A 905 7.46 2.56 -5.37
C THR A 905 7.65 1.30 -6.19
N LYS A 906 7.50 1.36 -7.51
CA LYS A 906 7.79 0.17 -8.32
C LYS A 906 9.30 -0.02 -8.35
N HIS A 907 10.16 0.91 -7.88
CA HIS A 907 11.57 0.69 -7.74
C HIS A 907 11.93 -0.05 -6.44
N ALA A 908 10.92 -0.30 -5.58
CA ALA A 908 11.14 -0.98 -4.32
C ALA A 908 10.61 -2.41 -4.37
N LEU A 909 11.45 -3.41 -4.19
CA LEU A 909 11.04 -4.81 -4.24
C LEU A 909 9.83 -5.16 -3.38
N LEU A 910 9.73 -4.73 -2.11
CA LEU A 910 8.55 -5.05 -1.29
C LEU A 910 7.23 -4.64 -1.92
N ASN A 911 7.19 -3.42 -2.48
CA ASN A 911 5.96 -2.93 -3.09
C ASN A 911 5.67 -3.59 -4.43
N ALA A 912 6.70 -3.88 -5.22
CA ALA A 912 6.59 -4.65 -6.46
C ALA A 912 6.08 -6.04 -6.20
N ILE A 913 6.41 -6.75 -5.13
CA ILE A 913 5.82 -8.02 -4.78
C ILE A 913 4.31 -7.88 -4.44
N ALA A 914 3.90 -6.79 -3.78
CA ALA A 914 2.53 -6.59 -3.34
C ALA A 914 1.61 -6.31 -4.52
N GLN A 915 2.02 -5.52 -5.53
CA GLN A 915 1.22 -5.32 -6.75
C GLN A 915 2.19 -5.33 -7.93
N PRO A 916 2.51 -6.51 -8.47
CA PRO A 916 3.55 -6.66 -9.45
C PRO A 916 3.30 -6.26 -10.88
N GLU A 917 2.02 -6.29 -11.29
CA GLU A 917 1.74 -6.11 -12.71
C GLU A 917 0.52 -5.30 -13.01
N GLN A 918 0.70 -4.40 -13.97
CA GLN A 918 -0.36 -3.51 -14.40
C GLN A 918 -1.69 -4.17 -14.79
N PHE A 919 -2.76 -3.55 -14.33
CA PHE A 919 -4.11 -4.00 -14.61
C PHE A 919 -5.00 -2.78 -14.80
N VAL A 920 -6.21 -3.05 -15.31
CA VAL A 920 -7.26 -2.05 -15.48
C VAL A 920 -8.56 -2.70 -14.96
N GLU A 921 -9.50 -1.93 -14.44
CA GLU A 921 -10.71 -2.48 -13.88
C GLU A 921 -11.94 -2.21 -14.75
N ILE A 922 -12.73 -3.27 -14.98
CA ILE A 922 -13.92 -3.12 -15.82
C ILE A 922 -15.05 -3.97 -15.25
N SER A 923 -16.29 -3.61 -15.52
CA SER A 923 -17.46 -4.28 -15.00
C SER A 923 -17.68 -5.63 -15.69
N GLU A 924 -18.59 -6.40 -15.07
CA GLU A 924 -18.84 -7.77 -15.61
C GLU A 924 -19.61 -7.59 -16.92
N THR A 925 -20.52 -6.61 -16.93
CA THR A 925 -21.30 -6.30 -18.12
C THR A 925 -20.40 -5.94 -19.30
N LEU A 926 -19.46 -4.98 -19.13
CA LEU A 926 -18.59 -4.63 -20.29
C LEU A 926 -17.75 -5.81 -20.70
N ALA A 927 -17.25 -6.63 -19.74
CA ALA A 927 -16.33 -7.73 -20.08
C ALA A 927 -17.15 -8.74 -20.90
N ALA A 928 -18.39 -8.97 -20.47
CA ALA A 928 -19.20 -9.94 -21.24
C ALA A 928 -19.45 -9.45 -22.66
N ALA A 929 -19.75 -8.15 -22.78
CA ALA A 929 -19.98 -7.55 -24.10
C ALA A 929 -18.77 -7.72 -25.01
N LYS A 930 -17.56 -7.58 -24.46
CA LYS A 930 -16.36 -7.68 -25.29
C LYS A 930 -15.73 -9.07 -25.29
N GLY A 931 -16.29 -9.99 -24.52
CA GLY A 931 -15.71 -11.34 -24.48
C GLY A 931 -14.37 -11.40 -23.79
N ILE A 932 -14.30 -10.58 -22.72
CA ILE A 932 -13.08 -10.57 -21.90
C ILE A 932 -13.32 -11.43 -20.67
N ASN A 933 -12.42 -12.39 -20.44
CA ASN A 933 -12.54 -13.16 -19.21
C ASN A 933 -11.68 -12.48 -18.17
N ASN A 934 -12.02 -12.64 -16.91
CA ASN A 934 -11.16 -12.09 -15.83
C ASN A 934 -9.72 -12.57 -16.06
N GLY A 935 -8.82 -11.59 -16.02
CA GLY A 935 -7.40 -11.89 -16.12
C GLY A 935 -6.84 -11.92 -17.52
N ASP A 936 -7.73 -11.78 -18.50
CA ASP A 936 -7.27 -11.69 -19.89
C ASP A 936 -6.56 -10.33 -20.16
N ARG A 937 -5.69 -10.33 -21.16
CA ARG A 937 -5.05 -9.08 -21.56
C ARG A 937 -6.00 -8.24 -22.43
N VAL A 938 -5.93 -6.91 -22.33
CA VAL A 938 -6.81 -5.99 -23.03
C VAL A 938 -5.96 -4.82 -23.54
N THR A 939 -6.54 -4.11 -24.51
CA THR A 939 -5.93 -2.89 -24.98
C THR A 939 -6.89 -1.72 -24.70
N VAL A 940 -6.45 -0.70 -23.94
CA VAL A 940 -7.30 0.42 -23.52
C VAL A 940 -6.78 1.59 -24.37
N SER A 941 -7.66 2.28 -25.11
CA SER A 941 -7.12 3.38 -25.94
C SER A 941 -8.00 4.63 -25.81
N SER A 942 -7.47 5.78 -26.16
CA SER A 942 -8.13 7.03 -26.26
C SER A 942 -7.62 7.68 -27.57
N LYS A 943 -8.11 8.88 -27.83
CA LYS A 943 -7.74 9.57 -29.05
C LYS A 943 -6.24 9.86 -29.08
N ARG A 944 -5.55 9.92 -27.94
CA ARG A 944 -4.13 10.19 -27.85
C ARG A 944 -3.22 8.98 -27.80
N GLY A 945 -3.64 7.78 -27.45
CA GLY A 945 -2.70 6.68 -27.42
C GLY A 945 -3.37 5.42 -26.87
N PHE A 946 -2.53 4.45 -26.44
CA PHE A 946 -3.06 3.21 -25.90
C PHE A 946 -2.12 2.62 -24.85
N ILE A 947 -2.69 1.72 -24.04
CA ILE A 947 -1.95 0.95 -23.08
C ILE A 947 -2.49 -0.49 -23.17
N ARG A 948 -1.75 -1.48 -22.77
CA ARG A 948 -2.18 -2.85 -22.73
C ARG A 948 -2.05 -3.30 -21.27
N ALA A 949 -2.94 -4.14 -20.78
CA ALA A 949 -2.87 -4.56 -19.40
C ALA A 949 -3.74 -5.77 -19.07
N VAL A 950 -3.61 -6.32 -17.87
CA VAL A 950 -4.46 -7.42 -17.44
C VAL A 950 -5.80 -6.79 -17.07
N ALA A 951 -6.87 -7.53 -17.33
CA ALA A 951 -8.19 -7.05 -16.94
C ALA A 951 -8.71 -7.62 -15.63
N VAL A 952 -9.07 -6.74 -14.70
CA VAL A 952 -9.64 -7.11 -13.40
C VAL A 952 -11.14 -6.85 -13.61
N VAL A 953 -11.91 -7.94 -13.82
CA VAL A 953 -13.35 -7.87 -14.08
C VAL A 953 -14.15 -8.05 -12.80
N THR A 954 -15.01 -7.10 -12.45
CA THR A 954 -15.57 -7.10 -11.10
C THR A 954 -16.90 -6.39 -11.04
N ARG A 955 -17.71 -6.83 -10.08
CA ARG A 955 -18.99 -6.18 -9.75
C ARG A 955 -18.79 -4.84 -9.02
N ARG A 956 -17.53 -4.53 -8.64
CA ARG A 956 -17.19 -3.26 -8.03
C ARG A 956 -17.35 -2.11 -9.01
N LEU A 957 -17.28 -2.36 -10.31
CA LEU A 957 -17.56 -1.39 -11.36
C LEU A 957 -18.87 -1.94 -11.97
N LYS A 958 -19.83 -1.03 -12.13
CA LYS A 958 -21.12 -1.39 -12.73
C LYS A 958 -21.56 -0.21 -13.58
N PRO A 959 -22.20 -0.49 -14.71
CA PRO A 959 -22.68 0.58 -15.57
C PRO A 959 -23.79 1.34 -14.83
N LEU A 960 -23.90 2.63 -15.18
CA LEU A 960 -24.95 3.42 -14.56
C LEU A 960 -25.91 3.86 -15.66
N ASN A 961 -27.16 4.10 -15.28
CA ASN A 961 -28.15 4.60 -16.24
C ASN A 961 -28.08 6.13 -16.21
N VAL A 962 -27.65 6.80 -17.27
CA VAL A 962 -27.45 8.23 -17.30
C VAL A 962 -28.13 8.78 -18.54
N ASN A 963 -29.07 9.71 -18.42
CA ASN A 963 -29.69 10.38 -19.55
C ASN A 963 -30.13 9.39 -20.62
N GLY A 964 -30.80 8.31 -20.21
CA GLY A 964 -31.25 7.33 -21.17
C GLY A 964 -30.23 6.38 -21.75
N GLN A 965 -28.96 6.44 -21.37
CA GLN A 965 -27.93 5.54 -21.87
C GLN A 965 -27.42 4.62 -20.78
N GLN A 966 -26.66 3.60 -21.05
CA GLN A 966 -25.92 2.83 -20.08
C GLN A 966 -24.47 3.35 -20.19
N VAL A 967 -23.91 3.96 -19.15
CA VAL A 967 -22.51 4.41 -19.21
C VAL A 967 -21.58 3.49 -18.42
N GLU A 968 -20.52 3.07 -19.10
CA GLU A 968 -19.55 2.17 -18.45
C GLU A 968 -18.25 2.95 -18.15
N THR A 969 -17.55 2.49 -17.10
CA THR A 969 -16.29 3.16 -16.75
C THR A 969 -15.24 2.08 -16.89
N VAL A 970 -14.07 2.48 -17.36
CA VAL A 970 -12.83 1.71 -17.39
C VAL A 970 -11.85 2.40 -16.43
N GLY A 971 -11.43 1.62 -15.46
CA GLY A 971 -10.51 2.13 -14.42
C GLY A 971 -9.03 1.89 -14.68
N ILE A 972 -8.23 2.97 -14.63
CA ILE A 972 -6.79 2.83 -14.92
C ILE A 972 -5.85 3.30 -13.79
N PRO A 973 -5.34 2.39 -12.97
CA PRO A 973 -4.40 2.71 -11.91
C PRO A 973 -3.19 3.36 -12.53
N ILE A 974 -2.50 4.26 -11.89
CA ILE A 974 -1.31 4.92 -12.42
C ILE A 974 0.06 4.51 -11.98
N HIS A 975 0.34 3.33 -11.46
CA HIS A 975 1.63 2.96 -10.96
C HIS A 975 2.71 2.32 -11.79
N TRP A 976 2.41 1.90 -13.04
CA TRP A 976 3.40 1.16 -13.82
C TRP A 976 4.08 1.99 -14.90
N GLY A 977 5.24 1.51 -15.41
CA GLY A 977 5.91 2.30 -16.43
C GLY A 977 7.06 1.52 -17.02
N PHE A 978 8.13 2.24 -17.40
CA PHE A 978 9.25 1.57 -18.01
C PHE A 978 10.55 1.58 -17.23
N GLU A 979 10.50 2.04 -15.97
CA GLU A 979 11.71 1.90 -15.12
C GLU A 979 11.27 1.24 -13.80
N GLY A 980 12.03 0.33 -13.20
CA GLY A 980 11.59 -0.18 -11.91
C GLY A 980 11.77 -1.68 -11.83
N VAL A 981 11.44 -2.29 -10.71
CA VAL A 981 11.58 -3.73 -10.54
C VAL A 981 10.24 -4.46 -10.65
N ALA A 982 9.12 -3.73 -10.85
CA ALA A 982 7.82 -4.39 -10.95
C ALA A 982 7.78 -4.76 -12.43
N ARG A 983 6.73 -5.48 -12.87
CA ARG A 983 6.76 -5.87 -14.29
C ARG A 983 6.58 -4.65 -15.15
N LYS A 984 7.30 -4.54 -16.26
CA LYS A 984 7.23 -3.36 -17.14
C LYS A 984 5.83 -3.15 -17.64
N GLY A 985 5.40 -1.92 -17.78
CA GLY A 985 4.02 -1.63 -18.19
C GLY A 985 4.04 -0.36 -18.99
N TYR A 986 2.89 0.30 -19.07
CA TYR A 986 2.72 1.54 -19.81
C TYR A 986 2.29 2.71 -18.93
N ILE A 987 2.80 3.90 -19.19
CA ILE A 987 2.41 5.11 -18.45
C ILE A 987 0.92 5.32 -18.64
N ALA A 988 0.12 5.39 -17.58
CA ALA A 988 -1.33 5.60 -17.68
C ALA A 988 -1.69 6.90 -18.39
N ASN A 989 -0.86 7.94 -18.25
CA ASN A 989 -0.98 9.27 -18.84
C ASN A 989 -0.82 9.23 -20.35
N THR A 990 -0.51 8.10 -20.95
CA THR A 990 -0.60 7.94 -22.38
C THR A 990 -2.06 8.15 -22.83
N LEU A 991 -3.06 7.94 -22.00
CA LEU A 991 -4.45 8.08 -22.35
C LEU A 991 -5.07 9.45 -22.04
N THR A 992 -4.56 10.24 -21.10
CA THR A 992 -5.33 11.39 -20.57
C THR A 992 -5.29 12.66 -21.39
N PRO A 993 -6.33 13.50 -21.31
CA PRO A 993 -6.46 14.68 -22.09
C PRO A 993 -5.64 15.83 -21.53
N ASN A 994 -5.16 16.67 -22.45
CA ASN A 994 -4.40 17.85 -22.08
C ASN A 994 -5.24 19.12 -21.96
N VAL A 995 -6.08 19.11 -20.90
CA VAL A 995 -6.96 20.24 -20.59
C VAL A 995 -7.15 20.27 -19.06
N GLY A 996 -7.43 21.46 -18.49
CA GLY A 996 -7.56 21.47 -17.03
C GLY A 996 -8.60 22.45 -16.48
N ASP A 997 -8.63 22.53 -15.13
CA ASP A 997 -9.58 23.39 -14.42
C ASP A 997 -9.47 24.81 -14.95
N ALA A 998 -10.56 25.52 -15.07
CA ALA A 998 -10.57 26.89 -15.54
C ALA A 998 -9.84 27.88 -14.63
N ASN A 999 -9.61 27.55 -13.36
CA ASN A 999 -8.93 28.45 -12.46
C ASN A 999 -7.47 28.11 -12.33
N SER A 1000 -7.13 26.86 -12.01
CA SER A 1000 -5.70 26.55 -11.85
C SER A 1000 -5.01 25.79 -12.96
N GLN A 1001 -5.76 25.32 -13.94
CA GLN A 1001 -5.25 24.59 -15.12
C GLN A 1001 -4.85 23.16 -14.74
N THR A 1002 -5.46 22.64 -13.67
CA THR A 1002 -5.11 21.32 -13.14
C THR A 1002 -5.74 20.32 -14.11
N PRO A 1003 -5.03 19.34 -14.64
CA PRO A 1003 -5.59 18.48 -15.65
C PRO A 1003 -6.79 17.67 -15.27
N GLU A 1004 -7.64 17.35 -16.29
CA GLU A 1004 -8.87 16.57 -16.10
C GLU A 1004 -8.53 15.10 -16.20
N TYR A 1005 -7.73 14.57 -15.30
CA TYR A 1005 -7.27 13.19 -15.31
C TYR A 1005 -8.41 12.24 -14.86
N LYS A 1006 -9.47 12.79 -14.26
CA LYS A 1006 -10.44 11.90 -13.62
C LYS A 1006 -11.67 11.64 -14.47
N ALA A 1007 -11.79 12.31 -15.62
CA ALA A 1007 -13.02 11.97 -16.41
C ALA A 1007 -12.74 12.23 -17.89
N PHE A 1008 -12.58 11.20 -18.68
CA PHE A 1008 -12.27 11.35 -20.09
C PHE A 1008 -12.89 10.18 -20.84
N LEU A 1009 -12.54 9.93 -22.11
CA LEU A 1009 -13.24 8.84 -22.83
C LEU A 1009 -12.24 7.88 -23.43
N VAL A 1010 -12.53 6.59 -23.35
CA VAL A 1010 -11.66 5.55 -23.87
C VAL A 1010 -12.49 4.47 -24.58
N ASN A 1011 -11.76 3.60 -25.26
CA ASN A 1011 -12.32 2.39 -25.86
C ASN A 1011 -11.50 1.21 -25.33
N ILE A 1012 -12.00 -0.02 -25.33
CA ILE A 1012 -11.27 -1.19 -24.89
C ILE A 1012 -11.50 -2.32 -25.89
N GLU A 1013 -10.49 -3.10 -26.18
CA GLU A 1013 -10.52 -4.25 -27.04
C GLU A 1013 -9.72 -5.40 -26.41
N LYS A 1014 -10.10 -6.65 -26.77
CA LYS A 1014 -9.37 -7.83 -26.29
C LYS A 1014 -7.93 -7.76 -26.82
N ALA A 1015 -6.92 -8.21 -26.09
CA ALA A 1015 -5.55 -8.22 -26.56
C ALA A 1015 -4.78 -9.52 -26.30
N ALA B 2 19.10 -26.58 21.96
CA ALA B 2 17.59 -26.53 21.90
C ALA B 2 17.18 -26.52 23.37
N MET B 3 15.91 -26.22 23.64
CA MET B 3 15.38 -26.15 25.00
C MET B 3 16.00 -25.14 25.95
N GLU B 4 16.72 -24.11 25.49
CA GLU B 4 17.34 -23.12 26.34
C GLU B 4 16.30 -22.33 27.12
N THR B 5 15.10 -22.19 26.54
CA THR B 5 14.10 -21.39 27.23
C THR B 5 13.32 -22.17 28.26
N GLN B 6 13.50 -23.47 28.27
CA GLN B 6 12.87 -24.34 29.27
C GLN B 6 11.39 -24.07 29.48
N ASP B 7 10.65 -23.78 28.42
CA ASP B 7 9.20 -23.61 28.47
C ASP B 7 8.51 -24.30 27.26
N ILE B 8 9.08 -25.44 26.82
CA ILE B 8 8.58 -26.14 25.62
C ILE B 8 7.46 -27.12 26.01
N ILE B 9 6.21 -26.81 25.71
CA ILE B 9 5.08 -27.61 26.22
C ILE B 9 4.79 -28.74 25.26
N LYS B 10 5.11 -28.73 24.00
CA LYS B 10 4.85 -29.80 23.04
C LYS B 10 6.03 -29.85 22.09
N ARG B 11 6.46 -31.03 21.66
CA ARG B 11 7.61 -31.16 20.73
C ARG B 11 7.33 -32.32 19.77
N SER B 12 7.47 -32.07 18.48
CA SER B 12 7.16 -33.07 17.47
C SER B 12 7.99 -34.33 17.73
N ALA B 13 7.38 -35.47 17.38
CA ALA B 13 7.99 -36.78 17.34
C ALA B 13 8.80 -37.08 18.57
N THR B 14 8.15 -36.91 19.71
CA THR B 14 8.79 -37.12 21.01
C THR B 14 7.81 -37.99 21.81
N ASN B 15 8.34 -39.09 22.32
CA ASN B 15 7.49 -39.99 23.10
C ASN B 15 6.83 -39.26 24.27
N SER B 16 5.58 -39.59 24.57
CA SER B 16 4.85 -38.96 25.66
C SER B 16 5.46 -39.25 27.01
N ILE B 17 6.27 -40.26 27.20
CA ILE B 17 6.88 -40.46 28.53
C ILE B 17 8.23 -39.78 28.67
N THR B 18 8.69 -39.01 27.67
CA THR B 18 9.94 -38.20 27.81
C THR B 18 9.66 -36.77 27.35
N PRO B 19 8.91 -35.99 28.12
CA PRO B 19 8.41 -34.71 27.64
C PRO B 19 9.54 -33.70 27.53
N PRO B 20 9.42 -32.69 26.70
CA PRO B 20 10.46 -31.67 26.59
C PRO B 20 10.57 -30.80 27.83
N SER B 21 11.71 -30.11 28.03
CA SER B 21 11.91 -29.25 29.18
C SER B 21 10.89 -28.13 29.23
N GLN B 22 10.17 -28.08 30.36
CA GLN B 22 9.10 -27.11 30.48
C GLN B 22 8.82 -26.69 31.90
N VAL B 23 9.89 -26.47 32.67
CA VAL B 23 9.71 -25.98 34.03
C VAL B 23 9.29 -24.53 34.12
N ARG B 24 9.76 -23.64 33.26
CA ARG B 24 9.37 -22.24 33.21
C ARG B 24 8.09 -22.01 32.42
N ASP B 25 6.99 -22.68 32.84
CA ASP B 25 5.75 -22.58 32.10
C ASP B 25 4.74 -21.63 32.71
N TYR B 26 5.09 -20.81 33.72
CA TYR B 26 4.13 -19.90 34.32
C TYR B 26 4.20 -18.57 33.59
N LYS B 27 3.58 -18.48 32.42
CA LYS B 27 3.59 -17.35 31.52
C LYS B 27 2.19 -17.21 30.90
N ALA B 28 1.78 -15.97 30.73
CA ALA B 28 0.48 -15.76 30.09
C ALA B 28 0.50 -16.14 28.60
N GLU B 29 -0.59 -16.69 28.11
CA GLU B 29 -0.75 -17.01 26.70
C GLU B 29 -0.96 -15.72 25.94
N VAL B 30 -0.28 -15.53 24.80
CA VAL B 30 -0.53 -14.33 24.02
C VAL B 30 -1.39 -14.61 22.80
N ALA B 31 -1.88 -13.58 22.11
CA ALA B 31 -2.71 -13.81 20.95
C ALA B 31 -2.81 -12.59 20.05
N LYS B 32 -2.97 -12.85 18.75
CA LYS B 32 -3.18 -11.80 17.79
C LYS B 32 -4.69 -11.86 17.53
N LEU B 33 -5.37 -10.75 17.37
CA LEU B 33 -6.79 -10.69 17.06
C LEU B 33 -6.93 -9.88 15.75
N ILE B 34 -7.43 -10.53 14.69
CA ILE B 34 -7.61 -9.83 13.41
C ILE B 34 -9.10 -9.53 13.28
N ASP B 35 -9.51 -8.30 13.37
CA ASP B 35 -10.91 -7.91 13.19
C ASP B 35 -11.14 -7.56 11.72
N VAL B 36 -11.64 -8.52 10.94
CA VAL B 36 -11.75 -8.32 9.49
C VAL B 36 -12.75 -7.21 9.19
N SER B 37 -13.65 -6.82 10.11
CA SER B 37 -14.57 -5.69 9.86
C SER B 37 -13.88 -4.33 9.86
N THR B 38 -12.62 -4.21 10.29
CA THR B 38 -11.88 -2.95 10.30
C THR B 38 -10.76 -3.00 9.28
N CYS B 39 -10.55 -4.12 8.59
CA CYS B 39 -9.48 -4.32 7.61
C CYS B 39 -9.77 -3.57 6.33
N ILE B 40 -8.77 -2.88 5.80
CA ILE B 40 -8.94 -2.13 4.58
C ILE B 40 -8.13 -2.75 3.45
N GLY B 41 -7.60 -3.95 3.63
CA GLY B 41 -6.92 -4.68 2.59
C GLY B 41 -5.73 -3.93 2.01
N CYS B 42 -5.00 -3.26 2.90
CA CYS B 42 -3.85 -2.48 2.44
C CYS B 42 -2.57 -3.23 2.20
N LYS B 43 -2.45 -4.42 2.73
CA LYS B 43 -1.30 -5.30 2.60
C LYS B 43 -0.07 -4.83 3.37
N ALA B 44 -0.20 -3.87 4.26
CA ALA B 44 0.90 -3.38 5.07
C ALA B 44 1.49 -4.57 5.83
N CYS B 45 0.65 -5.45 6.34
CA CYS B 45 1.10 -6.57 7.13
C CYS B 45 1.99 -7.47 6.32
N GLN B 46 1.74 -7.63 5.01
CA GLN B 46 2.58 -8.48 4.17
C GLN B 46 3.96 -7.83 4.08
N VAL B 47 3.96 -6.52 3.79
CA VAL B 47 5.19 -5.79 3.71
C VAL B 47 6.03 -5.73 4.97
N ALA B 48 5.36 -5.41 6.10
CA ALA B 48 6.05 -5.37 7.43
C ALA B 48 6.61 -6.73 7.82
N CYS B 49 5.89 -7.81 7.52
CA CYS B 49 6.32 -9.16 7.84
C CYS B 49 7.59 -9.51 7.06
N SER B 50 7.55 -9.32 5.75
CA SER B 50 8.77 -9.61 4.96
C SER B 50 9.96 -8.72 5.29
N GLU B 51 9.74 -7.45 5.59
CA GLU B 51 10.82 -6.51 5.97
C GLU B 51 11.45 -6.98 7.26
N TRP B 52 10.63 -7.23 8.28
CA TRP B 52 11.14 -7.67 9.55
C TRP B 52 11.87 -9.00 9.48
N ASN B 53 11.31 -9.98 8.78
CA ASN B 53 11.80 -11.35 8.70
C ASN B 53 12.91 -11.60 7.70
N ASP B 54 13.35 -10.58 6.93
CA ASP B 54 14.44 -10.67 5.98
C ASP B 54 14.16 -11.66 4.86
N ILE B 55 12.92 -11.70 4.41
CA ILE B 55 12.52 -12.56 3.28
C ILE B 55 11.90 -11.78 2.14
N ARG B 56 12.07 -12.19 0.88
CA ARG B 56 11.43 -11.56 -0.27
C ARG B 56 10.95 -12.63 -1.24
N ASP B 57 9.69 -12.66 -1.57
CA ASP B 57 9.10 -13.56 -2.57
C ASP B 57 9.46 -12.99 -3.95
N GLU B 58 9.03 -13.70 -4.98
CA GLU B 58 9.28 -13.28 -6.36
C GLU B 58 8.23 -12.24 -6.79
N VAL B 59 8.55 -11.47 -7.82
CA VAL B 59 7.65 -10.49 -8.38
C VAL B 59 6.72 -11.33 -9.26
N GLY B 60 5.49 -11.52 -8.89
CA GLY B 60 4.55 -12.36 -9.57
C GLY B 60 3.74 -11.72 -10.68
N HIS B 61 2.51 -12.18 -10.87
CA HIS B 61 1.69 -11.71 -11.96
C HIS B 61 0.31 -11.32 -11.50
N CYS B 62 -0.36 -10.52 -12.32
CA CYS B 62 -1.73 -10.17 -12.01
C CYS B 62 -2.64 -11.13 -12.79
N VAL B 63 -3.54 -11.88 -12.14
CA VAL B 63 -4.36 -12.82 -12.92
C VAL B 63 -5.84 -12.47 -12.76
N GLY B 64 -6.08 -11.17 -12.47
CA GLY B 64 -7.52 -10.82 -12.39
C GLY B 64 -8.02 -10.45 -11.01
N VAL B 65 -7.19 -10.51 -9.98
CA VAL B 65 -7.63 -10.17 -8.64
C VAL B 65 -6.54 -9.32 -7.94
N TYR B 66 -6.95 -8.61 -6.85
CA TYR B 66 -6.00 -7.86 -6.05
C TYR B 66 -5.03 -8.74 -5.27
N ASP B 67 -5.42 -9.94 -4.88
CA ASP B 67 -4.63 -10.87 -4.13
C ASP B 67 -3.25 -11.05 -4.73
N ASN B 68 -2.19 -10.92 -3.96
CA ASN B 68 -0.83 -11.08 -4.47
C ASN B 68 0.14 -10.88 -3.29
N PRO B 69 1.09 -11.80 -3.10
CA PRO B 69 1.18 -13.05 -3.83
C PRO B 69 -0.14 -13.83 -3.77
N ALA B 70 -0.34 -14.85 -4.61
CA ALA B 70 -1.59 -15.59 -4.63
C ALA B 70 -1.75 -16.58 -3.51
N ASP B 71 -0.62 -16.92 -2.88
CA ASP B 71 -0.67 -17.89 -1.80
C ASP B 71 0.48 -17.67 -0.83
N LEU B 72 0.32 -18.29 0.34
CA LEU B 72 1.43 -18.34 1.27
C LEU B 72 2.57 -19.10 0.58
N SER B 73 3.82 -18.84 0.92
CA SER B 73 4.96 -19.56 0.36
C SER B 73 6.08 -19.53 1.39
N ALA B 74 7.23 -20.14 1.08
CA ALA B 74 8.33 -20.07 2.04
C ALA B 74 8.80 -18.63 2.21
N LYS B 75 8.57 -17.73 1.26
CA LYS B 75 9.01 -16.36 1.25
C LYS B 75 7.88 -15.38 1.51
N SER B 76 6.67 -15.86 1.75
CA SER B 76 5.50 -15.03 2.04
C SER B 76 4.78 -15.66 3.23
N TRP B 77 5.04 -15.23 4.47
CA TRP B 77 4.43 -15.87 5.64
C TRP B 77 3.02 -15.42 6.00
N THR B 78 2.49 -14.41 5.34
CA THR B 78 1.13 -13.93 5.54
C THR B 78 0.67 -13.29 4.26
N VAL B 79 -0.58 -13.48 3.88
CA VAL B 79 -1.11 -12.96 2.63
C VAL B 79 -2.58 -12.55 2.82
N MET B 80 -2.95 -11.44 2.21
CA MET B 80 -4.30 -10.92 2.27
C MET B 80 -5.16 -11.67 1.23
N ARG B 81 -6.34 -12.18 1.61
CA ARG B 81 -7.20 -12.93 0.71
C ARG B 81 -8.50 -12.19 0.55
N PHE B 82 -8.89 -11.89 -0.69
CA PHE B 82 -10.03 -11.04 -0.98
C PHE B 82 -11.20 -11.81 -1.55
N SER B 83 -12.40 -11.50 -1.14
CA SER B 83 -13.62 -12.11 -1.59
C SER B 83 -14.73 -11.13 -1.87
N GLU B 84 -15.28 -11.13 -3.08
CA GLU B 84 -16.44 -10.33 -3.44
C GLU B 84 -17.70 -11.20 -3.47
N THR B 85 -18.75 -10.75 -2.79
CA THR B 85 -19.92 -11.61 -2.61
C THR B 85 -21.17 -10.76 -2.52
N GLU B 86 -22.28 -11.36 -2.95
CA GLU B 86 -23.61 -10.81 -2.78
C GLU B 86 -24.49 -11.81 -2.01
N GLN B 87 -23.89 -12.81 -1.37
CA GLN B 87 -24.61 -13.81 -0.61
C GLN B 87 -25.46 -13.24 0.51
N ASN B 88 -25.13 -12.09 1.10
CA ASN B 88 -25.88 -11.52 2.21
C ASN B 88 -26.79 -10.41 1.77
N GLY B 89 -27.10 -10.32 0.48
CA GLY B 89 -28.03 -9.33 0.00
C GLY B 89 -27.59 -8.02 -0.59
N LYS B 90 -26.29 -7.74 -0.55
CA LYS B 90 -25.79 -6.46 -1.12
C LYS B 90 -24.32 -6.75 -1.41
N LEU B 91 -23.65 -5.93 -2.22
CA LEU B 91 -22.25 -6.25 -2.51
C LEU B 91 -21.34 -6.01 -1.31
N GLU B 92 -20.54 -7.00 -0.97
CA GLU B 92 -19.65 -6.90 0.16
C GLU B 92 -18.26 -7.33 -0.31
N TRP B 93 -17.20 -6.68 0.20
CA TRP B 93 -15.82 -7.03 -0.16
C TRP B 93 -15.21 -7.54 1.16
N LEU B 94 -15.12 -8.86 1.31
CA LEU B 94 -14.63 -9.41 2.57
C LEU B 94 -13.14 -9.66 2.47
N ILE B 95 -12.33 -9.02 3.31
CA ILE B 95 -10.87 -9.18 3.17
C ILE B 95 -10.31 -9.80 4.45
N ARG B 96 -9.53 -10.88 4.32
CA ARG B 96 -9.00 -11.51 5.51
C ARG B 96 -7.49 -11.80 5.42
N LYS B 97 -6.79 -11.44 6.51
CA LYS B 97 -5.36 -11.75 6.60
C LYS B 97 -5.22 -13.26 6.88
N ASP B 98 -4.46 -14.00 6.09
CA ASP B 98 -4.17 -15.42 6.28
C ASP B 98 -2.73 -15.78 6.64
N GLY B 99 -2.62 -16.85 7.42
CA GLY B 99 -1.30 -17.23 7.90
C GLY B 99 -1.50 -18.14 9.12
N CYS B 100 -0.41 -18.67 9.68
CA CYS B 100 -0.50 -19.59 10.78
C CYS B 100 -1.45 -19.15 11.89
N MET B 101 -2.27 -20.06 12.43
CA MET B 101 -3.26 -19.78 13.47
C MET B 101 -2.66 -20.09 14.84
N HIS B 102 -1.46 -20.64 14.92
CA HIS B 102 -0.84 -20.94 16.22
C HIS B 102 -1.85 -21.67 17.07
N CYS B 103 -2.32 -22.83 16.61
CA CYS B 103 -3.30 -23.69 17.25
C CYS B 103 -2.80 -24.17 18.61
N GLU B 104 -3.73 -24.37 19.51
CA GLU B 104 -3.40 -24.89 20.84
C GLU B 104 -2.99 -26.34 20.72
N ASP B 105 -3.58 -27.08 19.80
CA ASP B 105 -3.32 -28.47 19.49
C ASP B 105 -2.98 -28.55 17.99
N PRO B 106 -1.73 -28.19 17.70
CA PRO B 106 -1.33 -28.12 16.31
C PRO B 106 -1.25 -29.45 15.58
N GLY B 107 -1.95 -29.51 14.43
CA GLY B 107 -1.84 -30.71 13.55
C GLY B 107 -0.48 -30.80 12.88
N CYS B 108 0.21 -29.73 12.55
CA CYS B 108 1.53 -29.82 11.95
C CYS B 108 2.42 -30.64 12.87
N LEU B 109 2.49 -30.25 14.16
CA LEU B 109 3.30 -30.85 15.19
C LEU B 109 2.92 -32.31 15.34
N LYS B 110 1.61 -32.57 15.36
CA LYS B 110 1.18 -33.98 15.51
C LYS B 110 1.60 -34.85 14.34
N ALA B 111 1.60 -34.35 13.09
CA ALA B 111 1.94 -35.20 11.94
C ALA B 111 3.43 -35.31 11.76
N CYS B 112 4.25 -34.38 12.24
CA CYS B 112 5.70 -34.35 11.98
C CYS B 112 6.43 -35.54 12.52
N PRO B 113 7.25 -36.21 11.73
CA PRO B 113 8.00 -37.36 12.14
C PRO B 113 9.42 -37.08 12.58
N SER B 114 9.89 -35.85 12.62
CA SER B 114 11.27 -35.53 13.02
C SER B 114 11.36 -34.84 14.35
N ALA B 115 12.06 -35.49 15.28
CA ALA B 115 12.11 -35.03 16.69
C ALA B 115 12.57 -33.57 16.81
N GLY B 116 11.76 -32.70 17.43
CA GLY B 116 12.18 -31.32 17.63
C GLY B 116 11.98 -30.48 16.41
N ALA B 117 11.47 -30.93 15.29
CA ALA B 117 11.33 -30.02 14.15
C ALA B 117 10.25 -28.98 14.40
N ILE B 118 9.22 -29.34 15.16
CA ILE B 118 8.15 -28.40 15.44
C ILE B 118 7.89 -28.31 16.93
N ILE B 119 7.89 -27.16 17.57
CA ILE B 119 7.70 -27.02 19.01
C ILE B 119 6.60 -25.99 19.34
N GLN B 120 6.07 -26.12 20.54
CA GLN B 120 5.04 -25.21 21.04
C GLN B 120 5.53 -24.60 22.35
N TYR B 121 5.64 -23.28 22.43
CA TYR B 121 6.08 -22.61 23.65
C TYR B 121 4.90 -22.42 24.61
N ALA B 122 5.23 -22.30 25.90
CA ALA B 122 4.22 -22.00 26.91
C ALA B 122 3.30 -20.81 26.61
N ASN B 123 3.76 -19.77 25.92
CA ASN B 123 2.89 -18.65 25.58
C ASN B 123 1.99 -18.90 24.37
N GLY B 124 2.06 -20.06 23.72
CA GLY B 124 1.16 -20.36 22.62
C GLY B 124 1.79 -20.33 21.26
N ILE B 125 3.01 -19.82 21.16
CA ILE B 125 3.62 -19.75 19.82
C ILE B 125 4.00 -21.14 19.37
N VAL B 126 3.66 -21.49 18.14
CA VAL B 126 4.10 -22.78 17.56
C VAL B 126 5.21 -22.40 16.54
N ASP B 127 6.42 -22.95 16.72
CA ASP B 127 7.50 -22.56 15.80
C ASP B 127 8.34 -23.75 15.26
N PHE B 128 8.92 -23.55 14.06
CA PHE B 128 9.67 -24.56 13.37
C PHE B 128 11.12 -24.39 13.79
N GLN B 129 11.73 -25.50 14.15
CA GLN B 129 13.17 -25.52 14.51
C GLN B 129 13.86 -26.14 13.32
N SER B 130 14.29 -25.35 12.35
CA SER B 130 14.77 -25.80 11.05
C SER B 130 15.94 -26.75 11.05
N GLU B 131 16.84 -26.72 12.02
CA GLU B 131 17.93 -27.68 12.05
C GLU B 131 17.37 -29.12 12.01
N ASN B 132 16.21 -29.40 12.59
CA ASN B 132 15.64 -30.73 12.60
C ASN B 132 14.69 -31.08 11.45
N CYS B 133 14.36 -30.11 10.58
CA CYS B 133 13.41 -30.43 9.52
C CYS B 133 14.03 -31.27 8.40
N ILE B 134 13.29 -32.33 7.98
CA ILE B 134 13.81 -33.22 6.94
C ILE B 134 13.07 -33.02 5.62
N GLY B 135 12.13 -32.11 5.48
CA GLY B 135 11.53 -31.79 4.20
C GLY B 135 10.48 -32.80 3.77
N CYS B 136 10.00 -33.64 4.69
CA CYS B 136 8.97 -34.60 4.26
C CYS B 136 7.61 -34.05 3.86
N GLY B 137 7.19 -32.94 4.45
CA GLY B 137 5.95 -32.25 4.13
C GLY B 137 4.77 -32.81 4.89
N TYR B 138 5.03 -33.67 5.88
CA TYR B 138 3.83 -34.24 6.56
C TYR B 138 3.00 -33.16 7.24
N CYS B 139 3.66 -32.12 7.74
CA CYS B 139 2.96 -31.02 8.39
C CYS B 139 2.01 -30.33 7.45
N ILE B 140 2.21 -30.33 6.13
CA ILE B 140 1.34 -29.61 5.23
C ILE B 140 -0.02 -30.30 5.26
N ALA B 141 -0.02 -31.62 5.36
CA ALA B 141 -1.26 -32.39 5.36
C ALA B 141 -1.90 -32.43 6.75
N GLY B 142 -1.05 -32.43 7.77
CA GLY B 142 -1.58 -32.42 9.13
C GLY B 142 -2.26 -31.11 9.50
N CYS B 143 -1.82 -29.97 8.94
CA CYS B 143 -2.43 -28.68 9.27
C CYS B 143 -3.85 -28.62 8.72
N PRO B 144 -4.84 -28.33 9.57
CA PRO B 144 -6.19 -28.03 9.11
C PRO B 144 -6.36 -26.78 8.26
N PHE B 145 -5.42 -25.81 8.28
CA PHE B 145 -5.52 -24.52 7.59
C PHE B 145 -4.68 -24.39 6.34
N ASN B 146 -3.97 -25.47 5.97
CA ASN B 146 -3.06 -25.42 4.82
C ASN B 146 -2.08 -24.24 4.90
N ILE B 147 -1.19 -24.32 5.94
CA ILE B 147 -0.24 -23.27 6.19
C ILE B 147 1.20 -23.51 5.83
N PRO B 148 1.81 -24.61 6.23
CA PRO B 148 3.23 -24.82 6.02
C PRO B 148 3.62 -24.78 4.58
N ARG B 149 4.77 -24.25 4.20
CA ARG B 149 5.25 -24.15 2.87
C ARG B 149 6.72 -24.55 2.82
N LEU B 150 7.08 -25.44 1.90
CA LEU B 150 8.46 -25.82 1.68
C LEU B 150 9.30 -24.86 0.82
N ASN B 151 10.55 -24.67 1.23
CA ASN B 151 11.45 -23.75 0.53
C ASN B 151 12.23 -24.68 -0.40
N LYS B 152 12.09 -24.54 -1.71
CA LYS B 152 12.88 -25.39 -2.61
C LYS B 152 14.38 -25.20 -2.40
N GLU B 153 14.88 -24.04 -1.92
CA GLU B 153 16.31 -23.87 -1.80
C GLU B 153 16.91 -24.55 -0.61
N ASP B 154 16.13 -25.09 0.34
CA ASP B 154 16.78 -25.75 1.49
C ASP B 154 15.97 -26.94 2.04
N ASN B 155 14.88 -27.27 1.37
CA ASN B 155 14.04 -28.42 1.67
C ASN B 155 13.45 -28.35 3.07
N ARG B 156 13.10 -27.16 3.54
CA ARG B 156 12.55 -27.01 4.89
C ARG B 156 11.30 -26.17 4.77
N VAL B 157 10.39 -26.36 5.71
CA VAL B 157 9.12 -25.63 5.77
C VAL B 157 9.26 -24.38 6.63
N TYR B 158 8.52 -23.35 6.24
CA TYR B 158 8.52 -22.09 6.95
C TYR B 158 7.08 -21.58 7.05
N LYS B 159 6.77 -20.74 8.02
CA LYS B 159 5.52 -20.05 8.17
C LYS B 159 5.65 -18.95 9.21
N CYS B 160 4.57 -18.24 9.44
CA CYS B 160 4.48 -17.17 10.44
C CYS B 160 4.93 -17.71 11.76
N THR B 161 5.87 -17.04 12.41
CA THR B 161 6.46 -17.48 13.69
C THR B 161 5.80 -16.77 14.86
N LEU B 162 4.83 -15.91 14.60
CA LEU B 162 4.18 -15.02 15.55
C LEU B 162 5.26 -14.04 16.02
N CYS B 163 6.22 -13.70 15.17
CA CYS B 163 7.33 -12.84 15.52
C CYS B 163 7.82 -13.27 16.89
N VAL B 164 8.18 -14.56 16.99
CA VAL B 164 8.73 -15.10 18.23
C VAL B 164 9.99 -14.35 18.69
N ASP B 165 10.82 -13.84 17.80
CA ASP B 165 12.01 -13.07 18.08
C ASP B 165 11.66 -11.69 18.61
N ARG B 166 10.48 -11.13 18.32
CA ARG B 166 10.10 -9.86 18.99
C ARG B 166 9.37 -10.17 20.31
N VAL B 167 8.36 -11.05 20.28
CA VAL B 167 7.58 -11.39 21.45
C VAL B 167 8.36 -11.94 22.60
N SER B 168 9.35 -12.77 22.41
CA SER B 168 10.27 -13.34 23.37
C SER B 168 11.03 -12.29 24.18
N VAL B 169 11.25 -11.08 23.64
CA VAL B 169 11.87 -10.00 24.37
C VAL B 169 10.92 -8.86 24.70
N GLY B 170 9.60 -8.98 24.65
CA GLY B 170 8.69 -7.97 25.09
C GLY B 170 8.15 -7.06 24.04
N GLN B 171 8.32 -7.27 22.74
CA GLN B 171 7.67 -6.46 21.72
C GLN B 171 6.59 -7.14 20.87
N GLU B 172 5.55 -6.47 20.42
CA GLU B 172 4.48 -7.09 19.64
C GLU B 172 5.03 -7.38 18.27
N PRO B 173 4.42 -8.28 17.54
CA PRO B 173 4.82 -8.60 16.17
C PRO B 173 4.75 -7.41 15.23
N ALA B 174 5.46 -7.50 14.12
CA ALA B 174 5.64 -6.44 13.16
C ALA B 174 4.31 -6.13 12.48
N CYS B 175 3.53 -7.14 12.08
CA CYS B 175 2.30 -6.81 11.35
C CYS B 175 1.31 -6.17 12.30
N VAL B 176 1.26 -6.61 13.57
CA VAL B 176 0.36 -6.00 14.55
C VAL B 176 0.65 -4.51 14.68
N LYS B 177 1.92 -4.14 14.90
CA LYS B 177 2.27 -2.72 15.07
C LYS B 177 1.96 -1.88 13.83
N THR B 178 2.23 -2.37 12.62
CA THR B 178 2.06 -1.64 11.40
C THR B 178 0.62 -1.43 11.00
N CYS B 179 -0.36 -2.26 11.35
CA CYS B 179 -1.71 -2.17 10.80
C CYS B 179 -2.31 -0.79 10.83
N PRO B 180 -2.55 -0.16 9.70
CA PRO B 180 -3.05 1.19 9.66
C PRO B 180 -4.29 1.46 10.46
N THR B 181 -5.30 0.60 10.38
CA THR B 181 -6.58 0.90 11.02
C THR B 181 -6.79 0.26 12.37
N GLY B 182 -5.81 -0.52 12.80
CA GLY B 182 -5.93 -1.17 14.08
C GLY B 182 -6.90 -2.34 13.93
N ALA B 183 -6.98 -2.94 12.77
CA ALA B 183 -7.74 -4.17 12.53
C ALA B 183 -6.99 -5.26 13.29
N ILE B 184 -5.64 -5.20 13.33
CA ILE B 184 -4.87 -6.24 14.03
C ILE B 184 -4.53 -5.75 15.43
N HIS B 185 -4.86 -6.54 16.45
CA HIS B 185 -4.57 -6.21 17.83
C HIS B 185 -3.75 -7.33 18.43
N PHE B 186 -3.02 -7.06 19.51
CA PHE B 186 -2.16 -8.11 20.11
C PHE B 186 -2.10 -7.90 21.61
N GLY B 187 -2.00 -8.93 22.40
CA GLY B 187 -1.89 -8.80 23.85
C GLY B 187 -2.00 -10.21 24.43
N THR B 188 -2.43 -10.27 25.70
CA THR B 188 -2.63 -11.62 26.25
C THR B 188 -3.91 -12.19 25.62
N LYS B 189 -3.97 -13.54 25.60
CA LYS B 189 -5.16 -14.15 24.98
C LYS B 189 -6.42 -13.75 25.72
N LYS B 190 -6.25 -13.68 27.04
CA LYS B 190 -7.43 -13.33 27.87
C LYS B 190 -8.03 -11.98 27.58
N GLU B 191 -7.17 -10.98 27.29
CA GLU B 191 -7.64 -9.64 26.96
C GLU B 191 -7.97 -9.48 25.50
N MET B 192 -7.43 -10.35 24.64
CA MET B 192 -7.86 -10.28 23.24
C MET B 192 -9.24 -10.89 23.13
N LEU B 193 -9.58 -11.90 23.96
CA LEU B 193 -10.94 -12.50 23.91
C LEU B 193 -11.96 -11.49 24.37
N GLU B 194 -11.58 -10.66 25.35
CA GLU B 194 -12.44 -9.57 25.81
C GLU B 194 -12.64 -8.49 24.76
N LEU B 195 -11.56 -8.08 24.06
CA LEU B 195 -11.71 -7.10 23.00
C LEU B 195 -12.59 -7.70 21.89
N ALA B 196 -12.41 -8.96 21.59
CA ALA B 196 -13.19 -9.67 20.56
C ALA B 196 -14.69 -9.61 20.84
N GLU B 197 -15.04 -9.89 22.11
CA GLU B 197 -16.45 -9.89 22.51
C GLU B 197 -17.00 -8.48 22.53
N GLN B 198 -16.22 -7.47 22.87
CA GLN B 198 -16.73 -6.11 22.74
C GLN B 198 -16.98 -5.74 21.30
N ARG B 199 -16.10 -6.15 20.39
CA ARG B 199 -16.26 -5.79 18.98
C ARG B 199 -17.47 -6.51 18.42
N VAL B 200 -17.66 -7.78 18.79
CA VAL B 200 -18.83 -8.53 18.32
C VAL B 200 -20.09 -7.77 18.70
N ALA B 201 -20.16 -7.33 19.98
CA ALA B 201 -21.31 -6.59 20.50
C ALA B 201 -21.55 -5.35 19.64
N LYS B 202 -20.54 -4.57 19.28
CA LYS B 202 -20.79 -3.42 18.42
C LYS B 202 -21.22 -3.83 17.02
N LEU B 203 -20.74 -4.95 16.48
CA LEU B 203 -21.15 -5.33 15.13
C LEU B 203 -22.62 -5.75 15.18
N LYS B 204 -22.97 -6.43 16.32
CA LYS B 204 -24.42 -6.84 16.37
C LYS B 204 -25.28 -5.59 16.40
N ALA B 205 -24.86 -4.60 17.17
CA ALA B 205 -25.59 -3.34 17.28
C ALA B 205 -25.71 -2.66 15.91
N ARG B 206 -24.85 -2.98 14.93
CA ARG B 206 -24.92 -2.36 13.63
C ARG B 206 -25.73 -3.25 12.68
N GLY B 207 -26.25 -4.38 13.15
CA GLY B 207 -27.06 -5.19 12.21
C GLY B 207 -26.47 -6.52 11.81
N TYR B 208 -25.27 -6.86 12.29
CA TYR B 208 -24.68 -8.14 11.92
C TYR B 208 -25.04 -9.12 13.03
N GLU B 209 -26.22 -9.72 12.88
CA GLU B 209 -26.66 -10.64 13.93
C GLU B 209 -25.79 -11.87 14.09
N HIS B 210 -25.00 -12.27 13.09
CA HIS B 210 -24.17 -13.47 13.21
C HIS B 210 -22.69 -13.12 13.34
N ALA B 211 -22.39 -11.87 13.72
CA ALA B 211 -20.97 -11.56 14.05
C ALA B 211 -20.50 -12.53 15.13
N GLY B 212 -19.21 -12.84 15.13
CA GLY B 212 -18.64 -13.69 16.15
C GLY B 212 -17.13 -13.76 16.14
N VAL B 213 -16.58 -14.42 17.14
CA VAL B 213 -15.15 -14.61 17.25
C VAL B 213 -14.83 -15.96 16.64
N TYR B 214 -13.82 -16.06 15.80
CA TYR B 214 -13.31 -17.33 15.27
C TYR B 214 -12.10 -17.75 16.10
N ASN B 215 -12.27 -18.73 16.95
CA ASN B 215 -11.27 -19.28 17.89
C ASN B 215 -11.64 -20.77 18.04
N PRO B 216 -11.45 -21.54 16.96
CA PRO B 216 -11.96 -22.88 16.85
C PRO B 216 -11.64 -23.88 17.93
N GLU B 217 -12.72 -24.45 18.50
CA GLU B 217 -12.58 -25.43 19.56
C GLU B 217 -12.04 -26.75 19.08
N GLY B 218 -12.18 -27.07 17.80
CA GLY B 218 -11.66 -28.29 17.20
C GLY B 218 -10.15 -28.47 17.30
N VAL B 219 -9.42 -27.35 17.34
CA VAL B 219 -7.95 -27.39 17.43
C VAL B 219 -7.52 -26.91 18.80
N GLY B 220 -8.45 -26.72 19.73
CA GLY B 220 -8.26 -26.29 21.10
C GLY B 220 -8.22 -24.80 21.27
N GLY B 221 -8.73 -24.08 20.28
CA GLY B 221 -8.61 -22.61 20.28
C GLY B 221 -7.28 -22.24 19.57
N THR B 222 -7.24 -21.01 19.06
CA THR B 222 -6.05 -20.56 18.32
C THR B 222 -5.41 -19.32 18.97
N HIS B 223 -4.12 -19.06 18.73
CA HIS B 223 -3.50 -17.85 19.28
C HIS B 223 -3.55 -16.74 18.24
N VAL B 224 -4.11 -17.02 17.05
CA VAL B 224 -4.39 -16.02 16.03
C VAL B 224 -5.90 -16.20 15.83
N MET B 225 -6.70 -15.20 16.23
CA MET B 225 -8.14 -15.25 16.21
C MET B 225 -8.78 -14.19 15.33
N TYR B 226 -10.01 -14.43 14.87
CA TYR B 226 -10.60 -13.39 14.05
C TYR B 226 -11.91 -12.87 14.65
N VAL B 227 -12.30 -11.67 14.25
CA VAL B 227 -13.61 -11.15 14.59
C VAL B 227 -14.21 -11.13 13.16
N LEU B 228 -15.32 -11.80 12.94
CA LEU B 228 -15.93 -11.91 11.61
C LEU B 228 -17.33 -11.36 11.62
N HIS B 229 -17.70 -10.62 10.59
CA HIS B 229 -19.06 -10.03 10.50
C HIS B 229 -20.06 -11.20 10.33
N HIS B 230 -19.72 -12.20 9.52
CA HIS B 230 -20.51 -13.39 9.29
C HIS B 230 -19.85 -14.64 9.84
N ALA B 231 -19.86 -14.85 11.15
CA ALA B 231 -19.23 -16.00 11.79
C ALA B 231 -19.95 -17.30 11.53
N ASP B 232 -21.18 -17.23 11.02
CA ASP B 232 -21.94 -18.42 10.64
C ASP B 232 -21.48 -18.93 9.29
N GLN B 233 -20.73 -18.16 8.52
CA GLN B 233 -20.30 -18.47 7.17
C GLN B 233 -18.83 -18.08 6.98
N PRO B 234 -17.95 -18.69 7.75
CA PRO B 234 -16.52 -18.47 7.55
C PRO B 234 -15.98 -18.77 6.15
N GLU B 235 -16.54 -19.69 5.38
CA GLU B 235 -16.08 -20.00 4.04
C GLU B 235 -16.24 -18.80 3.12
N LEU B 236 -17.15 -17.84 3.42
CA LEU B 236 -17.18 -16.62 2.60
C LEU B 236 -15.84 -15.86 2.59
N TYR B 237 -15.06 -15.95 3.68
CA TYR B 237 -13.78 -15.29 3.78
C TYR B 237 -12.70 -16.14 3.12
N HIS B 238 -12.83 -16.30 1.78
CA HIS B 238 -11.84 -16.99 0.98
C HIS B 238 -11.50 -18.32 1.64
N GLY B 239 -12.51 -19.12 1.92
CA GLY B 239 -12.40 -20.47 2.34
C GLY B 239 -11.94 -20.73 3.74
N LEU B 240 -12.16 -19.79 4.68
CA LEU B 240 -11.75 -20.14 6.07
C LEU B 240 -12.64 -21.28 6.58
N PRO B 241 -12.08 -22.36 7.11
CA PRO B 241 -12.80 -23.55 7.44
C PRO B 241 -13.82 -23.35 8.55
N LYS B 242 -14.98 -23.97 8.39
CA LYS B 242 -16.03 -23.97 9.39
C LYS B 242 -15.73 -25.14 10.30
N ASP B 243 -15.64 -24.91 11.59
CA ASP B 243 -15.31 -26.06 12.48
C ASP B 243 -14.12 -26.95 12.11
N PRO B 244 -12.93 -26.35 11.94
CA PRO B 244 -11.73 -27.08 11.64
C PRO B 244 -11.39 -28.06 12.75
N LYS B 245 -10.75 -29.17 12.37
CA LYS B 245 -10.18 -30.09 13.34
C LYS B 245 -9.06 -30.91 12.68
N ILE B 246 -8.30 -31.65 13.49
CA ILE B 246 -7.24 -32.49 12.91
C ILE B 246 -7.98 -33.65 12.21
N ASP B 247 -7.58 -33.90 10.97
CA ASP B 247 -8.27 -34.92 10.18
C ASP B 247 -8.26 -36.26 10.88
N THR B 248 -9.35 -37.01 10.75
CA THR B 248 -9.50 -38.32 11.36
C THR B 248 -8.45 -39.31 10.87
N SER B 249 -8.13 -39.29 9.58
CA SER B 249 -7.11 -40.20 9.05
C SER B 249 -5.77 -39.89 9.70
N VAL B 250 -5.44 -38.60 9.90
CA VAL B 250 -4.15 -38.20 10.46
C VAL B 250 -4.10 -38.60 11.92
N SER B 251 -5.24 -38.43 12.60
CA SER B 251 -5.29 -38.81 14.02
C SER B 251 -4.98 -40.29 14.23
N LEU B 252 -5.61 -41.12 13.41
CA LEU B 252 -5.42 -42.58 13.49
C LEU B 252 -4.03 -43.00 13.03
N TRP B 253 -3.53 -42.45 11.93
CA TRP B 253 -2.17 -42.73 11.47
C TRP B 253 -1.12 -42.42 12.53
N LYS B 254 -1.17 -41.23 13.16
CA LYS B 254 -0.19 -40.76 14.15
C LYS B 254 -0.53 -41.30 15.51
N GLY B 255 -1.74 -41.80 15.71
CA GLY B 255 -2.17 -42.28 17.02
C GLY B 255 -2.11 -43.78 17.20
N ALA B 256 -3.28 -44.46 17.25
CA ALA B 256 -3.38 -45.90 17.45
C ALA B 256 -2.58 -46.80 16.52
N LEU B 257 -2.41 -46.52 15.23
CA LEU B 257 -1.63 -47.35 14.34
C LEU B 257 -0.26 -47.64 14.91
N LYS B 258 0.43 -46.69 15.54
CA LYS B 258 1.78 -46.89 16.04
C LYS B 258 1.88 -47.98 17.07
N PRO B 259 1.18 -47.90 18.20
CA PRO B 259 1.28 -48.90 19.27
C PRO B 259 0.82 -50.27 18.77
N LEU B 260 -0.27 -50.27 17.97
CA LEU B 260 -0.78 -51.49 17.36
C LEU B 260 0.38 -52.14 16.57
N ALA B 261 1.04 -51.38 15.68
CA ALA B 261 2.15 -51.92 14.89
C ALA B 261 3.24 -52.43 15.82
N ALA B 262 3.51 -51.70 16.88
CA ALA B 262 4.53 -52.06 17.85
C ALA B 262 4.17 -53.42 18.46
N ALA B 263 2.89 -53.56 18.89
CA ALA B 263 2.50 -54.86 19.49
C ALA B 263 2.69 -56.01 18.49
N GLY B 264 2.21 -55.83 17.26
CA GLY B 264 2.39 -56.82 16.19
C GLY B 264 3.88 -57.20 16.13
N PHE B 265 4.73 -56.21 15.85
CA PHE B 265 6.15 -56.49 15.76
C PHE B 265 6.66 -57.24 16.99
N ILE B 266 6.38 -56.80 18.22
CA ILE B 266 6.93 -57.49 19.37
C ILE B 266 6.40 -58.92 19.38
N ALA B 267 5.09 -59.04 19.27
CA ALA B 267 4.39 -60.33 19.27
C ALA B 267 4.93 -61.27 18.19
N THR B 268 5.09 -60.77 16.98
CA THR B 268 5.62 -61.53 15.86
C THR B 268 7.00 -62.04 16.23
N PHE B 269 7.90 -61.17 16.65
CA PHE B 269 9.26 -61.57 17.01
C PHE B 269 9.23 -62.66 18.08
N ALA B 270 8.37 -62.50 19.09
CA ALA B 270 8.25 -63.51 20.17
C ALA B 270 7.83 -64.83 19.52
N GLY B 271 6.67 -64.79 18.89
CA GLY B 271 6.16 -65.99 18.19
C GLY B 271 7.25 -66.69 17.37
N LEU B 272 7.87 -66.04 16.40
CA LEU B 272 8.87 -66.67 15.56
C LEU B 272 10.01 -67.21 16.40
N ILE B 273 10.52 -66.48 17.37
CA ILE B 273 11.63 -66.96 18.18
C ILE B 273 11.18 -68.17 18.98
N PHE B 274 10.05 -68.05 19.70
CA PHE B 274 9.58 -69.19 20.50
C PHE B 274 9.22 -70.40 19.64
N HIS B 275 8.81 -70.18 18.40
CA HIS B 275 8.45 -71.20 17.43
C HIS B 275 9.67 -72.01 16.96
N TYR B 276 10.76 -71.32 16.64
CA TYR B 276 11.98 -71.96 16.18
C TYR B 276 12.54 -72.84 17.29
N ILE B 277 12.60 -72.29 18.49
CA ILE B 277 13.10 -72.97 19.68
C ILE B 277 12.16 -74.11 20.03
N GLY B 278 10.85 -73.91 20.03
CA GLY B 278 9.92 -74.97 20.38
C GLY B 278 9.95 -76.20 19.49
N ILE B 279 9.90 -76.00 18.17
CA ILE B 279 9.83 -77.06 17.19
C ILE B 279 11.18 -77.41 16.59
N GLY B 280 12.11 -76.45 16.50
CA GLY B 280 13.44 -76.83 15.93
C GLY B 280 13.35 -76.76 14.39
N PRO B 281 14.52 -76.78 13.78
CA PRO B 281 14.67 -76.57 12.35
C PRO B 281 13.88 -77.59 11.55
N ASN B 282 13.79 -77.28 10.25
CA ASN B 282 13.10 -78.17 9.33
C ASN B 282 14.16 -78.61 8.31
N LYS B 283 14.94 -79.64 8.71
CA LYS B 283 16.03 -80.07 7.85
C LYS B 283 15.54 -81.22 6.97
N GLU B 284 16.33 -81.58 5.97
CA GLU B 284 16.04 -82.71 5.10
C GLU B 284 15.70 -83.98 5.88
N VAL B 285 16.46 -84.41 6.90
CA VAL B 285 16.07 -85.60 7.65
C VAL B 285 16.15 -85.48 9.19
N ASP B 286 14.99 -85.35 9.84
CA ASP B 286 14.94 -85.25 11.33
C ASP B 286 14.82 -86.70 11.85
N ASP B 287 14.51 -87.56 10.87
CA ASP B 287 14.25 -88.96 11.13
C ASP B 287 15.49 -89.85 11.22
N ASP B 288 16.52 -89.63 10.33
CA ASP B 288 17.71 -90.51 10.55
C ASP B 288 18.61 -89.94 11.68
N GLU B 289 18.07 -88.95 12.43
CA GLU B 289 18.72 -88.48 13.64
C GLU B 289 18.41 -89.48 14.76
N GLU B 290 17.59 -90.52 14.54
CA GLU B 290 17.40 -91.52 15.61
C GLU B 290 17.30 -92.93 14.94
N SER C 2 18.03 -89.39 -10.97
CA SER C 2 18.14 -89.16 -9.47
C SER C 2 19.59 -89.42 -9.06
N LYS C 3 20.53 -89.10 -10.00
CA LYS C 3 21.94 -89.31 -9.69
C LYS C 3 22.77 -88.01 -9.82
N SER C 4 22.44 -87.07 -8.93
CA SER C 4 23.08 -85.77 -8.84
C SER C 4 22.72 -85.33 -7.40
N LYS C 5 23.74 -84.69 -6.79
CA LYS C 5 23.42 -84.20 -5.42
C LYS C 5 22.36 -83.10 -5.52
N MET C 6 22.40 -82.24 -6.57
CA MET C 6 21.43 -81.14 -6.60
C MET C 6 20.65 -81.04 -7.90
N ILE C 7 19.60 -80.22 -7.87
CA ILE C 7 18.78 -79.83 -9.01
C ILE C 7 18.66 -78.30 -8.97
N VAL C 8 18.65 -77.67 -10.15
CA VAL C 8 18.51 -76.23 -10.20
C VAL C 8 17.07 -75.79 -9.89
N ARG C 9 16.95 -74.89 -8.88
CA ARG C 9 15.60 -74.43 -8.53
C ARG C 9 15.44 -73.02 -9.07
N THR C 10 16.56 -72.24 -9.04
CA THR C 10 16.45 -70.84 -9.41
C THR C 10 17.57 -70.41 -10.36
N LYS C 11 17.14 -69.81 -11.48
CA LYS C 11 18.12 -69.24 -12.41
C LYS C 11 18.89 -68.06 -11.80
N PHE C 12 20.09 -67.83 -12.33
CA PHE C 12 20.93 -66.68 -11.91
C PHE C 12 20.22 -65.33 -11.99
N ILE C 13 19.50 -65.07 -13.09
CA ILE C 13 18.78 -63.83 -13.25
C ILE C 13 17.75 -63.55 -12.15
N ASP C 14 17.08 -64.62 -11.68
CA ASP C 14 16.08 -64.47 -10.62
C ASP C 14 16.70 -64.41 -9.23
N ARG C 15 17.95 -64.91 -9.18
CA ARG C 15 18.73 -64.85 -7.95
C ARG C 15 19.40 -63.46 -7.75
N ALA C 16 19.86 -62.92 -8.89
CA ALA C 16 20.48 -61.59 -8.86
C ALA C 16 19.40 -60.56 -8.46
N CYS C 17 18.26 -60.64 -9.12
CA CYS C 17 17.15 -59.73 -8.83
C CYS C 17 16.76 -59.80 -7.35
N HIS C 18 16.41 -60.97 -6.86
CA HIS C 18 16.04 -61.22 -5.48
C HIS C 18 17.01 -60.60 -4.48
N TRP C 19 18.33 -60.80 -4.61
CA TRP C 19 19.25 -60.18 -3.64
C TRP C 19 19.42 -58.69 -3.87
N THR C 20 19.03 -58.15 -5.01
CA THR C 20 19.04 -56.71 -5.25
C THR C 20 17.86 -56.14 -4.45
N VAL C 21 16.71 -56.79 -4.56
CA VAL C 21 15.50 -56.38 -3.86
C VAL C 21 15.74 -56.36 -2.36
N VAL C 22 16.40 -57.40 -1.86
CA VAL C 22 16.66 -57.53 -0.43
C VAL C 22 17.53 -56.40 0.14
N ILE C 23 18.55 -56.03 -0.61
CA ILE C 23 19.39 -54.92 -0.17
C ILE C 23 18.66 -53.58 -0.22
N CYS C 24 17.91 -53.37 -1.29
CA CYS C 24 17.12 -52.16 -1.41
C CYS C 24 16.06 -52.13 -0.31
N PHE C 25 15.41 -53.27 -0.05
CA PHE C 25 14.40 -53.36 0.98
C PHE C 25 14.95 -53.04 2.36
N PHE C 26 16.16 -53.49 2.70
CA PHE C 26 16.71 -53.17 4.03
C PHE C 26 16.77 -51.65 4.24
N LEU C 27 17.34 -50.92 3.27
CA LEU C 27 17.40 -49.46 3.36
C LEU C 27 16.02 -48.81 3.40
N VAL C 28 15.10 -49.21 2.52
CA VAL C 28 13.78 -48.62 2.48
C VAL C 28 12.94 -48.92 3.72
N ALA C 29 12.97 -50.13 4.22
CA ALA C 29 12.20 -50.50 5.41
C ALA C 29 12.73 -49.79 6.67
N LEU C 30 14.08 -49.78 6.78
CA LEU C 30 14.68 -49.11 7.94
C LEU C 30 14.45 -47.59 7.92
N SER C 31 14.54 -46.95 6.77
CA SER C 31 14.27 -45.51 6.70
C SER C 31 12.78 -45.27 7.00
N GLY C 32 11.93 -46.12 6.43
CA GLY C 32 10.49 -46.03 6.68
C GLY C 32 10.19 -46.16 8.17
N ILE C 33 10.84 -47.12 8.82
CA ILE C 33 10.60 -47.36 10.24
C ILE C 33 11.08 -46.15 11.05
N SER C 34 12.18 -45.52 10.67
CA SER C 34 12.63 -44.32 11.38
C SER C 34 11.61 -43.15 11.40
N PHE C 35 10.71 -43.04 10.41
CA PHE C 35 9.74 -41.98 10.34
C PHE C 35 8.53 -42.43 11.14
N PHE C 36 8.29 -43.73 11.08
CA PHE C 36 7.14 -44.32 11.80
C PHE C 36 7.29 -44.38 13.32
N PHE C 37 8.47 -44.71 13.81
CA PHE C 37 8.88 -44.74 15.20
C PHE C 37 10.09 -43.80 15.42
N PRO C 38 9.86 -42.50 15.58
CA PRO C 38 10.93 -41.52 15.74
C PRO C 38 11.77 -41.75 16.98
N THR C 39 11.27 -42.53 17.97
CA THR C 39 12.05 -42.82 19.16
C THR C 39 13.25 -43.67 18.77
N LEU C 40 13.20 -44.45 17.69
CA LEU C 40 14.37 -45.24 17.25
C LEU C 40 15.30 -44.36 16.44
N GLN C 41 16.05 -43.49 17.10
CA GLN C 41 16.81 -42.42 16.49
C GLN C 41 17.89 -42.93 15.56
N TRP C 42 18.47 -44.02 15.99
CA TRP C 42 19.57 -44.60 15.19
C TRP C 42 19.14 -44.85 13.75
N LEU C 43 17.92 -45.31 13.46
CA LEU C 43 17.46 -45.55 12.11
C LEU C 43 17.34 -44.30 11.29
N THR C 44 17.42 -43.08 11.84
CA THR C 44 17.41 -41.87 11.06
C THR C 44 18.74 -41.73 10.32
N GLN C 45 19.71 -42.61 10.54
CA GLN C 45 21.00 -42.63 9.89
C GLN C 45 21.13 -43.77 8.89
N THR C 46 20.03 -44.41 8.53
CA THR C 46 20.01 -45.47 7.52
C THR C 46 20.62 -45.06 6.19
N PHE C 47 20.31 -43.86 5.69
CA PHE C 47 20.93 -43.31 4.50
C PHE C 47 21.96 -42.22 4.84
N GLY C 48 22.68 -42.32 5.94
CA GLY C 48 23.63 -41.33 6.40
C GLY C 48 22.99 -40.31 7.36
N THR C 49 22.16 -39.40 6.94
CA THR C 49 21.51 -38.40 7.74
C THR C 49 20.01 -38.48 7.51
N PRO C 50 19.23 -38.01 8.48
CA PRO C 50 17.77 -37.95 8.32
C PRO C 50 17.34 -37.17 7.09
N GLN C 51 17.97 -36.05 6.75
CA GLN C 51 17.65 -35.24 5.60
C GLN C 51 17.85 -36.06 4.34
N MET C 52 18.89 -36.86 4.27
CA MET C 52 19.22 -37.68 3.12
C MET C 52 18.23 -38.83 2.98
N GLY C 53 17.91 -39.47 4.12
CA GLY C 53 16.94 -40.55 4.15
C GLY C 53 15.59 -40.15 3.62
N ARG C 54 15.10 -38.96 3.94
CA ARG C 54 13.81 -38.47 3.43
C ARG C 54 13.92 -38.44 1.89
N ILE C 55 15.06 -38.01 1.34
CA ILE C 55 15.18 -37.87 -0.10
C ILE C 55 15.25 -39.22 -0.77
N LEU C 56 16.13 -40.10 -0.26
CA LEU C 56 16.35 -41.38 -0.96
C LEU C 56 15.32 -42.47 -0.75
N HIS C 57 14.59 -42.52 0.35
CA HIS C 57 13.58 -43.56 0.56
C HIS C 57 12.75 -43.82 -0.68
N PRO C 58 12.02 -42.86 -1.21
CA PRO C 58 11.12 -43.07 -2.33
C PRO C 58 11.83 -43.55 -3.59
N PHE C 59 13.03 -43.06 -3.89
CA PHE C 59 13.76 -43.53 -5.08
C PHE C 59 14.09 -45.03 -4.93
N PHE C 60 14.65 -45.48 -3.80
CA PHE C 60 14.93 -46.90 -3.61
C PHE C 60 13.60 -47.66 -3.62
N GLY C 61 12.51 -47.06 -3.17
CA GLY C 61 11.18 -47.67 -3.16
C GLY C 61 10.82 -47.97 -4.61
N ILE C 62 10.93 -47.01 -5.53
CA ILE C 62 10.62 -47.22 -6.93
C ILE C 62 11.47 -48.34 -7.50
N ALA C 63 12.76 -48.42 -7.18
CA ALA C 63 13.63 -49.49 -7.67
C ALA C 63 13.11 -50.86 -7.22
N ILE C 64 12.69 -51.00 -5.95
CA ILE C 64 12.13 -52.25 -5.49
C ILE C 64 10.92 -52.64 -6.35
N PHE C 65 10.04 -51.70 -6.67
CA PHE C 65 8.81 -51.98 -7.40
C PHE C 65 9.19 -52.41 -8.81
N VAL C 66 10.19 -51.79 -9.41
CA VAL C 66 10.57 -52.19 -10.79
C VAL C 66 11.09 -53.63 -10.79
N ALA C 67 12.02 -53.94 -9.89
CA ALA C 67 12.53 -55.30 -9.73
C ALA C 67 11.43 -56.27 -9.30
N LEU C 68 10.44 -55.90 -8.47
CA LEU C 68 9.38 -56.85 -8.08
C LEU C 68 8.46 -57.12 -9.27
N MET C 69 8.38 -56.21 -10.24
CA MET C 69 7.56 -56.40 -11.43
C MET C 69 8.27 -57.38 -12.37
N PHE C 70 9.61 -57.41 -12.35
CA PHE C 70 10.35 -58.40 -13.13
C PHE C 70 10.10 -59.76 -12.47
N MET C 71 10.13 -59.80 -11.15
CA MET C 71 9.86 -61.03 -10.42
C MET C 71 8.43 -61.44 -10.72
N PHE C 72 7.49 -60.50 -10.67
CA PHE C 72 6.08 -60.84 -10.91
C PHE C 72 5.87 -61.62 -12.20
N VAL C 73 6.37 -61.07 -13.32
CA VAL C 73 6.21 -61.76 -14.60
C VAL C 73 6.98 -63.07 -14.73
N ARG C 74 7.96 -63.35 -13.87
CA ARG C 74 8.69 -64.60 -13.97
C ARG C 74 8.22 -65.71 -13.03
N PHE C 75 7.49 -65.34 -11.98
CA PHE C 75 7.08 -66.33 -10.99
C PHE C 75 5.55 -66.44 -10.90
N VAL C 76 4.75 -65.54 -11.51
CA VAL C 76 3.32 -65.51 -11.18
C VAL C 76 2.60 -66.80 -11.50
N HIS C 77 2.97 -67.35 -12.64
CA HIS C 77 2.39 -68.59 -13.16
C HIS C 77 2.58 -69.81 -12.27
N HIS C 78 3.60 -69.77 -11.42
CA HIS C 78 3.89 -70.81 -10.46
C HIS C 78 3.26 -70.53 -9.09
N ASN C 79 2.55 -69.39 -8.98
CA ASN C 79 2.02 -68.99 -7.68
C ASN C 79 0.49 -68.98 -7.68
N ILE C 80 -0.07 -69.44 -8.81
CA ILE C 80 -1.52 -69.52 -8.92
C ILE C 80 -2.23 -70.52 -7.99
N PRO C 81 -3.14 -69.99 -7.16
CA PRO C 81 -3.95 -70.83 -6.29
C PRO C 81 -4.82 -71.79 -7.13
N ASP C 82 -4.88 -73.03 -6.62
CA ASP C 82 -5.65 -74.11 -7.25
C ASP C 82 -6.27 -74.99 -6.16
N LYS C 83 -7.22 -75.85 -6.53
CA LYS C 83 -7.92 -76.72 -5.57
C LYS C 83 -7.00 -77.62 -4.73
N LYS C 84 -5.83 -77.96 -5.29
CA LYS C 84 -4.81 -78.72 -4.58
C LYS C 84 -4.14 -78.01 -3.39
N ASP C 85 -4.29 -76.69 -3.28
CA ASP C 85 -3.78 -75.87 -2.20
C ASP C 85 -4.64 -75.97 -0.92
N ILE C 86 -5.89 -76.44 -1.04
CA ILE C 86 -6.81 -76.47 0.10
C ILE C 86 -6.27 -77.26 1.27
N PRO C 87 -5.77 -78.46 0.96
CA PRO C 87 -5.17 -79.35 1.93
C PRO C 87 -4.14 -78.69 2.84
N TRP C 88 -3.29 -77.88 2.21
CA TRP C 88 -2.31 -77.05 2.93
C TRP C 88 -2.96 -76.14 3.97
N LEU C 89 -3.90 -75.32 3.47
CA LEU C 89 -4.67 -74.34 4.20
C LEU C 89 -5.43 -74.92 5.38
N LEU C 90 -5.72 -76.23 5.33
CA LEU C 90 -6.44 -76.88 6.43
C LEU C 90 -5.56 -77.52 7.47
N ASN C 91 -4.30 -77.81 7.12
CA ASN C 91 -3.43 -78.44 8.13
C ASN C 91 -2.20 -77.55 8.31
N ILE C 92 -2.56 -76.28 8.61
CA ILE C 92 -1.51 -75.27 8.82
C ILE C 92 -0.73 -75.59 10.10
N VAL C 93 -1.54 -75.97 11.12
CA VAL C 93 -0.92 -76.29 12.41
C VAL C 93 0.07 -77.44 12.29
N GLU C 94 -0.34 -78.41 11.46
CA GLU C 94 0.55 -79.55 11.19
C GLU C 94 1.78 -79.19 10.35
N VAL C 95 1.61 -78.28 9.38
CA VAL C 95 2.72 -77.83 8.54
C VAL C 95 3.77 -77.11 9.40
N LEU C 96 3.30 -76.30 10.37
CA LEU C 96 4.19 -75.50 11.21
C LEU C 96 5.02 -76.33 12.18
N LYS C 97 4.52 -77.57 12.42
CA LYS C 97 5.31 -78.52 13.21
C LYS C 97 6.33 -79.31 12.40
N GLY C 98 6.42 -79.01 11.11
CA GLY C 98 7.44 -79.60 10.25
C GLY C 98 6.92 -80.88 9.60
N ASN C 99 5.59 -81.03 9.58
CA ASN C 99 4.98 -82.25 8.99
C ASN C 99 4.16 -81.95 7.74
N GLU C 100 4.58 -81.04 6.86
CA GLU C 100 3.65 -80.66 5.77
C GLU C 100 3.50 -81.79 4.73
N HIS C 101 4.60 -82.49 4.44
CA HIS C 101 4.57 -83.59 3.48
C HIS C 101 3.44 -84.60 3.77
N LYS C 102 3.31 -85.03 5.03
CA LYS C 102 2.25 -85.86 5.52
C LYS C 102 0.83 -85.30 5.30
N VAL C 103 0.67 -83.97 5.33
CA VAL C 103 -0.64 -83.39 5.10
C VAL C 103 -0.93 -82.72 3.76
N ALA C 104 0.06 -82.43 2.88
CA ALA C 104 -0.40 -81.68 1.69
C ALA C 104 0.34 -82.09 0.43
N ASP C 105 -0.15 -81.61 -0.70
CA ASP C 105 0.33 -81.73 -2.07
C ASP C 105 1.15 -80.48 -2.47
N VAL C 106 2.49 -80.63 -2.44
CA VAL C 106 3.26 -79.36 -2.63
C VAL C 106 3.97 -79.35 -3.98
N GLY C 107 3.58 -78.42 -4.85
CA GLY C 107 4.26 -78.23 -6.14
C GLY C 107 5.49 -77.33 -5.98
N LYS C 108 5.80 -76.58 -7.03
CA LYS C 108 6.95 -75.66 -7.06
C LYS C 108 7.04 -74.78 -5.80
N TYR C 109 5.99 -74.04 -5.47
CA TYR C 109 5.94 -73.21 -4.29
C TYR C 109 4.66 -73.65 -3.56
N ASN C 110 4.69 -73.79 -2.24
CA ASN C 110 3.48 -74.18 -1.52
C ASN C 110 2.44 -73.05 -1.46
N ALA C 111 1.35 -73.39 -0.79
CA ALA C 111 0.24 -72.46 -0.55
C ALA C 111 0.56 -71.27 0.36
N GLY C 112 1.48 -71.46 1.31
CA GLY C 112 1.88 -70.33 2.15
C GLY C 112 2.65 -69.34 1.26
N GLN C 113 3.62 -69.87 0.53
CA GLN C 113 4.50 -69.11 -0.33
C GLN C 113 3.75 -68.31 -1.40
N LYS C 114 2.64 -68.88 -1.87
CA LYS C 114 1.80 -68.21 -2.84
C LYS C 114 1.00 -67.10 -2.14
N MET C 115 0.60 -67.33 -0.88
CA MET C 115 -0.16 -66.28 -0.17
C MET C 115 0.74 -65.05 0.05
N MET C 116 1.98 -65.36 0.43
CA MET C 116 3.02 -64.36 0.64
C MET C 116 3.31 -63.57 -0.64
N PHE C 117 3.45 -64.34 -1.72
CA PHE C 117 3.72 -63.77 -3.02
C PHE C 117 2.68 -62.72 -3.41
N TRP C 118 1.40 -63.06 -3.23
CA TRP C 118 0.35 -62.09 -3.59
C TRP C 118 0.34 -60.96 -2.56
N SER C 119 0.59 -61.31 -1.30
CA SER C 119 0.61 -60.27 -0.26
C SER C 119 1.68 -59.23 -0.63
N ILE C 120 2.89 -59.77 -0.85
CA ILE C 120 4.03 -58.94 -1.21
C ILE C 120 3.76 -58.14 -2.47
N MET C 121 3.14 -58.73 -3.48
CA MET C 121 2.91 -58.06 -4.76
C MET C 121 1.81 -57.01 -4.65
N SER C 122 0.84 -57.32 -3.80
CA SER C 122 -0.22 -56.33 -3.65
C SER C 122 0.24 -55.09 -2.88
N MET C 123 0.92 -55.34 -1.76
CA MET C 123 1.44 -54.28 -0.92
C MET C 123 2.38 -53.39 -1.71
N ILE C 124 3.28 -53.92 -2.53
CA ILE C 124 4.21 -53.05 -3.25
C ILE C 124 3.47 -52.15 -4.25
N PHE C 125 2.32 -52.59 -4.71
CA PHE C 125 1.52 -51.80 -5.64
C PHE C 125 0.89 -50.68 -4.81
N VAL C 126 0.37 -51.07 -3.64
CA VAL C 126 -0.27 -50.06 -2.76
C VAL C 126 0.77 -49.02 -2.38
N LEU C 127 1.95 -49.47 -1.99
CA LEU C 127 3.04 -48.62 -1.58
C LEU C 127 3.48 -47.72 -2.73
N LEU C 128 3.49 -48.22 -3.94
CA LEU C 128 3.87 -47.40 -5.08
C LEU C 128 2.87 -46.29 -5.29
N VAL C 129 1.58 -46.61 -5.36
CA VAL C 129 0.57 -45.58 -5.57
C VAL C 129 0.55 -44.53 -4.45
N THR C 130 0.41 -44.96 -3.18
CA THR C 130 0.35 -44.03 -2.08
C THR C 130 1.68 -43.30 -1.93
N GLY C 131 2.78 -43.96 -2.18
CA GLY C 131 4.11 -43.34 -2.13
C GLY C 131 4.18 -42.16 -3.11
N VAL C 132 3.72 -42.34 -4.33
CA VAL C 132 3.80 -41.26 -5.31
C VAL C 132 2.98 -40.08 -4.82
N ILE C 133 1.79 -40.42 -4.32
CA ILE C 133 0.89 -39.35 -3.89
C ILE C 133 1.47 -38.49 -2.78
N ILE C 134 2.26 -39.05 -1.86
CA ILE C 134 2.80 -38.32 -0.74
C ILE C 134 4.21 -37.84 -0.97
N TRP C 135 4.77 -38.03 -2.15
CA TRP C 135 6.11 -37.57 -2.50
C TRP C 135 6.29 -36.08 -2.79
N ARG C 136 6.97 -35.37 -1.87
CA ARG C 136 7.31 -33.95 -2.08
C ARG C 136 8.79 -33.94 -2.41
N PRO C 137 9.27 -33.11 -3.31
CA PRO C 137 8.44 -32.09 -3.91
C PRO C 137 7.75 -32.40 -5.21
N TYR C 138 8.06 -33.54 -5.83
CA TYR C 138 7.60 -33.84 -7.19
C TYR C 138 6.10 -33.99 -7.44
N PHE C 139 5.39 -34.84 -6.68
CA PHE C 139 4.03 -35.23 -7.02
C PHE C 139 2.93 -34.88 -6.05
N ALA C 140 3.12 -34.78 -4.75
CA ALA C 140 2.02 -34.50 -3.83
C ALA C 140 1.24 -33.24 -4.15
N GLN C 141 1.80 -32.22 -4.76
CA GLN C 141 1.13 -31.00 -5.15
C GLN C 141 -0.04 -31.18 -6.09
N TYR C 142 -0.08 -32.24 -6.91
CA TYR C 142 -1.19 -32.46 -7.83
C TYR C 142 -2.41 -33.12 -7.18
N PHE C 143 -2.24 -33.62 -5.96
CA PHE C 143 -3.33 -34.28 -5.29
C PHE C 143 -4.00 -33.40 -4.24
N PRO C 144 -5.32 -33.58 -4.21
CA PRO C 144 -6.22 -32.94 -3.26
C PRO C 144 -5.74 -33.29 -1.86
N MET C 145 -5.71 -32.35 -0.91
CA MET C 145 -5.17 -32.60 0.42
C MET C 145 -5.68 -33.88 1.12
N GLN C 146 -6.98 -34.12 0.91
CA GLN C 146 -7.66 -35.28 1.49
C GLN C 146 -7.21 -36.66 1.03
N VAL C 147 -6.85 -36.73 -0.24
CA VAL C 147 -6.26 -37.90 -0.85
C VAL C 147 -4.85 -38.04 -0.31
N VAL C 148 -4.10 -36.95 -0.10
CA VAL C 148 -2.75 -37.03 0.43
C VAL C 148 -2.80 -37.57 1.86
N ARG C 149 -3.73 -37.06 2.65
CA ARG C 149 -3.91 -37.56 4.01
C ARG C 149 -4.26 -39.05 4.10
N TYR C 150 -5.19 -39.54 3.26
CA TYR C 150 -5.54 -40.96 3.21
C TYR C 150 -4.31 -41.75 2.76
N SER C 151 -3.62 -41.28 1.72
CA SER C 151 -2.37 -41.91 1.30
C SER C 151 -1.31 -41.99 2.40
N LEU C 152 -1.23 -40.98 3.27
CA LEU C 152 -0.24 -41.05 4.33
C LEU C 152 -0.64 -42.20 5.25
N LEU C 153 -1.92 -42.27 5.61
CA LEU C 153 -2.38 -43.35 6.49
C LEU C 153 -2.15 -44.75 5.88
N ILE C 154 -2.63 -44.96 4.64
CA ILE C 154 -2.47 -46.23 3.95
C ILE C 154 -1.04 -46.64 3.66
N HIS C 155 -0.18 -45.74 3.20
CA HIS C 155 1.23 -46.06 2.98
C HIS C 155 1.85 -46.54 4.28
N ALA C 156 1.55 -45.95 5.42
CA ALA C 156 2.19 -46.31 6.68
C ALA C 156 1.79 -47.73 7.00
N ALA C 157 0.47 -47.95 6.93
CA ALA C 157 -0.12 -49.27 7.21
C ALA C 157 0.39 -50.33 6.23
N ALA C 158 0.37 -50.10 4.92
CA ALA C 158 0.92 -51.06 3.96
C ALA C 158 2.39 -51.34 4.20
N GLY C 159 3.23 -50.34 4.45
CA GLY C 159 4.64 -50.57 4.72
C GLY C 159 4.81 -51.44 5.96
N ILE C 160 4.01 -51.30 6.99
CA ILE C 160 4.16 -52.07 8.21
C ILE C 160 3.75 -53.50 7.89
N ILE C 161 2.65 -53.63 7.12
CA ILE C 161 2.20 -54.99 6.77
C ILE C 161 3.28 -55.70 5.96
N LEU C 162 3.85 -55.09 4.93
CA LEU C 162 4.91 -55.69 4.15
C LEU C 162 6.12 -56.02 5.01
N ILE C 163 6.56 -55.22 5.98
CA ILE C 163 7.71 -55.52 6.84
C ILE C 163 7.40 -56.78 7.63
N HIS C 164 6.20 -56.88 8.20
CA HIS C 164 5.83 -58.07 8.98
C HIS C 164 6.00 -59.33 8.09
N ALA C 165 5.31 -59.24 6.95
CA ALA C 165 5.33 -60.27 5.92
C ALA C 165 6.78 -60.69 5.64
N ILE C 166 7.70 -59.80 5.31
CA ILE C 166 9.09 -60.13 5.05
C ILE C 166 9.79 -60.70 6.26
N LEU C 167 9.45 -60.29 7.48
CA LEU C 167 10.00 -60.91 8.67
C LEU C 167 9.64 -62.41 8.64
N ILE C 168 8.37 -62.75 8.42
CA ILE C 168 7.92 -64.14 8.30
C ILE C 168 8.52 -64.88 7.11
N HIS C 169 8.62 -64.25 5.95
CA HIS C 169 9.27 -64.80 4.78
C HIS C 169 10.73 -65.13 5.07
N MET C 170 11.51 -64.33 5.77
CA MET C 170 12.92 -64.59 6.04
C MET C 170 13.00 -65.73 7.06
N TYR C 171 12.12 -65.68 8.07
CA TYR C 171 12.07 -66.73 9.08
C TYR C 171 11.88 -68.09 8.42
N MET C 172 10.80 -68.22 7.62
CA MET C 172 10.55 -69.47 6.90
C MET C 172 11.76 -69.91 6.09
N ALA C 173 12.36 -69.03 5.30
CA ALA C 173 13.58 -69.32 4.55
C ALA C 173 14.70 -69.77 5.46
N PHE C 174 14.88 -69.29 6.68
CA PHE C 174 15.91 -69.75 7.59
C PHE C 174 15.53 -71.10 8.22
N TRP C 175 14.23 -71.27 8.43
CA TRP C 175 13.66 -72.47 9.04
C TRP C 175 13.61 -73.73 8.17
N VAL C 176 13.13 -73.61 6.93
CA VAL C 176 13.13 -74.77 6.01
C VAL C 176 14.53 -74.82 5.40
N LYS C 177 15.42 -75.45 6.19
CA LYS C 177 16.83 -75.56 5.92
C LYS C 177 17.21 -76.05 4.53
N GLY C 178 18.25 -75.42 4.00
CA GLY C 178 18.75 -75.65 2.67
C GLY C 178 18.18 -74.64 1.69
N SER C 179 17.11 -73.94 2.06
CA SER C 179 16.51 -72.92 1.19
C SER C 179 17.38 -71.71 0.84
N ILE C 180 18.13 -71.09 1.75
CA ILE C 180 18.93 -69.90 1.43
C ILE C 180 19.99 -70.21 0.38
N LYS C 181 20.64 -71.39 0.51
CA LYS C 181 21.63 -71.84 -0.47
C LYS C 181 21.07 -71.92 -1.89
N GLY C 182 19.84 -72.45 -2.04
CA GLY C 182 19.17 -72.48 -3.34
C GLY C 182 18.99 -71.09 -3.93
N MET C 183 18.73 -70.07 -3.09
CA MET C 183 18.52 -68.71 -3.58
C MET C 183 19.85 -68.03 -3.86
N ILE C 184 20.93 -68.46 -3.20
CA ILE C 184 22.24 -67.84 -3.44
C ILE C 184 22.95 -68.54 -4.60
N GLU C 185 22.98 -69.88 -4.51
CA GLU C 185 23.68 -70.69 -5.50
C GLU C 185 22.78 -71.19 -6.61
N GLY C 186 21.49 -71.40 -6.32
CA GLY C 186 20.59 -71.82 -7.42
C GLY C 186 20.19 -73.29 -7.36
N LYS C 187 20.91 -74.10 -6.57
CA LYS C 187 20.62 -75.52 -6.50
C LYS C 187 20.09 -76.11 -5.22
N VAL C 188 19.14 -77.03 -5.39
CA VAL C 188 18.52 -77.75 -4.27
C VAL C 188 18.78 -79.26 -4.40
N SER C 189 19.12 -79.90 -3.29
CA SER C 189 19.30 -81.35 -3.28
C SER C 189 17.95 -82.05 -3.51
N ARG C 190 18.00 -83.14 -4.30
CA ARG C 190 16.78 -83.91 -4.63
C ARG C 190 15.89 -84.28 -3.44
N ARG C 191 16.51 -84.65 -2.31
CA ARG C 191 15.76 -84.98 -1.09
C ARG C 191 14.98 -83.79 -0.51
N TRP C 192 15.56 -82.57 -0.64
CA TRP C 192 14.89 -81.33 -0.19
C TRP C 192 13.62 -81.18 -1.04
N ALA C 193 13.88 -81.44 -2.35
CA ALA C 193 12.80 -81.38 -3.31
C ALA C 193 11.73 -82.39 -2.90
N LYS C 194 12.13 -83.64 -2.62
CA LYS C 194 11.15 -84.66 -2.26
C LYS C 194 10.34 -84.36 -0.98
N LYS C 195 11.09 -83.81 0.01
CA LYS C 195 10.38 -83.54 1.26
C LYS C 195 9.50 -82.29 1.23
N HIS C 196 10.07 -81.18 0.75
CA HIS C 196 9.33 -79.91 0.79
C HIS C 196 8.49 -79.68 -0.44
N HIS C 197 8.92 -80.22 -1.61
CA HIS C 197 8.14 -79.94 -2.83
C HIS C 197 7.89 -81.14 -3.76
N PRO C 198 7.36 -82.26 -3.22
CA PRO C 198 7.12 -83.49 -3.97
C PRO C 198 6.68 -83.39 -5.43
N ARG C 199 5.44 -82.95 -5.65
CA ARG C 199 4.94 -82.81 -7.02
C ARG C 199 5.90 -82.07 -7.94
N TRP C 200 6.58 -81.02 -7.45
CA TRP C 200 7.51 -80.24 -8.23
C TRP C 200 8.64 -81.12 -8.75
N TYR C 201 9.29 -81.79 -7.80
CA TYR C 201 10.49 -82.57 -8.22
C TYR C 201 10.05 -83.75 -9.11
N ARG C 202 8.87 -84.31 -8.74
CA ARG C 202 8.34 -85.37 -9.62
C ARG C 202 8.30 -84.84 -11.05
N GLU C 203 7.69 -83.70 -11.31
CA GLU C 203 7.71 -83.10 -12.64
C GLU C 203 9.10 -82.89 -13.27
N ILE C 204 10.09 -82.40 -12.50
CA ILE C 204 11.42 -82.15 -13.09
C ILE C 204 11.96 -83.53 -13.50
N GLU C 205 11.91 -84.43 -12.50
CA GLU C 205 12.40 -85.82 -12.74
C GLU C 205 11.79 -86.43 -14.01
N LYS C 206 10.45 -86.38 -14.17
CA LYS C 206 9.82 -86.85 -15.40
C LYS C 206 10.27 -86.00 -16.58
N ALA C 207 10.13 -84.67 -16.55
CA ALA C 207 10.56 -83.83 -17.69
C ALA C 207 11.98 -84.26 -18.12
N GLU C 208 12.87 -84.33 -17.14
CA GLU C 208 14.24 -84.79 -17.29
C GLU C 208 14.31 -86.14 -18.01
N ALA C 209 14.28 -87.21 -17.20
CA ALA C 209 14.31 -88.58 -17.72
C ALA C 209 13.57 -88.72 -19.06
N LYS C 210 12.28 -88.39 -19.09
CA LYS C 210 11.47 -88.52 -20.27
C LYS C 210 12.09 -87.91 -21.51
N LYS C 211 12.47 -86.63 -21.51
CA LYS C 211 13.06 -86.02 -22.71
C LYS C 211 14.42 -86.61 -23.05
N GLU C 212 15.13 -87.17 -22.06
CA GLU C 212 16.41 -87.85 -22.36
C GLU C 212 16.13 -89.26 -22.90
N SER C 213 14.93 -89.79 -22.56
CA SER C 213 14.46 -91.09 -23.05
C SER C 213 13.89 -90.91 -24.46
N GLU C 214 13.45 -89.65 -24.66
CA GLU C 214 12.86 -89.23 -25.92
C GLU C 214 13.97 -89.11 -27.00
N GLU C 215 15.15 -88.68 -26.52
CA GLU C 215 16.31 -88.58 -27.44
C GLU C 215 16.59 -89.91 -28.15
N GLY C 216 16.56 -91.02 -27.38
CA GLY C 216 16.73 -92.34 -28.00
C GLY C 216 18.09 -92.93 -27.61
N ILE C 217 18.51 -92.59 -26.37
CA ILE C 217 19.78 -93.10 -25.88
C ILE C 217 20.36 -94.28 -26.70
#